data_5DCD
#
_entry.id   5DCD
#
_cell.length_a   72.938
_cell.length_b   141.292
_cell.length_c   74.675
_cell.angle_alpha   90.00
_cell.angle_beta   96.28
_cell.angle_gamma   90.00
#
_symmetry.space_group_name_H-M   'P 1 21 1'
#
loop_
_entity.id
_entity.type
_entity.pdbx_description
1 polymer 'Phospho-2-dehydro-3-deoxyheptonate aldolase'
2 non-polymer 'MANGANESE (II) ION'
3 non-polymer 'SULFATE ION'
4 non-polymer 'trimethylamine oxide'
5 non-polymer TYROSINE
6 water water
#
_entity_poly.entity_id   1
_entity_poly.type   'polypeptide(L)'
_entity_poly.pdbx_seq_one_letter_code
;MTHHYPTDDIKIKEVKELLPPIAHLYELPISKEASGLVHRTRQEISDLVHGRDKRLLVIIGPCSIHDPKAALEYAERLLK
LRKQYENELLIVMRVYFEKPRTTVGWKGLINDPHLDGTFDINFGLRQARSLLLSLNNMGMPASTEFLDMITPQYYADLIS
WGAIGARTTESQVHRELASGLSCPVGFKNGTDGNLKIAIDAIGAASHSHHFLSVTKAGHSAIVHTGGNPDCHVILRGGKE
PNYDAEHVSEAAEQLRAAGVTDKLMIDCSHANSRKDYTRQMEVAQDIAAQLEQDGGNIMGVMVESHLVEGRQDKPEVYGK
SITDACIGWGATEELLALLAGANKKRMARAS
;
_entity_poly.pdbx_strand_id   A,B,C,D
#
loop_
_chem_comp.id
_chem_comp.type
_chem_comp.name
_chem_comp.formula
MN non-polymer 'MANGANESE (II) ION' 'Mn 2'
SO4 non-polymer 'SULFATE ION' 'O4 S -2'
TMO non-polymer 'trimethylamine oxide' 'C3 H9 N O'
#
# COMPACT_ATOMS: atom_id res chain seq x y z
N HIS A 4 -15.73 -13.33 -24.16
CA HIS A 4 -14.85 -12.38 -23.40
C HIS A 4 -13.53 -13.05 -23.01
N TYR A 5 -12.53 -13.01 -23.88
CA TYR A 5 -11.31 -13.81 -23.74
C TYR A 5 -10.36 -13.27 -22.67
N PRO A 6 -9.68 -14.18 -21.95
CA PRO A 6 -8.69 -13.73 -20.97
C PRO A 6 -7.44 -13.21 -21.66
N THR A 7 -6.97 -12.02 -21.27
CA THR A 7 -5.74 -11.46 -21.83
C THR A 7 -4.66 -11.12 -20.80
N ASP A 8 -4.95 -11.34 -19.52
CA ASP A 8 -4.10 -10.86 -18.42
C ASP A 8 -3.46 -12.03 -17.67
N ASP A 9 -2.15 -11.93 -17.42
CA ASP A 9 -1.45 -12.92 -16.58
C ASP A 9 -1.61 -14.36 -17.10
N ILE A 10 -1.61 -14.52 -18.43
CA ILE A 10 -1.80 -15.86 -19.03
C ILE A 10 -0.69 -16.81 -18.59
N LYS A 11 0.52 -16.31 -18.46
CA LYS A 11 1.66 -17.17 -18.21
C LYS A 11 2.23 -16.91 -16.84
N ILE A 12 1.38 -16.56 -15.89
CA ILE A 12 1.78 -16.33 -14.51
C ILE A 12 1.18 -17.44 -13.64
N LYS A 13 2.03 -18.09 -12.84
CA LYS A 13 1.57 -19.17 -11.95
C LYS A 13 0.98 -18.60 -10.67
N GLU A 14 1.69 -17.62 -10.07
CA GLU A 14 1.28 -16.98 -8.83
C GLU A 14 1.88 -15.59 -8.66
N VAL A 15 1.11 -14.67 -8.09
CA VAL A 15 1.61 -13.40 -7.56
C VAL A 15 1.44 -13.44 -6.05
N LYS A 16 2.55 -13.38 -5.30
CA LYS A 16 2.56 -13.46 -3.83
C LYS A 16 3.02 -12.14 -3.28
N GLU A 17 2.42 -11.66 -2.19
CA GLU A 17 2.80 -10.34 -1.68
C GLU A 17 3.98 -10.47 -0.76
N LEU A 18 4.87 -9.50 -0.87
CA LEU A 18 6.05 -9.43 -0.08
C LEU A 18 5.78 -8.63 1.14
N LEU A 19 6.50 -8.92 2.21
CA LEU A 19 6.64 -7.95 3.26
C LEU A 19 7.28 -6.69 2.68
N PRO A 20 6.74 -5.51 3.06
CA PRO A 20 7.31 -4.26 2.59
C PRO A 20 8.65 -4.01 3.24
N PRO A 21 9.47 -3.10 2.69
CA PRO A 21 10.75 -2.84 3.30
C PRO A 21 10.67 -2.36 4.74
N ILE A 22 9.68 -1.56 5.07
CA ILE A 22 9.50 -1.09 6.44
C ILE A 22 9.46 -2.23 7.45
N ALA A 23 8.98 -3.42 7.03
CA ALA A 23 8.91 -4.55 7.92
C ALA A 23 10.29 -5.01 8.32
N HIS A 24 11.20 -5.09 7.34
CA HIS A 24 12.59 -5.46 7.59
C HIS A 24 13.32 -4.35 8.30
N LEU A 25 13.04 -3.11 7.92
CA LEU A 25 13.67 -1.97 8.58
C LEU A 25 13.32 -1.86 10.05
N TYR A 26 12.08 -2.21 10.38
CA TYR A 26 11.65 -2.21 11.77
C TYR A 26 12.35 -3.33 12.58
N GLU A 27 12.44 -4.54 12.04
CA GLU A 27 13.18 -5.58 12.77
C GLU A 27 14.70 -5.27 12.86
N LEU A 28 15.28 -4.72 11.80
CA LEU A 28 16.74 -4.55 11.72
C LEU A 28 17.09 -3.14 11.33
N PRO A 29 16.86 -2.21 12.25
CA PRO A 29 17.10 -0.82 11.92
C PRO A 29 18.58 -0.59 11.93
N ILE A 30 19.02 0.38 11.13
CA ILE A 30 20.43 0.68 11.08
C ILE A 30 20.91 1.33 12.38
N SER A 31 22.00 0.81 12.93
CA SER A 31 22.57 1.37 14.15
C SER A 31 23.32 2.66 13.85
N LYS A 32 23.69 3.38 14.91
CA LYS A 32 24.48 4.62 14.82
C LYS A 32 25.80 4.36 14.17
N GLU A 33 26.48 3.32 14.67
CA GLU A 33 27.79 2.91 14.21
C GLU A 33 27.76 2.43 12.76
N ALA A 34 26.75 1.64 12.40
CA ALA A 34 26.66 1.20 11.00
C ALA A 34 26.40 2.41 10.10
N SER A 35 25.61 3.36 10.59
CA SER A 35 25.35 4.62 9.88
C SER A 35 26.60 5.45 9.64
N GLY A 36 27.42 5.58 10.66
CA GLY A 36 28.70 6.26 10.52
C GLY A 36 29.57 5.57 9.49
N LEU A 37 29.76 4.28 9.65
CA LEU A 37 30.59 3.55 8.71
C LEU A 37 30.14 3.74 7.26
N VAL A 38 28.85 3.57 7.00
CA VAL A 38 28.35 3.69 5.64
C VAL A 38 28.58 5.10 5.17
N HIS A 39 28.29 6.09 6.04
CA HIS A 39 28.38 7.50 5.64
C HIS A 39 29.81 7.83 5.21
N ARG A 40 30.78 7.48 6.04
CA ARG A 40 32.14 7.91 5.77
C ARG A 40 32.80 7.09 4.65
N THR A 41 32.46 5.81 4.53
CA THR A 41 33.01 4.96 3.47
C THR A 41 32.55 5.44 2.10
N ARG A 42 31.26 5.76 1.95
CA ARG A 42 30.76 6.40 0.72
C ARG A 42 31.54 7.68 0.39
N GLN A 43 31.75 8.51 1.39
CA GLN A 43 32.56 9.73 1.21
C GLN A 43 33.98 9.38 0.82
N GLU A 44 34.61 8.48 1.57
CA GLU A 44 36.00 8.04 1.27
C GLU A 44 36.16 7.55 -0.19
N ILE A 45 35.20 6.75 -0.64
CA ILE A 45 35.22 6.20 -1.99
C ILE A 45 35.03 7.27 -3.05
N SER A 46 34.04 8.14 -2.84
CA SER A 46 33.82 9.30 -3.68
C SER A 46 35.13 10.10 -3.85
N ASP A 47 35.90 10.23 -2.78
CA ASP A 47 37.21 10.88 -2.88
C ASP A 47 38.14 10.12 -3.82
N LEU A 48 38.04 8.79 -3.85
CA LEU A 48 38.87 8.00 -4.78
C LEU A 48 38.44 8.17 -6.23
N VAL A 49 37.12 8.19 -6.45
CA VAL A 49 36.56 8.35 -7.78
C VAL A 49 36.94 9.66 -8.44
N HIS A 50 37.00 10.75 -7.65
CA HIS A 50 37.35 12.08 -8.17
C HIS A 50 38.79 12.49 -7.94
N GLY A 51 39.61 11.55 -7.45
CA GLY A 51 41.08 11.71 -7.44
C GLY A 51 41.66 12.50 -6.27
N ARG A 52 40.86 12.73 -5.24
CA ARG A 52 41.30 13.51 -4.06
C ARG A 52 42.23 12.72 -3.13
N ASP A 53 42.16 11.40 -3.22
CA ASP A 53 42.94 10.49 -2.38
C ASP A 53 43.43 9.36 -3.28
N LYS A 54 44.63 8.87 -3.01
CA LYS A 54 45.27 7.90 -3.90
C LYS A 54 45.27 6.48 -3.36
N ARG A 55 44.61 6.24 -2.25
CA ARG A 55 44.41 4.87 -1.76
C ARG A 55 43.70 4.10 -2.82
N LEU A 56 43.82 2.79 -2.77
CA LEU A 56 43.19 1.92 -3.73
C LEU A 56 41.95 1.27 -3.10
N LEU A 57 40.78 1.48 -3.70
CA LEU A 57 39.58 0.77 -3.29
C LEU A 57 39.75 -0.67 -3.70
N VAL A 58 39.49 -1.57 -2.78
CA VAL A 58 39.61 -2.99 -3.01
C VAL A 58 38.25 -3.59 -2.64
N ILE A 59 37.47 -3.96 -3.66
CA ILE A 59 36.24 -4.70 -3.51
C ILE A 59 36.56 -6.20 -3.56
N ILE A 60 36.43 -6.87 -2.43
CA ILE A 60 36.95 -8.21 -2.33
C ILE A 60 36.08 -9.09 -1.45
N GLY A 61 35.82 -10.27 -1.94
CA GLY A 61 35.02 -11.24 -1.23
C GLY A 61 34.49 -12.31 -2.18
N PRO A 62 33.65 -13.21 -1.68
CA PRO A 62 33.01 -14.27 -2.47
C PRO A 62 32.33 -13.82 -3.78
N CYS A 63 32.25 -14.71 -4.78
CA CYS A 63 31.45 -14.40 -5.98
C CYS A 63 29.96 -14.20 -5.57
N SER A 64 29.43 -15.10 -4.77
CA SER A 64 28.07 -14.96 -4.23
C SER A 64 28.04 -15.44 -2.79
N ILE A 65 27.25 -14.78 -1.96
CA ILE A 65 27.00 -15.30 -0.61
C ILE A 65 25.96 -16.43 -0.64
N HIS A 66 26.35 -17.63 -0.22
CA HIS A 66 25.35 -18.70 0.03
C HIS A 66 25.18 -19.13 1.50
N ASP A 67 26.16 -18.77 2.32
CA ASP A 67 26.13 -19.00 3.75
C ASP A 67 26.55 -17.74 4.47
N PRO A 68 25.68 -17.16 5.29
CA PRO A 68 26.04 -15.96 6.02
C PRO A 68 27.06 -16.17 7.11
N LYS A 69 27.13 -17.36 7.67
CA LYS A 69 28.09 -17.59 8.76
C LYS A 69 29.53 -17.55 8.23
N ALA A 70 29.75 -18.21 7.09
CA ALA A 70 31.03 -18.16 6.40
C ALA A 70 31.36 -16.75 6.00
N ALA A 71 30.35 -15.99 5.62
CA ALA A 71 30.59 -14.63 5.20
C ALA A 71 31.05 -13.78 6.38
N LEU A 72 30.47 -14.01 7.56
CA LEU A 72 30.89 -13.31 8.77
C LEU A 72 32.28 -13.76 9.23
N GLU A 73 32.56 -15.07 9.21
CA GLU A 73 33.93 -15.52 9.45
C GLU A 73 34.91 -14.94 8.41
N TYR A 74 34.55 -14.94 7.12
CA TYR A 74 35.37 -14.26 6.10
C TYR A 74 35.63 -12.83 6.53
N ALA A 75 34.57 -12.14 6.88
CA ALA A 75 34.62 -10.73 7.23
C ALA A 75 35.54 -10.40 8.40
N GLU A 76 35.56 -11.26 9.43
CA GLU A 76 36.43 -11.04 10.60
C GLU A 76 37.91 -11.18 10.24
N ARG A 77 38.26 -12.04 9.28
CA ARG A 77 39.66 -12.13 8.80
C ARG A 77 40.04 -10.92 7.97
N LEU A 78 39.14 -10.55 7.08
CA LEU A 78 39.39 -9.44 6.16
C LEU A 78 39.55 -8.16 6.97
N LEU A 79 38.79 -8.02 8.06
CA LEU A 79 38.83 -6.80 8.88
C LEU A 79 40.22 -6.47 9.41
N LYS A 80 40.96 -7.48 9.84
CA LYS A 80 42.33 -7.31 10.30
C LYS A 80 43.23 -6.71 9.22
N LEU A 81 42.94 -7.07 7.96
CA LEU A 81 43.69 -6.54 6.84
C LEU A 81 43.19 -5.16 6.41
N ARG A 82 41.88 -4.92 6.48
CA ARG A 82 41.32 -3.59 6.26
C ARG A 82 42.04 -2.58 7.20
N LYS A 83 42.15 -2.94 8.48
CA LYS A 83 42.83 -2.13 9.47
C LYS A 83 44.31 -1.97 9.15
N GLN A 84 44.99 -3.09 8.91
CA GLN A 84 46.42 -3.08 8.68
C GLN A 84 46.85 -2.21 7.47
N TYR A 85 46.10 -2.26 6.37
CA TYR A 85 46.51 -1.55 5.15
C TYR A 85 45.71 -0.28 4.92
N GLU A 86 45.11 0.26 5.99
CA GLU A 86 44.17 1.36 5.84
C GLU A 86 44.77 2.64 5.24
N ASN A 87 46.10 2.81 5.31
CA ASN A 87 46.76 3.96 4.68
C ASN A 87 47.04 3.79 3.20
N GLU A 88 47.02 2.55 2.73
CA GLU A 88 47.29 2.20 1.34
C GLU A 88 46.04 1.72 0.59
N LEU A 89 45.22 0.92 1.26
CA LEU A 89 44.05 0.32 0.64
C LEU A 89 42.78 0.67 1.39
N LEU A 90 41.69 0.91 0.67
CA LEU A 90 40.38 1.02 1.29
C LEU A 90 39.64 -0.28 1.00
N ILE A 91 39.57 -1.16 1.99
CA ILE A 91 39.06 -2.52 1.76
C ILE A 91 37.59 -2.56 2.10
N VAL A 92 36.80 -3.00 1.12
CA VAL A 92 35.37 -3.17 1.25
C VAL A 92 34.99 -4.57 0.83
N MET A 93 34.13 -5.24 1.61
CA MET A 93 33.79 -6.62 1.30
C MET A 93 32.71 -6.72 0.25
N ARG A 94 32.89 -7.69 -0.63
CA ARG A 94 31.93 -8.03 -1.64
C ARG A 94 30.81 -8.84 -1.00
N VAL A 95 29.58 -8.36 -1.05
CA VAL A 95 28.45 -9.11 -0.52
C VAL A 95 27.40 -9.19 -1.62
N TYR A 96 27.68 -10.03 -2.61
CA TYR A 96 26.79 -10.23 -3.73
C TYR A 96 25.88 -11.39 -3.42
N PHE A 97 24.59 -11.22 -3.62
CA PHE A 97 23.63 -12.25 -3.24
C PHE A 97 23.29 -13.22 -4.37
N GLU A 98 23.65 -12.83 -5.59
CA GLU A 98 23.30 -13.61 -6.78
C GLU A 98 24.29 -13.40 -7.93
N LYS A 99 24.63 -14.50 -8.61
CA LYS A 99 25.28 -14.41 -9.91
C LYS A 99 24.22 -14.57 -11.02
N PRO A 100 23.95 -13.48 -11.78
CA PRO A 100 23.07 -13.61 -12.95
C PRO A 100 23.55 -14.70 -13.87
N ARG A 101 22.65 -15.57 -14.31
CA ARG A 101 23.02 -16.64 -15.22
C ARG A 101 21.95 -16.96 -16.24
N THR A 102 22.41 -17.62 -17.31
CA THR A 102 21.58 -17.96 -18.46
C THR A 102 20.91 -19.30 -18.33
N THR A 103 21.63 -20.24 -17.70
CA THR A 103 21.14 -21.62 -17.53
C THR A 103 20.33 -21.75 -16.21
N VAL A 104 19.48 -22.78 -16.12
CA VAL A 104 18.77 -23.08 -14.86
C VAL A 104 19.78 -23.37 -13.75
N GLY A 105 19.66 -22.62 -12.67
CA GLY A 105 20.43 -22.90 -11.47
C GLY A 105 20.03 -22.05 -10.30
N TRP A 106 20.86 -22.09 -9.27
CA TRP A 106 20.54 -21.41 -8.05
C TRP A 106 20.44 -19.91 -8.27
N LYS A 107 19.42 -19.32 -7.67
CA LYS A 107 19.02 -17.95 -7.96
C LYS A 107 19.48 -16.97 -6.91
N GLY A 108 20.35 -17.40 -6.00
CA GLY A 108 20.98 -16.49 -5.04
C GLY A 108 20.34 -16.55 -3.67
N LEU A 109 20.95 -15.88 -2.70
CA LEU A 109 20.55 -16.00 -1.30
C LEU A 109 19.24 -15.29 -0.99
N ILE A 110 18.94 -14.22 -1.71
CA ILE A 110 17.65 -13.56 -1.59
C ILE A 110 16.55 -14.40 -2.19
N ASN A 111 16.69 -14.80 -3.45
CA ASN A 111 15.65 -15.55 -4.11
C ASN A 111 15.40 -16.89 -3.49
N ASP A 112 16.47 -17.59 -3.14
CA ASP A 112 16.35 -18.95 -2.64
C ASP A 112 17.30 -19.19 -1.48
N PRO A 113 17.00 -18.60 -0.32
CA PRO A 113 17.92 -18.65 0.82
C PRO A 113 18.20 -20.05 1.33
N HIS A 114 17.24 -20.96 1.16
CA HIS A 114 17.39 -22.35 1.61
C HIS A 114 18.08 -23.26 0.59
N LEU A 115 18.37 -22.73 -0.59
CA LEU A 115 19.16 -23.45 -1.59
C LEU A 115 18.56 -24.78 -2.03
N ASP A 116 17.25 -24.84 -2.11
CA ASP A 116 16.54 -26.05 -2.53
C ASP A 116 15.34 -25.75 -3.44
N GLY A 117 15.34 -24.57 -4.07
CA GLY A 117 14.26 -24.14 -4.97
C GLY A 117 12.90 -23.76 -4.38
N THR A 118 12.84 -23.35 -3.11
CA THR A 118 11.54 -22.99 -2.48
C THR A 118 11.28 -21.49 -2.54
N PHE A 119 12.23 -20.74 -3.07
CA PHE A 119 12.07 -19.31 -3.31
C PHE A 119 11.47 -18.52 -2.15
N ASP A 120 11.95 -18.78 -0.93
CA ASP A 120 11.49 -18.06 0.26
C ASP A 120 12.06 -16.63 0.30
N ILE A 121 11.50 -15.75 -0.54
CA ILE A 121 12.05 -14.41 -0.75
C ILE A 121 11.99 -13.52 0.48
N ASN A 122 10.93 -13.67 1.28
CA ASN A 122 10.82 -12.87 2.49
C ASN A 122 11.93 -13.24 3.46
N PHE A 123 12.19 -14.52 3.57
CA PHE A 123 13.28 -14.95 4.41
C PHE A 123 14.62 -14.44 3.87
N GLY A 124 14.82 -14.47 2.55
CA GLY A 124 16.12 -14.14 1.97
C GLY A 124 16.48 -12.67 2.13
N LEU A 125 15.47 -11.83 1.94
CA LEU A 125 15.64 -10.38 2.11
C LEU A 125 16.00 -10.09 3.55
N ARG A 126 15.33 -10.75 4.47
CA ARG A 126 15.64 -10.63 5.90
C ARG A 126 17.09 -11.03 6.18
N GLN A 127 17.50 -12.22 5.74
CA GLN A 127 18.87 -12.70 5.95
C GLN A 127 19.90 -11.78 5.33
N ALA A 128 19.59 -11.25 4.15
CA ALA A 128 20.51 -10.34 3.47
C ALA A 128 20.69 -9.10 4.28
N ARG A 129 19.58 -8.54 4.77
CA ARG A 129 19.68 -7.34 5.59
C ARG A 129 20.45 -7.60 6.91
N SER A 130 20.16 -8.70 7.56
CA SER A 130 20.81 -9.06 8.83
C SER A 130 22.32 -9.24 8.65
N LEU A 131 22.71 -9.92 7.59
CA LEU A 131 24.11 -10.05 7.26
C LEU A 131 24.81 -8.69 7.03
N LEU A 132 24.21 -7.85 6.21
CA LEU A 132 24.73 -6.52 5.97
C LEU A 132 24.80 -5.71 7.26
N LEU A 133 23.80 -5.87 8.15
CA LEU A 133 23.78 -5.08 9.36
C LEU A 133 24.92 -5.53 10.25
N SER A 134 25.07 -6.85 10.41
CA SER A 134 26.13 -7.39 11.24
C SER A 134 27.54 -7.05 10.69
N LEU A 135 27.71 -7.15 9.37
CA LEU A 135 28.97 -6.77 8.76
C LEU A 135 29.33 -5.35 9.14
N ASN A 136 28.41 -4.43 8.91
CA ASN A 136 28.67 -3.04 9.18
C ASN A 136 28.94 -2.79 10.67
N ASN A 137 28.22 -3.51 11.53
CA ASN A 137 28.32 -3.36 12.97
C ASN A 137 29.66 -3.83 13.49
N MET A 138 30.29 -4.72 12.74
CA MET A 138 31.58 -5.23 13.15
C MET A 138 32.74 -4.38 12.61
N GLY A 139 32.46 -3.37 11.78
CA GLY A 139 33.50 -2.52 11.15
C GLY A 139 33.79 -2.77 9.65
N MET A 140 33.09 -3.73 9.04
CA MET A 140 33.32 -4.07 7.66
C MET A 140 32.27 -3.47 6.76
N PRO A 141 32.64 -2.46 5.94
CA PRO A 141 31.68 -1.99 4.96
C PRO A 141 31.43 -3.04 3.89
N ALA A 142 30.29 -2.91 3.23
CA ALA A 142 29.80 -3.91 2.28
C ALA A 142 29.46 -3.30 0.94
N SER A 143 29.59 -4.10 -0.10
CA SER A 143 29.22 -3.72 -1.44
C SER A 143 28.37 -4.83 -2.05
N THR A 144 27.54 -4.46 -3.00
CA THR A 144 26.75 -5.46 -3.67
C THR A 144 26.43 -5.04 -5.10
N GLU A 145 25.83 -5.96 -5.84
CA GLU A 145 25.27 -5.68 -7.17
C GLU A 145 23.75 -5.58 -7.08
N PHE A 146 23.23 -4.52 -7.67
CA PHE A 146 21.80 -4.29 -7.77
C PHE A 146 21.27 -4.78 -9.12
N LEU A 147 20.47 -5.83 -9.10
CA LEU A 147 19.96 -6.47 -10.31
C LEU A 147 18.59 -6.01 -10.72
N ASP A 148 17.83 -5.47 -9.79
CA ASP A 148 16.51 -4.94 -10.14
C ASP A 148 16.31 -3.67 -9.35
N MET A 149 15.12 -3.09 -9.51
CA MET A 149 14.80 -1.76 -9.07
C MET A 149 14.05 -1.78 -7.73
N ILE A 150 13.72 -2.96 -7.22
CA ILE A 150 12.98 -3.08 -5.95
C ILE A 150 13.79 -3.52 -4.74
N THR A 151 14.71 -4.48 -4.91
CA THR A 151 15.53 -4.98 -3.79
C THR A 151 16.33 -3.87 -3.07
N PRO A 152 16.81 -2.87 -3.80
CA PRO A 152 17.51 -1.81 -3.08
C PRO A 152 16.75 -1.15 -1.93
N GLN A 153 15.42 -1.09 -2.00
CA GLN A 153 14.69 -0.45 -0.91
C GLN A 153 14.86 -1.23 0.37
N TYR A 154 15.24 -2.51 0.28
CA TYR A 154 15.35 -3.36 1.44
C TYR A 154 16.71 -3.31 2.19
N TYR A 155 17.80 -2.98 1.48
CA TYR A 155 19.12 -2.92 2.13
C TYR A 155 20.16 -1.89 1.63
N ALA A 156 19.79 -1.02 0.71
CA ALA A 156 20.76 -0.07 0.09
C ALA A 156 21.30 0.89 1.09
N ASP A 157 20.52 1.15 2.13
CA ASP A 157 20.97 1.94 3.26
C ASP A 157 22.19 1.33 3.96
N LEU A 158 22.45 0.05 3.76
CA LEU A 158 23.62 -0.60 4.35
C LEU A 158 24.82 -0.82 3.39
N ILE A 159 24.73 -0.26 2.18
CA ILE A 159 25.69 -0.51 1.15
C ILE A 159 26.57 0.69 0.90
N SER A 160 27.88 0.46 0.93
CA SER A 160 28.83 1.54 0.72
C SER A 160 29.27 1.74 -0.72
N TRP A 161 29.06 0.75 -1.58
CA TRP A 161 29.48 0.82 -2.97
C TRP A 161 28.65 -0.16 -3.74
N GLY A 162 28.23 0.22 -4.94
CA GLY A 162 27.33 -0.61 -5.74
C GLY A 162 27.88 -0.86 -7.12
N ALA A 163 27.59 -2.05 -7.65
CA ALA A 163 27.88 -2.41 -9.03
C ALA A 163 26.62 -2.58 -9.85
N ILE A 164 26.70 -2.11 -11.09
CA ILE A 164 25.81 -2.50 -12.16
C ILE A 164 26.67 -3.36 -13.09
N GLY A 165 26.22 -4.59 -13.24
CA GLY A 165 26.94 -5.64 -13.94
C GLY A 165 27.01 -5.44 -15.43
N ALA A 166 27.94 -6.19 -16.03
CA ALA A 166 28.21 -6.10 -17.45
C ALA A 166 26.94 -6.31 -18.27
N ARG A 167 26.08 -7.20 -17.80
CA ARG A 167 24.84 -7.50 -18.55
C ARG A 167 23.75 -6.45 -18.42
N THR A 168 23.90 -5.50 -17.50
CA THR A 168 22.86 -4.49 -17.30
C THR A 168 23.37 -3.04 -17.45
N THR A 169 24.67 -2.85 -17.62
CA THR A 169 25.23 -1.51 -17.80
C THR A 169 24.55 -0.69 -18.93
N GLU A 170 24.15 -1.35 -20.00
CA GLU A 170 23.50 -0.68 -21.12
C GLU A 170 21.99 -0.46 -20.91
N SER A 171 21.41 -1.09 -19.89
CA SER A 171 19.97 -1.00 -19.62
C SER A 171 19.60 0.37 -19.08
N GLN A 172 18.68 1.06 -19.76
CA GLN A 172 18.25 2.39 -19.32
C GLN A 172 17.71 2.38 -17.89
N VAL A 173 16.90 1.38 -17.57
CA VAL A 173 16.29 1.38 -16.24
C VAL A 173 17.33 1.21 -15.14
N HIS A 174 18.40 0.46 -15.38
CA HIS A 174 19.49 0.35 -14.40
C HIS A 174 20.35 1.58 -14.25
N ARG A 175 20.54 2.29 -15.34
CA ARG A 175 21.23 3.56 -15.30
C ARG A 175 20.41 4.55 -14.43
N GLU A 176 19.09 4.54 -14.64
CA GLU A 176 18.21 5.40 -13.88
C GLU A 176 18.30 5.06 -12.40
N LEU A 177 18.28 3.79 -12.07
CA LEU A 177 18.46 3.36 -10.68
C LEU A 177 19.74 3.91 -10.08
N ALA A 178 20.84 3.67 -10.77
CA ALA A 178 22.15 4.17 -10.33
C ALA A 178 22.08 5.66 -10.03
N SER A 179 21.36 6.42 -10.84
CA SER A 179 21.23 7.88 -10.63
C SER A 179 20.61 8.30 -9.32
N GLY A 180 20.01 7.35 -8.61
CA GLY A 180 19.35 7.61 -7.34
C GLY A 180 19.81 6.71 -6.21
N LEU A 181 20.88 5.97 -6.43
CA LEU A 181 21.49 5.16 -5.37
C LEU A 181 22.36 6.03 -4.50
N SER A 182 22.32 5.74 -3.20
CA SER A 182 22.97 6.58 -2.21
C SER A 182 24.49 6.35 -2.17
N CYS A 183 24.94 5.25 -2.75
CA CYS A 183 26.35 4.91 -2.79
C CYS A 183 26.98 5.25 -4.15
N PRO A 184 28.31 5.39 -4.20
CA PRO A 184 29.04 5.41 -5.46
C PRO A 184 28.73 4.13 -6.23
N VAL A 185 28.76 4.19 -7.56
CA VAL A 185 28.43 3.04 -8.39
C VAL A 185 29.47 2.78 -9.43
N GLY A 186 29.90 1.55 -9.58
CA GLY A 186 30.74 1.16 -10.69
C GLY A 186 29.91 0.48 -11.75
N PHE A 187 30.12 0.89 -13.00
CA PHE A 187 29.54 0.20 -14.15
C PHE A 187 30.58 -0.59 -14.90
N LYS A 188 30.27 -1.85 -15.18
CA LYS A 188 31.17 -2.70 -15.99
C LYS A 188 31.02 -2.51 -17.48
N ASN A 189 32.12 -2.72 -18.18
CA ASN A 189 32.13 -2.81 -19.62
C ASN A 189 31.44 -4.10 -20.06
N GLY A 190 30.98 -4.11 -21.30
CA GLY A 190 30.12 -5.16 -21.83
C GLY A 190 30.80 -6.51 -21.87
N THR A 191 30.00 -7.58 -21.92
CA THR A 191 30.53 -8.93 -21.85
C THR A 191 31.55 -9.19 -22.96
N ASP A 192 31.37 -8.54 -24.10
CA ASP A 192 32.32 -8.67 -25.19
C ASP A 192 33.44 -7.61 -25.22
N GLY A 193 33.48 -6.74 -24.22
CA GLY A 193 34.54 -5.73 -24.11
C GLY A 193 34.21 -4.27 -24.41
N ASN A 194 32.96 -3.99 -24.77
CA ASN A 194 32.56 -2.66 -25.17
C ASN A 194 32.62 -1.69 -23.97
N LEU A 195 33.43 -0.66 -24.09
CA LEU A 195 33.61 0.30 -23.02
C LEU A 195 32.68 1.49 -23.13
N LYS A 196 32.19 1.79 -24.32
CA LYS A 196 31.27 2.91 -24.50
C LYS A 196 30.03 2.78 -23.60
N ILE A 197 29.48 1.59 -23.47
CA ILE A 197 28.25 1.48 -22.70
C ILE A 197 28.45 1.88 -21.26
N ALA A 198 29.62 1.61 -20.71
CA ALA A 198 29.88 2.02 -19.32
C ALA A 198 30.16 3.52 -19.22
N ILE A 199 30.85 4.09 -20.21
CA ILE A 199 31.10 5.52 -20.24
C ILE A 199 29.77 6.28 -20.42
N ASP A 200 28.95 5.83 -21.36
CA ASP A 200 27.59 6.35 -21.53
C ASP A 200 26.80 6.22 -20.25
N ALA A 201 26.88 5.06 -19.60
CA ALA A 201 26.18 4.84 -18.33
C ALA A 201 26.53 5.89 -17.26
N ILE A 202 27.81 6.18 -17.09
CA ILE A 202 28.24 7.20 -16.14
C ILE A 202 27.61 8.55 -16.41
N GLY A 203 27.64 8.95 -17.68
CA GLY A 203 26.97 10.14 -18.13
C GLY A 203 25.51 10.12 -17.76
N ALA A 204 24.80 9.08 -18.19
CA ALA A 204 23.37 8.99 -17.92
C ALA A 204 23.07 9.09 -16.42
N ALA A 205 23.85 8.37 -15.62
CA ALA A 205 23.54 8.22 -14.20
C ALA A 205 23.80 9.48 -13.39
N SER A 206 24.68 10.35 -13.89
CA SER A 206 24.91 11.65 -13.24
C SER A 206 23.72 12.62 -13.35
N HIS A 207 22.83 12.38 -14.30
CA HIS A 207 21.62 13.20 -14.44
C HIS A 207 20.42 12.71 -13.64
N SER A 208 19.49 13.63 -13.45
CA SER A 208 18.22 13.34 -12.81
C SER A 208 17.37 12.47 -13.73
N HIS A 209 16.66 11.51 -13.14
CA HIS A 209 15.76 10.66 -13.91
C HIS A 209 14.52 10.37 -13.14
N HIS A 210 13.57 9.74 -13.80
CA HIS A 210 12.41 9.19 -13.13
C HIS A 210 12.38 7.68 -13.42
N PHE A 211 12.12 6.86 -12.40
CA PHE A 211 11.94 5.44 -12.66
C PHE A 211 10.87 4.92 -11.73
N LEU A 212 10.25 3.83 -12.12
CA LEU A 212 9.19 3.24 -11.36
C LEU A 212 9.69 2.24 -10.35
N SER A 213 9.20 2.39 -9.14
CA SER A 213 9.63 1.56 -8.07
C SER A 213 8.58 1.45 -7.01
N VAL A 214 9.01 1.13 -5.81
CA VAL A 214 8.15 0.95 -4.72
C VAL A 214 8.61 1.80 -3.57
N THR A 215 7.68 2.44 -2.86
CA THR A 215 7.99 3.18 -1.61
C THR A 215 8.47 2.22 -0.53
N LYS A 216 8.92 2.76 0.59
CA LYS A 216 9.30 1.91 1.72
C LYS A 216 8.14 1.07 2.27
N ALA A 217 6.91 1.54 2.08
CA ALA A 217 5.74 0.78 2.53
C ALA A 217 5.27 -0.19 1.47
N GLY A 218 5.92 -0.18 0.32
CA GLY A 218 5.68 -1.22 -0.66
C GLY A 218 4.74 -0.83 -1.76
N HIS A 219 4.40 0.45 -1.89
N HIS A 219 4.47 0.47 -1.89
CA HIS A 219 3.42 0.88 -2.90
CA HIS A 219 3.52 1.02 -2.88
C HIS A 219 4.14 1.41 -4.14
C HIS A 219 4.22 1.38 -4.17
N SER A 220 3.60 1.07 -5.31
CA SER A 220 4.10 1.53 -6.58
C SER A 220 4.31 3.04 -6.49
N ALA A 221 5.44 3.51 -6.99
CA ALA A 221 5.76 4.91 -6.89
C ALA A 221 6.62 5.32 -8.02
N ILE A 222 6.67 6.63 -8.23
CA ILE A 222 7.58 7.29 -9.13
C ILE A 222 8.69 7.83 -8.29
N VAL A 223 9.91 7.53 -8.69
CA VAL A 223 11.10 8.03 -8.01
C VAL A 223 11.82 9.08 -8.87
N HIS A 224 11.90 10.31 -8.39
CA HIS A 224 12.64 11.37 -9.06
C HIS A 224 14.02 11.50 -8.41
N THR A 225 15.05 11.12 -9.14
CA THR A 225 16.40 11.05 -8.57
C THR A 225 17.10 12.35 -8.82
N GLY A 226 18.17 12.58 -8.07
CA GLY A 226 18.95 13.80 -8.20
C GLY A 226 20.19 13.71 -9.04
N GLY A 227 20.61 12.51 -9.43
CA GLY A 227 21.87 12.32 -10.13
C GLY A 227 22.87 11.69 -9.18
N ASN A 228 23.71 10.77 -9.68
CA ASN A 228 24.78 10.22 -8.86
C ASN A 228 26.11 10.71 -9.41
N PRO A 229 26.79 11.61 -8.68
CA PRO A 229 28.02 12.16 -9.24
C PRO A 229 29.23 11.25 -9.01
N ASP A 230 29.01 10.09 -8.41
CA ASP A 230 30.10 9.23 -7.96
C ASP A 230 30.31 7.93 -8.76
N CYS A 231 29.95 7.93 -10.03
CA CYS A 231 30.05 6.76 -10.85
C CYS A 231 31.38 6.68 -11.60
N HIS A 232 31.78 5.45 -11.92
CA HIS A 232 33.04 5.14 -12.59
C HIS A 232 32.89 3.84 -13.30
N VAL A 233 33.83 3.56 -14.19
CA VAL A 233 33.85 2.32 -14.94
C VAL A 233 34.68 1.22 -14.25
N ILE A 234 34.40 -0.01 -14.63
CA ILE A 234 35.12 -1.18 -14.16
C ILE A 234 35.54 -1.99 -15.39
N LEU A 235 36.84 -2.14 -15.56
CA LEU A 235 37.39 -2.93 -16.63
C LEU A 235 37.41 -4.40 -16.21
N ARG A 236 36.58 -5.21 -16.89
CA ARG A 236 36.40 -6.61 -16.47
C ARG A 236 36.62 -7.60 -17.58
N GLY A 237 37.23 -7.12 -18.66
CA GLY A 237 37.54 -7.97 -19.78
C GLY A 237 36.44 -8.10 -20.80
N GLY A 238 36.81 -8.62 -21.96
CA GLY A 238 35.87 -8.95 -23.02
C GLY A 238 36.31 -10.20 -23.74
N LYS A 239 36.35 -10.12 -25.06
CA LYS A 239 36.93 -11.20 -25.87
C LYS A 239 38.38 -11.44 -25.45
N GLU A 240 39.05 -10.34 -25.09
CA GLU A 240 40.40 -10.39 -24.52
C GLU A 240 40.37 -9.56 -23.24
N PRO A 241 41.34 -9.78 -22.36
CA PRO A 241 41.39 -8.99 -21.14
C PRO A 241 41.75 -7.52 -21.40
N ASN A 242 41.29 -6.64 -20.53
CA ASN A 242 41.50 -5.20 -20.68
C ASN A 242 42.19 -4.51 -19.50
N TYR A 243 43.03 -5.25 -18.78
CA TYR A 243 43.64 -4.75 -17.54
C TYR A 243 44.99 -4.06 -17.67
N ASP A 244 45.72 -4.27 -18.76
CA ASP A 244 47.11 -3.79 -18.84
C ASP A 244 47.18 -2.26 -19.05
N ALA A 245 48.39 -1.70 -19.06
CA ALA A 245 48.56 -0.24 -19.11
C ALA A 245 47.99 0.38 -20.37
N GLU A 246 48.17 -0.30 -21.49
CA GLU A 246 47.67 0.21 -22.76
C GLU A 246 46.15 0.36 -22.66
N HIS A 247 45.48 -0.70 -22.17
CA HIS A 247 44.03 -0.68 -22.11
C HIS A 247 43.52 0.38 -21.13
N VAL A 248 44.24 0.54 -20.03
CA VAL A 248 43.93 1.58 -19.04
C VAL A 248 44.00 2.96 -19.69
N SER A 249 45.05 3.16 -20.46
CA SER A 249 45.32 4.45 -21.07
C SER A 249 44.28 4.78 -22.14
N GLU A 250 43.94 3.80 -22.99
CA GLU A 250 42.85 4.02 -23.95
C GLU A 250 41.53 4.37 -23.23
N ALA A 251 41.22 3.66 -22.15
CA ALA A 251 40.00 3.92 -21.38
C ALA A 251 39.97 5.34 -20.77
N ALA A 252 41.09 5.74 -20.18
CA ALA A 252 41.25 7.08 -19.60
C ALA A 252 40.92 8.16 -20.63
N GLU A 253 41.45 8.00 -21.84
CA GLU A 253 41.25 8.96 -22.89
C GLU A 253 39.76 9.06 -23.27
N GLN A 254 39.14 7.90 -23.42
CA GLN A 254 37.72 7.87 -23.75
C GLN A 254 36.92 8.48 -22.63
N LEU A 255 37.27 8.17 -21.40
CA LEU A 255 36.61 8.78 -20.26
C LEU A 255 36.73 10.30 -20.31
N ARG A 256 37.96 10.78 -20.47
CA ARG A 256 38.19 12.24 -20.61
C ARG A 256 37.38 12.84 -21.77
N ALA A 257 37.23 12.10 -22.87
CA ALA A 257 36.46 12.59 -24.04
C ALA A 257 34.95 12.74 -23.81
N ALA A 258 34.40 11.97 -22.87
CA ALA A 258 33.00 12.09 -22.54
C ALA A 258 32.84 13.01 -21.34
N GLY A 259 33.95 13.52 -20.83
CA GLY A 259 33.94 14.53 -19.78
C GLY A 259 33.48 13.96 -18.45
N VAL A 260 33.87 12.72 -18.21
CA VAL A 260 33.59 12.07 -16.93
C VAL A 260 34.91 11.67 -16.29
N THR A 261 34.84 11.19 -15.06
CA THR A 261 36.03 10.80 -14.31
C THR A 261 36.88 9.77 -15.06
N ASP A 262 38.18 10.00 -15.09
CA ASP A 262 39.11 9.08 -15.79
C ASP A 262 39.90 8.22 -14.81
N LYS A 263 39.35 8.07 -13.61
CA LYS A 263 39.79 7.08 -12.63
C LYS A 263 38.86 5.89 -12.73
N LEU A 264 39.43 4.69 -12.82
CA LEU A 264 38.65 3.49 -13.05
C LEU A 264 39.07 2.37 -12.12
N MET A 265 38.28 1.30 -12.13
CA MET A 265 38.53 0.12 -11.32
C MET A 265 38.89 -1.00 -12.25
N ILE A 266 39.73 -1.92 -11.80
CA ILE A 266 40.05 -3.11 -12.58
C ILE A 266 39.67 -4.38 -11.84
N ASP A 267 38.84 -5.20 -12.47
CA ASP A 267 38.40 -6.46 -11.91
C ASP A 267 39.45 -7.50 -12.28
N CYS A 268 40.10 -8.08 -11.27
CA CYS A 268 41.07 -9.15 -11.51
C CYS A 268 40.46 -10.48 -11.96
N SER A 269 39.15 -10.60 -11.75
CA SER A 269 38.41 -11.82 -12.03
C SER A 269 37.64 -11.75 -13.33
N HIS A 270 36.67 -12.64 -13.45
CA HIS A 270 35.80 -12.72 -14.63
C HIS A 270 36.56 -12.86 -15.95
N ALA A 271 36.40 -11.93 -16.90
CA ALA A 271 37.01 -12.12 -18.20
C ALA A 271 38.43 -11.54 -18.27
N ASN A 272 38.89 -10.93 -17.17
CA ASN A 272 40.30 -10.60 -17.01
C ASN A 272 41.18 -11.76 -16.57
N SER A 273 40.65 -12.60 -15.69
CA SER A 273 41.26 -13.87 -15.34
C SER A 273 40.81 -15.00 -16.27
N ARG A 274 39.80 -14.71 -17.07
CA ARG A 274 39.12 -15.69 -17.93
C ARG A 274 38.60 -16.90 -17.16
N LYS A 275 38.01 -16.66 -15.98
CA LYS A 275 37.36 -17.71 -15.18
C LYS A 275 38.37 -18.68 -14.60
N ASP A 276 39.65 -18.27 -14.54
CA ASP A 276 40.72 -19.04 -13.91
C ASP A 276 41.21 -18.27 -12.69
N TYR A 277 40.82 -18.75 -11.52
CA TYR A 277 41.07 -18.02 -10.30
C TYR A 277 42.56 -17.85 -10.01
N THR A 278 43.40 -18.79 -10.42
CA THR A 278 44.85 -18.61 -10.28
C THR A 278 45.39 -17.42 -11.08
N ARG A 279 44.66 -16.94 -12.08
CA ARG A 279 45.13 -15.79 -12.85
C ARG A 279 44.82 -14.46 -12.16
N GLN A 280 43.95 -14.47 -11.16
CA GLN A 280 43.66 -13.22 -10.47
C GLN A 280 44.97 -12.64 -9.93
N MET A 281 45.83 -13.50 -9.40
CA MET A 281 47.11 -13.05 -8.86
C MET A 281 47.96 -12.38 -9.94
N GLU A 282 47.96 -12.90 -11.16
CA GLU A 282 48.77 -12.29 -12.22
C GLU A 282 48.19 -10.95 -12.64
N VAL A 283 46.89 -10.84 -12.65
CA VAL A 283 46.28 -9.57 -12.95
C VAL A 283 46.70 -8.58 -11.87
N ALA A 284 46.63 -8.98 -10.60
CA ALA A 284 47.02 -8.06 -9.51
C ALA A 284 48.50 -7.66 -9.60
N GLN A 285 49.35 -8.58 -10.05
CA GLN A 285 50.77 -8.28 -10.26
C GLN A 285 50.98 -7.27 -11.38
N ASP A 286 50.18 -7.34 -12.43
CA ASP A 286 50.31 -6.38 -13.52
C ASP A 286 49.92 -5.00 -12.98
N ILE A 287 48.86 -4.97 -12.19
CA ILE A 287 48.36 -3.72 -11.67
C ILE A 287 49.35 -3.13 -10.70
N ALA A 288 49.96 -3.96 -9.85
CA ALA A 288 51.01 -3.48 -8.94
C ALA A 288 52.14 -2.81 -9.74
N ALA A 289 52.54 -3.41 -10.86
CA ALA A 289 53.62 -2.85 -11.64
C ALA A 289 53.19 -1.49 -12.19
N GLN A 290 51.96 -1.38 -12.70
CA GLN A 290 51.48 -0.08 -13.19
C GLN A 290 51.53 0.98 -12.08
N LEU A 291 51.21 0.58 -10.87
CA LEU A 291 51.19 1.50 -9.74
C LEU A 291 52.59 1.96 -9.37
N GLU A 292 53.55 1.05 -9.45
CA GLU A 292 54.97 1.39 -9.20
C GLU A 292 55.42 2.42 -10.22
N GLN A 293 55.18 2.14 -11.50
CA GLN A 293 55.59 3.00 -12.61
C GLN A 293 54.82 4.34 -12.67
N ASP A 294 53.49 4.28 -12.55
CA ASP A 294 52.62 5.45 -12.71
C ASP A 294 51.20 5.13 -12.24
N GLY A 295 50.40 4.50 -13.11
CA GLY A 295 49.02 4.07 -12.79
C GLY A 295 48.10 5.13 -12.18
N GLY A 296 48.30 6.39 -12.55
CA GLY A 296 47.44 7.48 -12.07
C GLY A 296 45.93 7.32 -12.32
N ASN A 297 45.55 6.50 -13.29
CA ASN A 297 44.12 6.33 -13.62
C ASN A 297 43.44 5.17 -12.91
N ILE A 298 44.17 4.48 -12.04
CA ILE A 298 43.60 3.40 -11.31
C ILE A 298 43.17 3.90 -9.95
N MET A 299 41.91 3.66 -9.59
CA MET A 299 41.44 4.02 -8.24
C MET A 299 41.01 2.80 -7.44
N GLY A 300 41.02 1.60 -8.04
CA GLY A 300 40.55 0.42 -7.34
C GLY A 300 40.60 -0.86 -8.13
N VAL A 301 40.44 -1.96 -7.44
CA VAL A 301 40.41 -3.28 -8.06
C VAL A 301 39.34 -4.17 -7.40
N MET A 302 38.91 -5.19 -8.12
CA MET A 302 37.93 -6.13 -7.61
C MET A 302 38.55 -7.53 -7.60
N VAL A 303 38.25 -8.32 -6.60
CA VAL A 303 38.85 -9.64 -6.45
C VAL A 303 37.84 -10.62 -5.87
N GLU A 304 37.79 -11.79 -6.47
CA GLU A 304 36.86 -12.80 -6.05
C GLU A 304 37.60 -13.77 -5.16
N SER A 305 37.19 -13.80 -3.90
CA SER A 305 37.95 -14.37 -2.79
C SER A 305 37.02 -14.92 -1.70
N HIS A 306 37.37 -16.09 -1.18
CA HIS A 306 36.64 -16.80 -0.14
C HIS A 306 37.64 -17.43 0.83
N LEU A 307 37.13 -18.16 1.80
CA LEU A 307 37.93 -18.82 2.80
C LEU A 307 38.71 -19.93 2.15
N VAL A 308 38.02 -20.66 1.26
CA VAL A 308 38.58 -21.79 0.53
C VAL A 308 38.51 -21.53 -0.99
N GLU A 309 39.53 -21.99 -1.71
CA GLU A 309 39.65 -21.73 -3.14
C GLU A 309 38.76 -22.63 -4.01
N GLY A 310 38.65 -22.26 -5.28
CA GLY A 310 37.89 -23.04 -6.24
C GLY A 310 36.40 -22.78 -6.19
N ARG A 311 35.64 -23.82 -6.54
CA ARG A 311 34.17 -23.78 -6.63
C ARG A 311 33.62 -25.19 -6.56
N GLN A 312 32.34 -25.29 -6.26
CA GLN A 312 31.66 -26.59 -6.16
C GLN A 312 30.24 -26.42 -6.68
N ASP A 313 29.66 -27.51 -7.16
CA ASP A 313 28.29 -27.50 -7.67
C ASP A 313 27.27 -27.42 -6.53
N LYS A 314 27.36 -28.35 -5.59
CA LYS A 314 26.55 -28.32 -4.36
C LYS A 314 27.35 -27.63 -3.22
N PRO A 315 26.65 -27.00 -2.24
CA PRO A 315 27.31 -26.36 -1.09
C PRO A 315 27.69 -27.41 0.00
N GLU A 316 28.56 -28.37 -0.36
CA GLU A 316 29.08 -29.39 0.58
C GLU A 316 30.19 -28.84 1.50
N VAL A 317 31.21 -28.24 0.90
CA VAL A 317 32.35 -27.69 1.62
C VAL A 317 32.09 -26.27 2.13
N TYR A 318 32.35 -26.06 3.42
CA TYR A 318 32.29 -24.73 4.06
C TYR A 318 33.22 -23.69 3.41
N GLY A 319 32.69 -22.50 3.20
CA GLY A 319 33.47 -21.36 2.74
C GLY A 319 34.10 -21.53 1.37
N LYS A 320 33.39 -22.23 0.50
CA LYS A 320 33.84 -22.48 -0.87
C LYS A 320 32.69 -22.12 -1.82
N SER A 321 33.01 -21.35 -2.86
CA SER A 321 32.00 -20.80 -3.77
C SER A 321 31.11 -21.83 -4.48
N ILE A 322 29.83 -21.52 -4.64
CA ILE A 322 28.97 -22.36 -5.49
C ILE A 322 28.65 -21.65 -6.82
N THR A 323 29.13 -20.40 -6.98
CA THR A 323 29.10 -19.74 -8.28
C THR A 323 30.51 -19.75 -8.91
N ASP A 324 31.13 -18.59 -9.22
CA ASP A 324 32.46 -18.58 -9.87
C ASP A 324 33.55 -19.01 -8.86
N ALA A 325 34.63 -19.56 -9.39
CA ALA A 325 35.74 -20.01 -8.53
C ALA A 325 36.46 -18.81 -7.96
N CYS A 326 36.83 -18.89 -6.67
CA CYS A 326 37.52 -17.82 -5.97
C CYS A 326 38.91 -18.24 -5.56
N ILE A 327 39.80 -17.29 -5.29
CA ILE A 327 41.06 -17.60 -4.59
C ILE A 327 40.76 -17.85 -3.11
N GLY A 328 41.56 -18.72 -2.49
CA GLY A 328 41.46 -19.01 -1.06
C GLY A 328 42.07 -17.92 -0.19
N TRP A 329 42.05 -18.15 1.12
CA TRP A 329 42.50 -17.12 2.07
C TRP A 329 43.99 -16.79 2.01
N GLY A 330 44.85 -17.80 1.90
CA GLY A 330 46.30 -17.58 1.78
C GLY A 330 46.67 -16.72 0.57
N ALA A 331 46.13 -17.04 -0.59
CA ALA A 331 46.42 -16.25 -1.80
C ALA A 331 45.93 -14.80 -1.64
N THR A 332 44.82 -14.62 -0.94
CA THR A 332 44.24 -13.29 -0.69
C THR A 332 45.21 -12.43 0.14
N GLU A 333 45.80 -13.04 1.18
CA GLU A 333 46.78 -12.33 1.99
C GLU A 333 47.94 -11.82 1.13
N GLU A 334 48.43 -12.67 0.23
CA GLU A 334 49.51 -12.29 -0.68
C GLU A 334 49.12 -11.16 -1.62
N LEU A 335 47.93 -11.26 -2.19
CA LEU A 335 47.47 -10.31 -3.18
C LEU A 335 47.35 -8.90 -2.58
N LEU A 336 46.79 -8.82 -1.37
CA LEU A 336 46.59 -7.54 -0.69
C LEU A 336 47.90 -6.92 -0.24
N ALA A 337 48.79 -7.74 0.31
CA ALA A 337 50.15 -7.33 0.63
C ALA A 337 50.88 -6.77 -0.59
N LEU A 338 50.72 -7.47 -1.70
CA LEU A 338 51.27 -7.04 -3.00
C LEU A 338 50.72 -5.68 -3.38
N LEU A 339 49.39 -5.55 -3.34
CA LEU A 339 48.76 -4.30 -3.76
C LEU A 339 49.09 -3.16 -2.80
N ALA A 340 49.17 -3.46 -1.51
CA ALA A 340 49.45 -2.46 -0.47
C ALA A 340 50.83 -1.86 -0.62
N GLY A 341 51.82 -2.73 -0.73
CA GLY A 341 53.21 -2.32 -0.94
C GLY A 341 53.38 -1.45 -2.18
N ALA A 342 52.68 -1.80 -3.25
CA ALA A 342 52.84 -1.08 -4.50
C ALA A 342 52.23 0.30 -4.42
N ASN A 343 51.05 0.38 -3.82
CA ASN A 343 50.39 1.66 -3.76
C ASN A 343 50.99 2.56 -2.72
N LYS A 344 51.71 1.97 -1.76
CA LYS A 344 52.46 2.76 -0.82
C LYS A 344 53.42 3.65 -1.58
N LYS A 345 54.08 3.07 -2.59
CA LYS A 345 55.05 3.82 -3.37
C LYS A 345 54.34 4.77 -4.32
N ARG A 346 53.22 4.38 -4.90
CA ARG A 346 52.48 5.35 -5.71
C ARG A 346 52.09 6.58 -4.87
N MET A 347 51.56 6.33 -3.69
CA MET A 347 51.11 7.41 -2.82
C MET A 347 52.24 8.31 -2.35
N ALA A 348 53.42 7.70 -2.13
CA ALA A 348 54.58 8.42 -1.63
C ALA A 348 55.08 9.43 -2.68
N ARG A 349 55.09 9.02 -3.95
CA ARG A 349 55.32 9.98 -5.05
C ARG A 349 54.17 10.99 -5.06
N HIS B 4 23.00 9.17 14.47
CA HIS B 4 22.60 8.58 13.16
C HIS B 4 22.80 9.53 11.98
N TYR B 5 23.86 9.31 11.21
CA TYR B 5 24.02 9.95 9.91
C TYR B 5 22.99 9.36 8.94
N PRO B 6 22.53 10.17 7.97
CA PRO B 6 21.60 9.61 6.97
C PRO B 6 22.33 8.71 5.97
N THR B 7 21.73 7.57 5.65
CA THR B 7 22.21 6.65 4.63
C THR B 7 21.16 6.25 3.58
N ASP B 8 19.93 6.74 3.75
CA ASP B 8 18.81 6.28 2.97
C ASP B 8 18.25 7.41 2.12
N ASP B 9 18.04 7.14 0.84
CA ASP B 9 17.49 8.13 -0.12
C ASP B 9 18.35 9.43 -0.26
N ILE B 10 19.66 9.37 -0.04
CA ILE B 10 20.50 10.60 -0.09
C ILE B 10 20.38 11.41 -1.41
N LYS B 11 20.17 10.72 -2.53
CA LYS B 11 20.13 11.36 -3.85
C LYS B 11 18.80 11.19 -4.53
N ILE B 12 17.73 11.18 -3.74
CA ILE B 12 16.37 11.08 -4.26
C ILE B 12 15.75 12.44 -4.04
N LYS B 13 15.16 13.03 -5.08
CA LYS B 13 14.50 14.31 -4.91
C LYS B 13 13.11 14.08 -4.32
N GLU B 14 12.37 13.13 -4.87
CA GLU B 14 10.99 12.91 -4.48
C GLU B 14 10.54 11.49 -4.80
N VAL B 15 9.81 10.89 -3.86
CA VAL B 15 9.09 9.65 -4.14
C VAL B 15 7.61 10.02 -4.18
N LYS B 16 6.95 9.81 -5.31
CA LYS B 16 5.52 10.09 -5.39
C LYS B 16 4.81 8.76 -5.62
N GLU B 17 3.70 8.57 -4.92
CA GLU B 17 2.85 7.42 -5.21
C GLU B 17 2.22 7.57 -6.58
N LEU B 18 2.07 6.42 -7.20
CA LEU B 18 1.55 6.31 -8.50
C LEU B 18 0.19 5.68 -8.34
N LEU B 19 -0.77 6.11 -9.15
CA LEU B 19 -2.01 5.37 -9.21
C LEU B 19 -1.72 3.88 -9.52
N PRO B 20 -2.37 2.98 -8.78
CA PRO B 20 -2.15 1.60 -9.07
C PRO B 20 -2.82 1.18 -10.37
N PRO B 21 -2.32 0.11 -10.97
CA PRO B 21 -2.91 -0.40 -12.18
C PRO B 21 -4.46 -0.50 -12.09
N ILE B 22 -5.00 -1.05 -10.99
CA ILE B 22 -6.46 -1.19 -10.86
C ILE B 22 -7.23 0.09 -11.07
N ALA B 23 -6.65 1.23 -10.71
CA ALA B 23 -7.34 2.49 -10.92
C ALA B 23 -7.59 2.67 -12.43
N HIS B 24 -6.60 2.34 -13.24
CA HIS B 24 -6.70 2.53 -14.68
C HIS B 24 -7.60 1.46 -15.28
N LEU B 25 -7.48 0.25 -14.76
CA LEU B 25 -8.30 -0.87 -15.22
C LEU B 25 -9.77 -0.67 -14.89
N TYR B 26 -10.05 0.17 -13.88
CA TYR B 26 -11.41 0.55 -13.52
C TYR B 26 -11.95 1.64 -14.46
N GLU B 27 -11.14 2.63 -14.80
CA GLU B 27 -11.62 3.64 -15.76
C GLU B 27 -11.65 3.13 -17.20
N LEU B 28 -10.81 2.17 -17.53
CA LEU B 28 -10.70 1.73 -18.90
C LEU B 28 -10.58 0.25 -18.95
N PRO B 29 -11.68 -0.44 -18.64
CA PRO B 29 -11.61 -1.89 -18.67
C PRO B 29 -11.51 -2.38 -20.09
N ILE B 30 -10.85 -3.51 -20.29
CA ILE B 30 -10.84 -4.13 -21.61
C ILE B 30 -12.24 -4.57 -22.01
N SER B 31 -12.57 -4.32 -23.27
CA SER B 31 -13.86 -4.66 -23.82
C SER B 31 -13.82 -6.07 -24.39
N LYS B 32 -14.98 -6.70 -24.56
CA LYS B 32 -15.12 -8.01 -25.21
C LYS B 32 -14.34 -8.10 -26.52
N GLU B 33 -14.43 -7.06 -27.33
CA GLU B 33 -13.91 -7.12 -28.69
C GLU B 33 -12.39 -7.00 -28.69
N ALA B 34 -11.89 -6.06 -27.89
CA ALA B 34 -10.47 -5.90 -27.70
C ALA B 34 -9.88 -7.19 -27.16
N SER B 35 -10.61 -7.86 -26.27
CA SER B 35 -10.13 -9.11 -25.73
C SER B 35 -9.94 -10.15 -26.81
N GLY B 36 -10.94 -10.27 -27.68
CA GLY B 36 -10.90 -11.27 -28.73
C GLY B 36 -9.75 -11.01 -29.69
N LEU B 37 -9.51 -9.73 -29.98
CA LEU B 37 -8.48 -9.33 -30.93
C LEU B 37 -7.06 -9.60 -30.38
N VAL B 38 -6.89 -9.36 -29.10
CA VAL B 38 -5.65 -9.65 -28.42
C VAL B 38 -5.44 -11.17 -28.34
N HIS B 39 -6.49 -11.89 -27.98
CA HIS B 39 -6.37 -13.31 -27.77
C HIS B 39 -6.00 -14.00 -29.10
N ARG B 40 -6.77 -13.75 -30.13
CA ARG B 40 -6.55 -14.37 -31.44
C ARG B 40 -5.18 -14.00 -32.01
N THR B 41 -4.81 -12.72 -31.98
CA THR B 41 -3.56 -12.29 -32.58
C THR B 41 -2.37 -12.96 -31.91
N ARG B 42 -2.39 -13.03 -30.60
CA ARG B 42 -1.33 -13.73 -29.90
C ARG B 42 -1.22 -15.17 -30.39
N GLN B 43 -2.36 -15.84 -30.53
CA GLN B 43 -2.37 -17.20 -31.06
C GLN B 43 -1.85 -17.26 -32.50
N GLU B 44 -2.27 -16.31 -33.34
CA GLU B 44 -1.80 -16.26 -34.73
C GLU B 44 -0.29 -16.01 -34.78
N ILE B 45 0.24 -15.19 -33.88
CA ILE B 45 1.67 -14.97 -33.82
C ILE B 45 2.41 -16.22 -33.34
N SER B 46 1.93 -16.84 -32.28
CA SER B 46 2.49 -18.12 -31.86
C SER B 46 2.65 -19.08 -33.05
N ASP B 47 1.61 -19.15 -33.87
CA ASP B 47 1.64 -19.99 -35.06
C ASP B 47 2.78 -19.65 -36.02
N LEU B 48 3.05 -18.38 -36.21
CA LEU B 48 4.18 -17.96 -37.04
C LEU B 48 5.51 -18.33 -36.39
N VAL B 49 5.62 -18.10 -35.08
CA VAL B 49 6.84 -18.37 -34.33
C VAL B 49 7.21 -19.84 -34.45
N HIS B 50 6.21 -20.71 -34.46
CA HIS B 50 6.47 -22.15 -34.42
C HIS B 50 6.34 -22.82 -35.80
N GLY B 51 6.21 -22.01 -36.84
CA GLY B 51 6.13 -22.49 -38.21
C GLY B 51 4.86 -23.20 -38.65
N ARG B 52 3.71 -22.89 -38.04
CA ARG B 52 2.46 -23.55 -38.44
C ARG B 52 1.67 -22.75 -39.50
N ASP B 53 2.10 -21.51 -39.74
CA ASP B 53 1.56 -20.67 -40.80
C ASP B 53 2.73 -19.88 -41.39
N LYS B 54 2.64 -19.58 -42.67
CA LYS B 54 3.75 -18.97 -43.39
C LYS B 54 3.51 -17.50 -43.68
N ARG B 55 2.52 -16.89 -43.03
CA ARG B 55 2.29 -15.44 -43.19
C ARG B 55 3.45 -14.72 -42.54
N LEU B 56 3.65 -13.49 -43.00
CA LEU B 56 4.72 -12.67 -42.49
C LEU B 56 4.11 -11.78 -41.43
N LEU B 57 4.69 -11.78 -40.23
CA LEU B 57 4.31 -10.83 -39.19
C LEU B 57 4.99 -9.51 -39.52
N VAL B 58 4.22 -8.44 -39.51
CA VAL B 58 4.75 -7.10 -39.79
C VAL B 58 4.49 -6.20 -38.60
N ILE B 59 5.55 -5.89 -37.88
CA ILE B 59 5.45 -4.91 -36.82
C ILE B 59 5.81 -3.57 -37.43
N ILE B 60 4.81 -2.71 -37.57
CA ILE B 60 5.00 -1.48 -38.29
C ILE B 60 4.24 -0.33 -37.66
N GLY B 61 4.93 0.80 -37.52
CA GLY B 61 4.36 1.98 -36.91
C GLY B 61 5.43 2.97 -36.57
N PRO B 62 5.07 4.01 -35.83
CA PRO B 62 6.06 5.03 -35.52
C PRO B 62 7.21 4.52 -34.68
N CYS B 63 8.36 5.17 -34.77
CA CYS B 63 9.43 4.91 -33.80
C CYS B 63 8.90 5.10 -32.37
N SER B 64 8.20 6.22 -32.14
CA SER B 64 7.59 6.52 -30.85
C SER B 64 6.30 7.28 -31.04
N ILE B 65 5.33 7.04 -30.16
CA ILE B 65 4.08 7.80 -30.17
C ILE B 65 4.31 9.02 -29.33
N HIS B 66 4.01 10.20 -29.87
CA HIS B 66 3.95 11.43 -29.08
C HIS B 66 2.61 12.15 -29.21
N ASP B 67 1.81 11.74 -30.18
CA ASP B 67 0.48 12.31 -30.35
C ASP B 67 -0.48 11.15 -30.53
N PRO B 68 -1.51 11.06 -29.69
CA PRO B 68 -2.46 9.97 -29.91
C PRO B 68 -3.45 10.19 -31.06
N LYS B 69 -3.72 11.43 -31.42
CA LYS B 69 -4.61 11.71 -32.56
C LYS B 69 -3.97 11.19 -33.85
N ALA B 70 -2.70 11.52 -34.05
CA ALA B 70 -1.91 10.99 -35.18
C ALA B 70 -1.78 9.46 -35.18
N ALA B 71 -1.66 8.86 -34.01
CA ALA B 71 -1.54 7.41 -33.91
C ALA B 71 -2.83 6.76 -34.38
N LEU B 72 -3.95 7.37 -34.02
CA LEU B 72 -5.24 6.84 -34.43
C LEU B 72 -5.47 7.02 -35.93
N GLU B 73 -5.07 8.15 -36.49
CA GLU B 73 -5.18 8.34 -37.93
C GLU B 73 -4.29 7.35 -38.68
N TYR B 74 -3.05 7.20 -38.23
CA TYR B 74 -2.13 6.24 -38.83
C TYR B 74 -2.75 4.86 -38.82
N ALA B 75 -3.30 4.49 -37.66
CA ALA B 75 -3.94 3.19 -37.51
C ALA B 75 -5.13 2.98 -38.46
N GLU B 76 -5.91 4.02 -38.71
CA GLU B 76 -7.06 3.90 -39.60
C GLU B 76 -6.60 3.56 -41.01
N ARG B 77 -5.49 4.15 -41.43
CA ARG B 77 -4.94 3.82 -42.75
C ARG B 77 -4.33 2.43 -42.77
N LEU B 78 -3.55 2.09 -41.73
CA LEU B 78 -2.93 0.78 -41.62
C LEU B 78 -3.95 -0.35 -41.60
N LEU B 79 -5.06 -0.14 -40.92
CA LEU B 79 -6.15 -1.13 -40.84
C LEU B 79 -6.62 -1.63 -42.22
N LYS B 80 -6.77 -0.72 -43.15
CA LYS B 80 -7.19 -1.04 -44.53
C LYS B 80 -6.20 -1.99 -45.21
N LEU B 81 -4.92 -1.70 -45.04
CA LEU B 81 -3.86 -2.56 -45.53
C LEU B 81 -3.79 -3.86 -44.77
N ARG B 82 -4.03 -3.82 -43.46
CA ARG B 82 -4.04 -5.03 -42.63
C ARG B 82 -5.04 -6.03 -43.16
N LYS B 83 -6.23 -5.54 -43.50
CA LYS B 83 -7.28 -6.36 -44.09
C LYS B 83 -6.97 -6.76 -45.54
N GLN B 84 -6.53 -5.79 -46.34
CA GLN B 84 -6.18 -6.07 -47.72
C GLN B 84 -5.15 -7.19 -47.84
N TYR B 85 -4.12 -7.16 -46.99
CA TYR B 85 -3.04 -8.13 -47.06
C TYR B 85 -3.14 -9.26 -46.03
N GLU B 86 -4.34 -9.57 -45.55
CA GLU B 86 -4.51 -10.46 -44.41
C GLU B 86 -4.13 -11.91 -44.69
N ASN B 87 -4.28 -12.34 -45.93
CA ASN B 87 -3.89 -13.70 -46.32
C ASN B 87 -2.41 -13.88 -46.44
N GLU B 88 -1.67 -12.80 -46.70
CA GLU B 88 -0.20 -12.88 -46.84
C GLU B 88 0.55 -12.39 -45.62
N LEU B 89 0.03 -11.38 -44.94
CA LEU B 89 0.76 -10.71 -43.87
C LEU B 89 -0.12 -10.54 -42.65
N LEU B 90 0.50 -10.58 -41.48
CA LEU B 90 -0.14 -10.23 -40.22
C LEU B 90 0.37 -8.87 -39.72
N ILE B 91 -0.34 -7.81 -40.07
CA ILE B 91 0.09 -6.46 -39.72
C ILE B 91 -0.36 -6.09 -38.32
N VAL B 92 0.63 -5.86 -37.45
CA VAL B 92 0.42 -5.36 -36.11
C VAL B 92 1.09 -4.02 -35.95
N MET B 93 0.45 -3.11 -35.23
CA MET B 93 0.97 -1.77 -35.10
C MET B 93 2.02 -1.64 -33.99
N ARG B 94 3.06 -0.91 -34.32
CA ARG B 94 4.09 -0.52 -33.41
C ARG B 94 3.55 0.64 -32.57
N VAL B 95 3.40 0.40 -31.27
CA VAL B 95 2.95 1.44 -30.37
C VAL B 95 3.94 1.58 -29.24
N TYR B 96 5.08 2.18 -29.55
CA TYR B 96 6.14 2.33 -28.55
C TYR B 96 6.01 3.71 -27.97
N PHE B 97 6.19 3.81 -26.67
CA PHE B 97 5.93 5.05 -25.97
C PHE B 97 7.21 5.84 -25.73
N GLU B 98 8.30 5.12 -25.48
CA GLU B 98 9.60 5.76 -25.30
C GLU B 98 10.64 5.14 -26.21
N LYS B 99 11.60 5.95 -26.61
CA LYS B 99 12.84 5.43 -27.18
C LYS B 99 13.97 5.58 -26.14
N PRO B 100 14.65 4.46 -25.77
CA PRO B 100 15.86 4.52 -24.92
C PRO B 100 16.94 5.51 -25.42
N ARG B 101 17.49 6.28 -24.49
CA ARG B 101 18.45 7.32 -24.83
C ARG B 101 19.55 7.34 -23.77
N THR B 102 20.76 7.67 -24.19
CA THR B 102 21.88 7.97 -23.28
C THR B 102 21.94 9.48 -22.98
N THR B 103 21.78 10.29 -24.05
CA THR B 103 21.71 11.75 -23.94
C THR B 103 20.34 12.23 -23.40
N VAL B 104 20.37 13.34 -22.68
CA VAL B 104 19.17 14.02 -22.20
C VAL B 104 18.20 14.31 -23.35
N GLY B 105 17.01 13.73 -23.26
CA GLY B 105 15.97 13.95 -24.25
C GLY B 105 14.59 13.69 -23.67
N TRP B 106 13.57 13.84 -24.51
CA TRP B 106 12.19 13.58 -24.13
C TRP B 106 12.05 12.11 -23.76
N LYS B 107 11.50 11.87 -22.57
CA LYS B 107 11.50 10.53 -21.96
C LYS B 107 10.22 9.72 -22.28
N GLY B 108 9.49 10.12 -23.33
CA GLY B 108 8.38 9.33 -23.86
C GLY B 108 7.00 9.84 -23.45
N LEU B 109 5.95 9.26 -24.04
CA LEU B 109 4.58 9.68 -23.74
C LEU B 109 4.14 9.28 -22.35
N ILE B 110 4.61 8.14 -21.87
CA ILE B 110 4.21 7.70 -20.55
C ILE B 110 4.84 8.62 -19.51
N ASN B 111 6.16 8.73 -19.56
CA ASN B 111 6.90 9.53 -18.59
C ASN B 111 6.55 11.01 -18.62
N ASP B 112 6.36 11.53 -19.82
CA ASP B 112 6.11 12.96 -20.02
C ASP B 112 5.08 13.25 -21.12
N PRO B 113 3.81 12.93 -20.90
CA PRO B 113 2.79 13.08 -21.94
C PRO B 113 2.60 14.50 -22.46
N HIS B 114 2.91 15.52 -21.66
CA HIS B 114 2.74 16.91 -22.08
C HIS B 114 3.96 17.47 -22.84
N LEU B 115 5.00 16.66 -23.04
CA LEU B 115 6.14 17.06 -23.87
C LEU B 115 6.77 18.36 -23.36
N ASP B 116 6.97 18.46 -22.04
CA ASP B 116 7.46 19.69 -21.42
C ASP B 116 8.20 19.49 -20.08
N GLY B 117 8.63 18.26 -19.79
CA GLY B 117 9.27 17.95 -18.50
C GLY B 117 8.42 17.95 -17.22
N THR B 118 7.10 17.87 -17.30
CA THR B 118 6.25 17.83 -16.10
C THR B 118 6.12 16.42 -15.48
N PHE B 119 6.53 15.40 -16.23
CA PHE B 119 6.56 14.02 -15.74
C PHE B 119 5.25 13.60 -15.07
N ASP B 120 4.16 13.81 -15.80
CA ASP B 120 2.82 13.51 -15.36
C ASP B 120 2.50 12.07 -15.78
N ILE B 121 3.06 11.14 -15.01
CA ILE B 121 3.10 9.75 -15.39
C ILE B 121 1.74 9.09 -15.24
N ASN B 122 0.98 9.50 -14.22
CA ASN B 122 -0.37 9.01 -14.05
C ASN B 122 -1.19 9.29 -15.30
N PHE B 123 -1.12 10.52 -15.79
CA PHE B 123 -1.77 10.89 -17.04
C PHE B 123 -1.17 10.14 -18.21
N GLY B 124 0.16 10.02 -18.25
CA GLY B 124 0.82 9.32 -19.33
C GLY B 124 0.36 7.86 -19.43
N LEU B 125 0.28 7.20 -18.29
CA LEU B 125 -0.13 5.80 -18.25
C LEU B 125 -1.59 5.70 -18.65
N ARG B 126 -2.39 6.66 -18.21
CA ARG B 126 -3.80 6.70 -18.55
C ARG B 126 -3.96 6.87 -20.06
N GLN B 127 -3.22 7.79 -20.63
CA GLN B 127 -3.28 8.04 -22.07
C GLN B 127 -2.83 6.82 -22.84
N ALA B 128 -1.74 6.20 -22.39
CA ALA B 128 -1.21 5.01 -23.04
C ALA B 128 -2.25 3.90 -23.13
N ARG B 129 -2.90 3.63 -22.00
CA ARG B 129 -3.94 2.63 -21.95
C ARG B 129 -5.10 2.97 -22.90
N SER B 130 -5.52 4.22 -22.84
CA SER B 130 -6.66 4.70 -23.61
C SER B 130 -6.41 4.53 -25.11
N LEU B 131 -5.22 4.95 -25.55
CA LEU B 131 -4.82 4.76 -26.95
C LEU B 131 -4.86 3.28 -27.37
N LEU B 132 -4.21 2.44 -26.58
CA LEU B 132 -4.17 1.00 -26.85
C LEU B 132 -5.54 0.34 -26.86
N LEU B 133 -6.43 0.77 -25.97
CA LEU B 133 -7.81 0.26 -25.98
C LEU B 133 -8.57 0.72 -27.24
N SER B 134 -8.46 2.00 -27.59
CA SER B 134 -9.04 2.48 -28.83
C SER B 134 -8.54 1.71 -30.05
N LEU B 135 -7.22 1.48 -30.15
CA LEU B 135 -6.65 0.78 -31.32
C LEU B 135 -7.27 -0.57 -31.45
N ASN B 136 -7.24 -1.33 -30.37
CA ASN B 136 -7.87 -2.66 -30.35
C ASN B 136 -9.34 -2.62 -30.65
N ASN B 137 -10.05 -1.62 -30.15
CA ASN B 137 -11.49 -1.51 -30.41
C ASN B 137 -11.81 -1.35 -31.90
N MET B 138 -11.00 -0.59 -32.62
CA MET B 138 -11.25 -0.44 -34.05
C MET B 138 -10.70 -1.60 -34.87
N GLY B 139 -10.04 -2.57 -34.22
CA GLY B 139 -9.56 -3.79 -34.89
C GLY B 139 -8.06 -3.82 -35.24
N MET B 140 -7.29 -2.86 -34.71
CA MET B 140 -5.83 -2.84 -34.91
C MET B 140 -5.13 -3.34 -33.66
N PRO B 141 -4.54 -4.55 -33.72
CA PRO B 141 -3.79 -4.99 -32.55
C PRO B 141 -2.50 -4.21 -32.47
N ALA B 142 -1.92 -4.20 -31.27
CA ALA B 142 -0.79 -3.33 -30.95
C ALA B 142 0.34 -4.11 -30.32
N SER B 143 1.52 -3.51 -30.37
CA SER B 143 2.75 -4.11 -29.93
C SER B 143 3.60 -3.03 -29.29
N THR B 144 4.43 -3.38 -28.32
CA THR B 144 5.24 -2.37 -27.66
C THR B 144 6.55 -2.93 -27.12
N GLU B 145 7.42 -2.03 -26.66
CA GLU B 145 8.60 -2.43 -25.95
C GLU B 145 8.31 -2.34 -24.48
N PHE B 146 8.66 -3.37 -23.76
CA PHE B 146 8.63 -3.28 -22.31
C PHE B 146 10.01 -2.94 -21.74
N LEU B 147 10.13 -1.74 -21.19
CA LEU B 147 11.38 -1.20 -20.67
C LEU B 147 11.62 -1.50 -19.17
N ASP B 148 10.56 -1.75 -18.42
CA ASP B 148 10.71 -2.07 -17.00
C ASP B 148 9.71 -3.11 -16.56
N MET B 149 9.73 -3.41 -15.26
CA MET B 149 9.01 -4.54 -14.72
C MET B 149 7.66 -4.16 -14.10
N ILE B 150 7.33 -2.87 -14.11
CA ILE B 150 6.10 -2.33 -13.55
C ILE B 150 5.09 -1.89 -14.61
N THR B 151 5.54 -1.11 -15.62
CA THR B 151 4.61 -0.59 -16.64
C THR B 151 3.68 -1.65 -17.24
N PRO B 152 4.16 -2.86 -17.53
CA PRO B 152 3.25 -3.87 -18.09
C PRO B 152 1.96 -4.16 -17.29
N GLN B 153 1.95 -3.94 -15.99
CA GLN B 153 0.74 -4.21 -15.22
C GLN B 153 -0.38 -3.26 -15.61
N TYR B 154 -0.02 -2.12 -16.19
CA TYR B 154 -0.96 -1.10 -16.60
C TYR B 154 -1.63 -1.31 -17.97
N TYR B 155 -0.94 -1.96 -18.90
CA TYR B 155 -1.54 -2.22 -20.22
C TYR B 155 -1.19 -3.50 -20.98
N ALA B 156 -0.49 -4.45 -20.38
CA ALA B 156 -0.02 -5.62 -21.13
C ALA B 156 -1.17 -6.43 -21.61
N ASP B 157 -2.30 -6.32 -20.94
CA ASP B 157 -3.49 -6.98 -21.37
C ASP B 157 -3.94 -6.53 -22.77
N LEU B 158 -3.52 -5.36 -23.20
CA LEU B 158 -3.88 -4.84 -24.52
C LEU B 158 -2.81 -5.06 -25.63
N ILE B 159 -1.78 -5.85 -25.33
CA ILE B 159 -0.61 -5.99 -26.18
C ILE B 159 -0.53 -7.40 -26.77
N SER B 160 -0.38 -7.51 -28.10
CA SER B 160 -0.37 -8.82 -28.76
C SER B 160 1.04 -9.29 -29.07
N TRP B 161 2.03 -8.43 -28.88
CA TRP B 161 3.40 -8.77 -29.18
C TRP B 161 4.28 -7.77 -28.49
N GLY B 162 5.33 -8.26 -27.84
CA GLY B 162 6.21 -7.42 -27.08
C GLY B 162 7.64 -7.57 -27.51
N ALA B 163 8.37 -6.47 -27.46
CA ALA B 163 9.80 -6.51 -27.76
C ALA B 163 10.66 -6.29 -26.52
N ILE B 164 11.75 -7.04 -26.43
CA ILE B 164 12.86 -6.67 -25.55
C ILE B 164 14.00 -6.15 -26.43
N GLY B 165 14.39 -4.91 -26.17
CA GLY B 165 15.39 -4.24 -27.00
C GLY B 165 16.83 -4.72 -26.82
N ALA B 166 17.67 -4.29 -27.75
CA ALA B 166 19.08 -4.65 -27.79
C ALA B 166 19.74 -4.35 -26.47
N ARG B 167 19.31 -3.27 -25.81
CA ARG B 167 19.96 -2.81 -24.59
C ARG B 167 19.60 -3.62 -23.32
N THR B 168 18.53 -4.40 -23.40
CA THR B 168 18.09 -5.16 -22.26
C THR B 168 18.01 -6.66 -22.51
N THR B 169 18.30 -7.11 -23.71
CA THR B 169 18.17 -8.53 -24.02
C THR B 169 19.06 -9.41 -23.15
N GLU B 170 20.22 -8.89 -22.77
CA GLU B 170 21.14 -9.64 -21.95
C GLU B 170 20.74 -9.63 -20.48
N SER B 171 19.86 -8.70 -20.11
CA SER B 171 19.49 -8.41 -18.73
C SER B 171 18.68 -9.54 -18.13
N GLN B 172 19.14 -10.09 -17.01
CA GLN B 172 18.44 -11.23 -16.42
C GLN B 172 17.01 -10.85 -16.11
N VAL B 173 16.80 -9.68 -15.55
CA VAL B 173 15.47 -9.33 -15.03
C VAL B 173 14.48 -9.12 -16.17
N HIS B 174 14.95 -8.61 -17.30
CA HIS B 174 14.08 -8.50 -18.48
C HIS B 174 13.77 -9.85 -19.09
N ARG B 175 14.73 -10.75 -19.11
CA ARG B 175 14.43 -12.11 -19.49
C ARG B 175 13.34 -12.74 -18.58
N GLU B 176 13.39 -12.45 -17.28
CA GLU B 176 12.42 -13.01 -16.35
C GLU B 176 11.07 -12.38 -16.62
N LEU B 177 11.07 -11.07 -16.82
CA LEU B 177 9.83 -10.40 -17.24
C LEU B 177 9.20 -11.13 -18.43
N ALA B 178 9.97 -11.30 -19.48
CA ALA B 178 9.48 -11.91 -20.73
C ALA B 178 8.86 -13.27 -20.48
N SER B 179 9.44 -14.01 -19.52
CA SER B 179 9.00 -15.35 -19.21
C SER B 179 7.60 -15.38 -18.60
N GLY B 180 7.11 -14.22 -18.18
CA GLY B 180 5.75 -14.09 -17.64
C GLY B 180 4.82 -13.16 -18.41
N LEU B 181 5.23 -12.73 -19.61
CA LEU B 181 4.41 -11.89 -20.45
C LEU B 181 3.38 -12.71 -21.22
N SER B 182 2.15 -12.22 -21.23
CA SER B 182 1.04 -12.89 -21.89
C SER B 182 1.21 -12.95 -23.44
N CYS B 183 1.95 -12.01 -24.00
CA CYS B 183 2.14 -11.94 -25.44
C CYS B 183 3.36 -12.71 -25.94
N PRO B 184 3.40 -13.00 -27.24
CA PRO B 184 4.70 -13.45 -27.77
C PRO B 184 5.75 -12.35 -27.61
N VAL B 185 7.03 -12.70 -27.49
CA VAL B 185 8.10 -11.70 -27.26
C VAL B 185 9.28 -11.90 -28.22
N GLY B 186 9.76 -10.82 -28.81
CA GLY B 186 10.97 -10.90 -29.61
C GLY B 186 12.15 -10.26 -28.92
N PHE B 187 13.31 -10.93 -28.96
CA PHE B 187 14.54 -10.42 -28.37
C PHE B 187 15.48 -10.00 -29.46
N LYS B 188 15.94 -8.76 -29.41
CA LYS B 188 16.90 -8.27 -30.38
C LYS B 188 18.30 -8.72 -30.06
N ASN B 189 19.13 -8.82 -31.09
CA ASN B 189 20.55 -9.04 -30.92
C ASN B 189 21.21 -7.77 -30.39
N GLY B 190 22.37 -7.90 -29.76
CA GLY B 190 23.00 -6.78 -29.05
C GLY B 190 23.35 -5.64 -29.98
N THR B 191 23.59 -4.46 -29.40
CA THR B 191 23.92 -3.26 -30.21
C THR B 191 25.19 -3.38 -31.08
N ASP B 192 26.11 -4.27 -30.71
CA ASP B 192 27.30 -4.54 -31.55
C ASP B 192 27.17 -5.78 -32.44
N GLY B 193 25.98 -6.38 -32.45
CA GLY B 193 25.67 -7.50 -33.35
C GLY B 193 25.81 -8.88 -32.74
N ASN B 194 25.87 -8.98 -31.42
CA ASN B 194 25.92 -10.27 -30.73
C ASN B 194 24.56 -10.96 -30.72
N LEU B 195 24.48 -12.12 -31.36
CA LEU B 195 23.23 -12.91 -31.48
C LEU B 195 23.01 -13.88 -30.32
N LYS B 196 24.12 -14.37 -29.78
CA LYS B 196 24.05 -15.33 -28.69
C LYS B 196 23.19 -14.84 -27.51
N ILE B 197 23.23 -13.56 -27.21
CA ILE B 197 22.46 -13.07 -26.05
C ILE B 197 20.98 -13.23 -26.26
N ALA B 198 20.53 -13.09 -27.50
CA ALA B 198 19.11 -13.19 -27.83
C ALA B 198 18.68 -14.66 -27.86
N ILE B 199 19.60 -15.51 -28.34
CA ILE B 199 19.38 -16.95 -28.32
C ILE B 199 19.33 -17.47 -26.88
N ASP B 200 20.28 -17.03 -26.05
CA ASP B 200 20.26 -17.28 -24.61
C ASP B 200 18.97 -16.76 -23.96
N ALA B 201 18.49 -15.61 -24.39
CA ALA B 201 17.31 -15.02 -23.81
C ALA B 201 16.09 -15.90 -24.04
N ILE B 202 15.94 -16.44 -25.25
CA ILE B 202 14.75 -17.26 -25.55
C ILE B 202 14.74 -18.48 -24.65
N GLY B 203 15.88 -19.14 -24.58
CA GLY B 203 16.09 -20.30 -23.73
C GLY B 203 15.64 -19.97 -22.33
N ALA B 204 16.25 -18.94 -21.76
CA ALA B 204 15.94 -18.52 -20.42
C ALA B 204 14.45 -18.17 -20.25
N ALA B 205 13.88 -17.42 -21.20
CA ALA B 205 12.50 -16.95 -21.06
C ALA B 205 11.43 -18.04 -21.17
N SER B 206 11.78 -19.19 -21.74
CA SER B 206 10.84 -20.30 -21.84
C SER B 206 10.68 -21.07 -20.51
N HIS B 207 11.57 -20.86 -19.56
CA HIS B 207 11.48 -21.52 -18.26
C HIS B 207 10.76 -20.64 -17.28
N SER B 208 10.47 -21.19 -16.11
CA SER B 208 9.80 -20.50 -15.02
C SER B 208 10.80 -19.63 -14.22
N HIS B 209 10.34 -18.46 -13.79
CA HIS B 209 11.19 -17.51 -13.03
C HIS B 209 10.40 -16.83 -11.94
N HIS B 210 11.17 -16.28 -11.03
CA HIS B 210 10.68 -15.40 -10.03
C HIS B 210 11.28 -14.02 -10.32
N PHE B 211 10.45 -12.98 -10.29
CA PHE B 211 10.97 -11.60 -10.25
C PHE B 211 10.08 -10.70 -9.36
N LEU B 212 10.59 -9.54 -8.99
CA LEU B 212 9.88 -8.63 -8.14
C LEU B 212 9.19 -7.57 -8.95
N SER B 213 7.94 -7.32 -8.63
CA SER B 213 7.10 -6.37 -9.31
C SER B 213 6.00 -5.95 -8.38
N VAL B 214 4.91 -5.42 -8.91
CA VAL B 214 3.79 -5.02 -8.11
C VAL B 214 2.53 -5.68 -8.57
N THR B 215 1.60 -5.87 -7.67
CA THR B 215 0.27 -6.38 -7.98
C THR B 215 -0.52 -5.36 -8.75
N LYS B 216 -1.63 -5.82 -9.30
CA LYS B 216 -2.59 -4.92 -9.93
C LYS B 216 -2.98 -3.85 -8.92
N ALA B 217 -3.00 -4.18 -7.65
CA ALA B 217 -3.40 -3.21 -6.63
C ALA B 217 -2.26 -2.28 -6.26
N GLY B 218 -1.05 -2.53 -6.76
CA GLY B 218 0.04 -1.57 -6.66
C GLY B 218 0.99 -1.78 -5.50
N HIS B 219 1.07 -3.01 -4.98
CA HIS B 219 1.96 -3.33 -3.85
C HIS B 219 3.05 -4.28 -4.29
N SER B 220 4.17 -4.23 -3.62
CA SER B 220 5.30 -5.05 -4.02
C SER B 220 4.96 -6.52 -3.86
N ALA B 221 5.43 -7.31 -4.81
CA ALA B 221 5.07 -8.70 -4.81
C ALA B 221 6.11 -9.57 -5.49
N ILE B 222 6.03 -10.85 -5.20
CA ILE B 222 6.84 -11.84 -5.85
C ILE B 222 6.02 -12.42 -6.99
N VAL B 223 6.54 -12.30 -8.21
CA VAL B 223 5.92 -12.90 -9.37
C VAL B 223 6.58 -14.22 -9.78
N HIS B 224 5.77 -15.28 -9.90
CA HIS B 224 6.21 -16.61 -10.28
C HIS B 224 5.60 -16.92 -11.66
N THR B 225 6.45 -16.97 -12.67
CA THR B 225 5.98 -17.14 -14.04
C THR B 225 6.00 -18.58 -14.47
N GLY B 226 5.24 -18.85 -15.53
CA GLY B 226 5.11 -20.21 -16.12
C GLY B 226 6.02 -20.48 -17.30
N GLY B 227 6.75 -19.47 -17.76
CA GLY B 227 7.56 -19.58 -18.96
C GLY B 227 6.78 -19.10 -20.16
N ASN B 228 7.50 -18.66 -21.16
CA ASN B 228 6.90 -18.10 -22.36
C ASN B 228 7.43 -18.93 -23.50
N PRO B 229 6.54 -19.69 -24.17
CA PRO B 229 7.03 -20.60 -25.19
C PRO B 229 7.09 -19.98 -26.57
N ASP B 230 6.77 -18.70 -26.65
CA ASP B 230 6.56 -18.01 -27.92
C ASP B 230 7.61 -16.95 -28.26
N CYS B 231 8.82 -17.12 -27.77
CA CYS B 231 9.83 -16.08 -27.95
C CYS B 231 10.65 -16.38 -29.20
N HIS B 232 11.19 -15.34 -29.83
CA HIS B 232 12.03 -15.52 -31.01
C HIS B 232 13.05 -14.40 -31.07
N VAL B 233 14.03 -14.48 -31.99
CA VAL B 233 15.01 -13.40 -32.10
C VAL B 233 14.57 -12.34 -33.09
N ILE B 234 15.16 -11.15 -32.99
CA ILE B 234 15.08 -10.15 -34.02
C ILE B 234 16.50 -9.80 -34.46
N LEU B 235 16.73 -9.82 -35.78
CA LEU B 235 18.00 -9.39 -36.35
C LEU B 235 17.92 -7.88 -36.63
N ARG B 236 18.84 -7.12 -36.02
CA ARG B 236 18.77 -5.66 -36.09
C ARG B 236 20.12 -5.03 -36.32
N GLY B 237 21.09 -5.84 -36.73
CA GLY B 237 22.41 -5.35 -37.10
C GLY B 237 23.30 -5.03 -35.91
N GLY B 238 24.50 -4.59 -36.21
CA GLY B 238 25.49 -4.31 -35.18
C GLY B 238 26.51 -3.32 -35.69
N LYS B 239 27.79 -3.64 -35.52
CA LYS B 239 28.83 -2.90 -36.23
C LYS B 239 28.53 -2.98 -37.75
N GLU B 240 28.06 -4.15 -38.20
CA GLU B 240 27.56 -4.35 -39.58
C GLU B 240 26.12 -4.90 -39.63
N PRO B 241 25.42 -4.72 -40.78
CA PRO B 241 24.06 -5.27 -40.97
C PRO B 241 24.03 -6.79 -40.99
N ASN B 242 22.96 -7.37 -40.46
CA ASN B 242 22.77 -8.82 -40.38
C ASN B 242 21.50 -9.41 -41.02
N TYR B 243 20.92 -8.70 -41.99
CA TYR B 243 19.60 -9.04 -42.55
C TYR B 243 19.63 -9.99 -43.73
N ASP B 244 20.80 -10.25 -44.32
CA ASP B 244 20.83 -11.03 -45.57
C ASP B 244 20.75 -12.56 -45.36
N ALA B 245 20.52 -13.26 -46.47
CA ALA B 245 20.35 -14.72 -46.48
C ALA B 245 21.43 -15.45 -45.70
N GLU B 246 22.67 -14.99 -45.84
CA GLU B 246 23.82 -15.61 -45.17
C GLU B 246 23.83 -15.35 -43.66
N HIS B 247 23.41 -14.16 -43.22
CA HIS B 247 23.26 -13.91 -41.77
C HIS B 247 22.00 -14.64 -41.24
N VAL B 248 20.95 -14.71 -42.05
CA VAL B 248 19.73 -15.44 -41.65
C VAL B 248 20.01 -16.93 -41.46
N SER B 249 20.63 -17.51 -42.50
CA SER B 249 21.09 -18.88 -42.49
C SER B 249 21.96 -19.20 -41.27
N GLU B 250 22.97 -18.40 -41.02
CA GLU B 250 23.85 -18.63 -39.87
C GLU B 250 23.07 -18.56 -38.56
N ALA B 251 22.12 -17.62 -38.47
CA ALA B 251 21.29 -17.49 -37.28
C ALA B 251 20.42 -18.72 -37.07
N ALA B 252 19.74 -19.13 -38.14
CA ALA B 252 18.93 -20.35 -38.12
C ALA B 252 19.73 -21.51 -37.55
N GLU B 253 20.97 -21.64 -38.00
CA GLU B 253 21.82 -22.75 -37.58
C GLU B 253 22.11 -22.74 -36.08
N GLN B 254 22.51 -21.58 -35.58
CA GLN B 254 22.77 -21.44 -34.16
C GLN B 254 21.51 -21.68 -33.36
N LEU B 255 20.38 -21.19 -33.89
CA LEU B 255 19.07 -21.43 -33.26
C LEU B 255 18.72 -22.92 -33.13
N ARG B 256 18.67 -23.66 -34.25
CA ARG B 256 18.42 -25.11 -34.20
C ARG B 256 19.38 -25.78 -33.23
N ALA B 257 20.67 -25.44 -33.37
CA ALA B 257 21.72 -25.98 -32.51
C ALA B 257 21.47 -25.75 -31.03
N ALA B 258 20.88 -24.62 -30.65
CA ALA B 258 20.44 -24.40 -29.26
C ALA B 258 19.05 -25.02 -28.94
N GLY B 259 18.40 -25.63 -29.91
CA GLY B 259 17.10 -26.30 -29.66
C GLY B 259 15.94 -25.34 -29.43
N VAL B 260 16.04 -24.14 -29.96
CA VAL B 260 14.96 -23.16 -29.92
C VAL B 260 14.55 -22.86 -31.35
N THR B 261 13.48 -22.10 -31.51
CA THR B 261 12.87 -21.91 -32.83
C THR B 261 13.78 -21.18 -33.79
N ASP B 262 13.87 -21.73 -35.00
CA ASP B 262 14.72 -21.17 -36.05
C ASP B 262 13.91 -20.27 -37.00
N LYS B 263 12.78 -19.74 -36.51
CA LYS B 263 12.06 -18.71 -37.22
C LYS B 263 12.37 -17.35 -36.56
N LEU B 264 12.76 -16.38 -37.38
CA LEU B 264 13.17 -15.10 -36.83
C LEU B 264 12.52 -13.94 -37.56
N MET B 265 12.65 -12.78 -36.95
CA MET B 265 12.13 -11.52 -37.48
C MET B 265 13.32 -10.61 -37.89
N ILE B 266 13.16 -9.83 -38.94
CA ILE B 266 14.21 -8.92 -39.31
C ILE B 266 13.74 -7.49 -39.19
N ASP B 267 14.47 -6.72 -38.39
CA ASP B 267 14.24 -5.29 -38.27
C ASP B 267 14.83 -4.60 -39.46
N CYS B 268 14.00 -3.92 -40.22
CA CYS B 268 14.48 -3.09 -41.33
C CYS B 268 15.18 -1.82 -40.93
N SER B 269 14.88 -1.34 -39.72
CA SER B 269 15.39 -0.09 -39.17
C SER B 269 16.64 -0.23 -38.31
N HIS B 270 17.05 0.90 -37.74
CA HIS B 270 18.23 0.99 -36.89
C HIS B 270 19.51 0.59 -37.62
N ALA B 271 20.29 -0.30 -37.01
CA ALA B 271 21.64 -0.61 -37.51
C ALA B 271 21.64 -1.39 -38.82
N ASN B 272 20.51 -2.05 -39.13
CA ASN B 272 20.35 -2.70 -40.43
C ASN B 272 20.15 -1.69 -41.59
N SER B 273 19.69 -0.49 -41.26
CA SER B 273 19.49 0.61 -42.23
C SER B 273 20.65 1.62 -42.21
N ARG B 274 21.58 1.46 -41.28
CA ARG B 274 22.66 2.42 -41.00
C ARG B 274 22.14 3.70 -40.30
N LYS B 275 20.96 3.58 -39.68
CA LYS B 275 20.27 4.73 -39.06
C LYS B 275 19.82 5.82 -40.08
N ASP B 276 19.64 5.41 -41.34
CA ASP B 276 19.06 6.27 -42.41
C ASP B 276 17.75 5.64 -42.86
N TYR B 277 16.62 6.27 -42.54
CA TYR B 277 15.31 5.73 -42.90
C TYR B 277 15.15 5.37 -44.38
N THR B 278 15.89 6.03 -45.26
CA THR B 278 15.82 5.73 -46.70
C THR B 278 16.30 4.32 -47.08
N ARG B 279 17.11 3.70 -46.21
CA ARG B 279 17.61 2.37 -46.46
C ARG B 279 16.73 1.26 -45.90
N GLN B 280 15.70 1.60 -45.12
CA GLN B 280 14.70 0.60 -44.69
C GLN B 280 14.11 -0.17 -45.88
N MET B 281 13.91 0.55 -46.99
CA MET B 281 13.34 -0.04 -48.18
C MET B 281 14.30 -1.05 -48.85
N GLU B 282 15.59 -0.71 -48.86
CA GLU B 282 16.61 -1.60 -49.43
C GLU B 282 16.73 -2.87 -48.60
N VAL B 283 16.53 -2.77 -47.29
CA VAL B 283 16.50 -3.95 -46.44
C VAL B 283 15.28 -4.81 -46.78
N ALA B 284 14.13 -4.16 -46.93
CA ALA B 284 12.90 -4.88 -47.25
C ALA B 284 12.97 -5.53 -48.62
N GLN B 285 13.63 -4.89 -49.58
CA GLN B 285 13.80 -5.48 -50.91
C GLN B 285 14.63 -6.76 -50.81
N ASP B 286 15.65 -6.76 -49.97
CA ASP B 286 16.46 -7.94 -49.80
C ASP B 286 15.66 -9.09 -49.16
N ILE B 287 14.84 -8.75 -48.17
CA ILE B 287 13.98 -9.74 -47.54
C ILE B 287 13.02 -10.28 -48.59
N ALA B 288 12.52 -9.40 -49.44
CA ALA B 288 11.58 -9.81 -50.48
C ALA B 288 12.23 -10.85 -51.37
N ALA B 289 13.47 -10.59 -51.76
CA ALA B 289 14.22 -11.50 -52.65
C ALA B 289 14.42 -12.85 -52.00
N GLN B 290 14.75 -12.83 -50.71
CA GLN B 290 14.88 -14.06 -49.92
C GLN B 290 13.61 -14.91 -49.91
N LEU B 291 12.47 -14.27 -49.67
CA LEU B 291 11.18 -14.97 -49.60
C LEU B 291 10.80 -15.62 -50.92
N GLU B 292 11.04 -14.92 -52.00
CA GLU B 292 10.66 -15.40 -53.33
C GLU B 292 11.57 -16.56 -53.82
N GLN B 293 12.74 -16.72 -53.20
CA GLN B 293 13.64 -17.83 -53.50
C GLN B 293 13.43 -18.98 -52.51
N ASP B 294 13.34 -18.64 -51.24
CA ASP B 294 13.18 -19.62 -50.18
C ASP B 294 12.70 -18.94 -48.90
N GLY B 295 13.62 -18.30 -48.18
CA GLY B 295 13.30 -17.57 -46.96
C GLY B 295 12.58 -18.39 -45.91
N GLY B 296 12.99 -19.65 -45.73
CA GLY B 296 12.32 -20.58 -44.82
C GLY B 296 12.28 -20.13 -43.36
N ASN B 297 13.30 -19.38 -42.95
CA ASN B 297 13.46 -19.02 -41.57
C ASN B 297 12.88 -17.66 -41.15
N ILE B 298 12.22 -16.96 -42.07
CA ILE B 298 11.71 -15.62 -41.78
C ILE B 298 10.23 -15.70 -41.48
N MET B 299 9.85 -15.18 -40.30
CA MET B 299 8.45 -15.15 -39.87
C MET B 299 7.94 -13.72 -39.66
N GLY B 300 8.82 -12.72 -39.72
CA GLY B 300 8.41 -11.35 -39.51
C GLY B 300 9.43 -10.32 -39.90
N VAL B 301 8.95 -9.08 -40.04
CA VAL B 301 9.82 -7.91 -40.23
C VAL B 301 9.33 -6.74 -39.37
N MET B 302 10.24 -5.80 -39.12
CA MET B 302 9.94 -4.63 -38.29
C MET B 302 10.28 -3.38 -39.07
N VAL B 303 9.35 -2.45 -39.11
CA VAL B 303 9.48 -1.25 -39.91
C VAL B 303 9.04 -0.03 -39.13
N GLU B 304 9.87 1.01 -39.19
CA GLU B 304 9.57 2.27 -38.55
C GLU B 304 8.94 3.17 -39.59
N SER B 305 7.65 3.43 -39.42
CA SER B 305 6.89 4.22 -40.37
C SER B 305 5.91 5.17 -39.68
N HIS B 306 5.60 6.25 -40.37
CA HIS B 306 4.66 7.28 -39.89
C HIS B 306 3.90 7.86 -41.08
N LEU B 307 2.88 8.67 -40.81
CA LEU B 307 2.17 9.44 -41.83
C LEU B 307 3.10 10.25 -42.73
N VAL B 308 3.82 11.19 -42.12
CA VAL B 308 4.76 12.02 -42.85
C VAL B 308 6.15 11.51 -42.52
N GLU B 309 6.97 11.37 -43.55
CA GLU B 309 8.31 10.79 -43.44
C GLU B 309 9.31 11.70 -42.75
N GLY B 310 10.38 11.11 -42.23
CA GLY B 310 11.47 11.85 -41.63
C GLY B 310 11.38 11.98 -40.12
N ARG B 311 12.12 12.98 -39.63
CA ARG B 311 12.20 13.31 -38.21
C ARG B 311 11.89 14.79 -37.98
N GLN B 312 11.79 15.14 -36.70
CA GLN B 312 11.70 16.51 -36.25
C GLN B 312 12.46 16.64 -34.95
N ASP B 313 13.23 17.71 -34.79
CA ASP B 313 13.89 17.98 -33.52
C ASP B 313 12.85 18.24 -32.45
N LYS B 314 11.81 18.97 -32.82
CA LYS B 314 10.72 19.31 -31.92
C LYS B 314 9.42 18.97 -32.63
N PRO B 315 8.36 18.75 -31.88
CA PRO B 315 7.11 18.28 -32.50
C PRO B 315 6.31 19.43 -33.10
N GLU B 316 6.82 19.99 -34.18
CA GLU B 316 6.15 21.09 -34.87
C GLU B 316 5.18 20.62 -35.94
N VAL B 317 5.20 19.34 -36.27
CA VAL B 317 4.38 18.85 -37.39
C VAL B 317 3.58 17.58 -37.08
N TYR B 318 2.46 17.43 -37.79
CA TYR B 318 1.57 16.30 -37.63
C TYR B 318 2.24 15.04 -38.16
N GLY B 319 2.05 13.93 -37.45
CA GLY B 319 2.46 12.63 -37.95
C GLY B 319 3.92 12.60 -38.34
N LYS B 320 4.76 13.27 -37.57
CA LYS B 320 6.19 13.28 -37.82
C LYS B 320 6.94 12.88 -36.57
N SER B 321 7.86 11.94 -36.70
CA SER B 321 8.58 11.43 -35.54
C SER B 321 9.45 12.47 -34.88
N ILE B 322 9.50 12.42 -33.55
CA ILE B 322 10.38 13.27 -32.74
C ILE B 322 11.60 12.47 -32.20
N THR B 323 11.65 11.18 -32.52
CA THR B 323 12.74 10.28 -32.13
C THR B 323 13.43 9.76 -33.42
N ASP B 324 13.66 8.46 -33.62
CA ASP B 324 14.27 7.99 -34.88
C ASP B 324 13.43 8.38 -36.11
N ALA B 325 14.11 8.55 -37.25
CA ALA B 325 13.47 8.96 -38.51
C ALA B 325 12.72 7.78 -39.16
N CYS B 326 11.49 8.04 -39.61
CA CYS B 326 10.61 6.99 -40.13
C CYS B 326 10.21 7.30 -41.55
N ILE B 327 10.08 6.25 -42.38
CA ILE B 327 9.54 6.42 -43.73
C ILE B 327 8.10 6.88 -43.61
N GLY B 328 7.59 7.45 -44.69
CA GLY B 328 6.27 8.04 -44.71
C GLY B 328 5.23 7.04 -45.14
N TRP B 329 4.02 7.51 -45.35
CA TRP B 329 2.92 6.62 -45.68
C TRP B 329 3.12 6.07 -47.08
N GLY B 330 3.52 6.91 -48.03
CA GLY B 330 3.74 6.48 -49.40
C GLY B 330 4.73 5.34 -49.46
N ALA B 331 5.91 5.57 -48.89
CA ALA B 331 6.95 4.55 -48.77
C ALA B 331 6.50 3.30 -47.98
N THR B 332 5.54 3.49 -47.08
CA THR B 332 4.95 2.39 -46.32
C THR B 332 3.97 1.54 -47.15
N GLU B 333 3.13 2.19 -47.94
CA GLU B 333 2.25 1.47 -48.87
C GLU B 333 3.06 0.58 -49.80
N GLU B 334 4.22 1.10 -50.23
CA GLU B 334 5.09 0.44 -51.20
C GLU B 334 5.86 -0.70 -50.54
N LEU B 335 6.27 -0.51 -49.30
CA LEU B 335 7.00 -1.55 -48.61
C LEU B 335 6.08 -2.74 -48.38
N LEU B 336 4.91 -2.50 -47.84
CA LEU B 336 3.95 -3.56 -47.56
C LEU B 336 3.51 -4.27 -48.81
N ALA B 337 3.31 -3.53 -49.91
CA ALA B 337 2.96 -4.16 -51.19
C ALA B 337 4.07 -5.12 -51.60
N LEU B 338 5.30 -4.63 -51.51
CA LEU B 338 6.46 -5.43 -51.86
C LEU B 338 6.50 -6.73 -51.05
N LEU B 339 6.22 -6.62 -49.76
CA LEU B 339 6.29 -7.78 -48.86
C LEU B 339 5.15 -8.75 -49.07
N ALA B 340 3.94 -8.23 -49.20
CA ALA B 340 2.77 -9.04 -49.49
C ALA B 340 2.94 -9.83 -50.78
N GLY B 341 3.52 -9.18 -51.78
CA GLY B 341 3.67 -9.80 -53.11
C GLY B 341 4.68 -10.91 -53.10
N ALA B 342 5.84 -10.61 -52.51
CA ALA B 342 6.90 -11.60 -52.36
C ALA B 342 6.42 -12.77 -51.50
N ASN B 343 5.70 -12.48 -50.42
CA ASN B 343 5.27 -13.56 -49.54
C ASN B 343 4.12 -14.37 -50.09
N LYS B 344 3.29 -13.75 -50.93
CA LYS B 344 2.28 -14.50 -51.68
C LYS B 344 2.98 -15.65 -52.41
N LYS B 345 4.11 -15.36 -53.03
CA LYS B 345 4.84 -16.36 -53.79
C LYS B 345 5.45 -17.45 -52.92
N ARG B 346 5.95 -17.08 -51.72
CA ARG B 346 6.49 -18.08 -50.79
C ARG B 346 5.37 -19.01 -50.32
N MET B 347 4.22 -18.43 -49.95
CA MET B 347 3.11 -19.20 -49.42
C MET B 347 2.52 -20.16 -50.45
N ALA B 348 2.61 -19.81 -51.74
CA ALA B 348 1.97 -20.59 -52.79
C ALA B 348 2.76 -21.82 -53.27
N ARG B 349 3.92 -22.09 -52.67
CA ARG B 349 4.74 -23.27 -53.01
C ARG B 349 4.76 -24.19 -51.79
N HIS C 4 -5.96 29.33 -4.71
CA HIS C 4 -6.42 27.92 -4.58
C HIS C 4 -6.29 27.43 -3.12
N TYR C 5 -7.26 27.80 -2.29
CA TYR C 5 -7.16 27.61 -0.84
C TYR C 5 -7.08 26.13 -0.45
N PRO C 6 -6.31 25.81 0.61
CA PRO C 6 -6.21 24.43 1.06
C PRO C 6 -7.46 24.00 1.82
N THR C 7 -7.90 22.77 1.61
CA THR C 7 -9.05 22.18 2.30
C THR C 7 -8.84 20.81 2.95
N ASP C 8 -7.65 20.22 2.80
CA ASP C 8 -7.42 18.82 3.18
C ASP C 8 -6.41 18.72 4.33
N ASP C 9 -6.70 17.87 5.31
CA ASP C 9 -5.77 17.64 6.42
C ASP C 9 -5.36 18.96 7.15
N ILE C 10 -6.26 19.93 7.21
CA ILE C 10 -5.96 21.22 7.86
C ILE C 10 -5.50 21.08 9.31
N LYS C 11 -6.10 20.15 10.05
CA LYS C 11 -5.78 19.97 11.46
C LYS C 11 -5.06 18.63 11.71
N ILE C 12 -4.23 18.24 10.75
CA ILE C 12 -3.44 17.01 10.87
C ILE C 12 -1.96 17.40 11.04
N LYS C 13 -1.38 17.02 12.17
CA LYS C 13 0.06 17.28 12.44
C LYS C 13 0.94 16.36 11.64
N GLU C 14 0.50 15.11 11.51
CA GLU C 14 1.25 14.09 10.81
C GLU C 14 0.40 12.87 10.56
N VAL C 15 0.66 12.24 9.42
CA VAL C 15 0.25 10.89 9.17
C VAL C 15 1.53 10.05 9.03
N LYS C 16 1.56 8.89 9.70
CA LYS C 16 2.70 7.97 9.62
C LYS C 16 2.17 6.57 9.32
N GLU C 17 2.85 5.90 8.40
CA GLU C 17 2.54 4.53 8.05
C GLU C 17 2.81 3.57 9.20
N LEU C 18 1.96 2.57 9.30
CA LEU C 18 2.03 1.51 10.27
C LEU C 18 2.54 0.29 9.60
N LEU C 19 3.26 -0.55 10.32
CA LEU C 19 3.51 -1.86 9.79
C LEU C 19 2.16 -2.55 9.63
N PRO C 20 1.96 -3.19 8.50
CA PRO C 20 0.75 -3.94 8.31
C PRO C 20 0.69 -5.16 9.23
N PRO C 21 -0.52 -5.67 9.47
CA PRO C 21 -0.72 -6.91 10.21
C PRO C 21 0.23 -8.02 9.80
N ILE C 22 0.46 -8.21 8.50
CA ILE C 22 1.29 -9.32 8.03
C ILE C 22 2.70 -9.26 8.55
N ALA C 23 3.21 -8.08 8.80
CA ALA C 23 4.57 -7.98 9.36
C ALA C 23 4.62 -8.60 10.76
N HIS C 24 3.58 -8.34 11.56
CA HIS C 24 3.58 -8.85 12.91
C HIS C 24 3.21 -10.32 12.86
N LEU C 25 2.32 -10.72 11.95
CA LEU C 25 1.99 -12.14 11.80
C LEU C 25 3.17 -12.97 11.31
N TYR C 26 4.12 -12.33 10.65
CA TYR C 26 5.28 -13.02 10.13
C TYR C 26 6.24 -13.26 11.24
N GLU C 27 6.34 -12.31 12.16
CA GLU C 27 7.30 -12.43 13.25
C GLU C 27 6.75 -13.26 14.38
N LEU C 28 5.43 -13.30 14.52
CA LEU C 28 4.82 -13.94 15.66
C LEU C 28 3.66 -14.72 15.13
N PRO C 29 3.94 -15.80 14.41
CA PRO C 29 2.82 -16.54 13.83
C PRO C 29 2.14 -17.33 14.93
N ILE C 30 0.84 -17.53 14.83
CA ILE C 30 0.17 -18.33 15.84
C ILE C 30 0.72 -19.77 15.84
N SER C 31 0.96 -20.33 17.01
CA SER C 31 1.42 -21.73 17.14
C SER C 31 0.26 -22.73 17.06
N LYS C 32 0.59 -24.01 16.94
CA LYS C 32 -0.41 -25.07 16.96
C LYS C 32 -1.22 -25.05 18.27
N GLU C 33 -0.51 -24.87 19.39
CA GLU C 33 -1.11 -24.91 20.74
C GLU C 33 -2.03 -23.71 20.95
N ALA C 34 -1.60 -22.53 20.51
CA ALA C 34 -2.36 -21.32 20.65
C ALA C 34 -3.60 -21.35 19.75
N SER C 35 -3.44 -21.84 18.54
CA SER C 35 -4.60 -22.09 17.65
C SER C 35 -5.64 -22.99 18.29
N GLY C 36 -5.18 -24.11 18.82
CA GLY C 36 -6.04 -25.05 19.51
C GLY C 36 -6.76 -24.46 20.70
N LEU C 37 -6.05 -23.69 21.52
CA LEU C 37 -6.67 -23.11 22.71
C LEU C 37 -7.68 -22.04 22.33
N VAL C 38 -7.34 -21.18 21.38
CA VAL C 38 -8.27 -20.16 20.93
C VAL C 38 -9.55 -20.81 20.36
N HIS C 39 -9.37 -21.75 19.44
CA HIS C 39 -10.50 -22.41 18.80
C HIS C 39 -11.39 -23.06 19.86
N ARG C 40 -10.76 -23.83 20.72
CA ARG C 40 -11.47 -24.56 21.74
C ARG C 40 -12.23 -23.62 22.69
N THR C 41 -11.57 -22.55 23.12
CA THR C 41 -12.14 -21.65 24.08
C THR C 41 -13.32 -20.91 23.46
N ARG C 42 -13.18 -20.48 22.22
CA ARG C 42 -14.28 -19.78 21.56
C ARG C 42 -15.53 -20.69 21.50
N GLN C 43 -15.35 -21.96 21.19
CA GLN C 43 -16.43 -22.90 21.17
C GLN C 43 -17.04 -23.09 22.55
N GLU C 44 -16.18 -23.32 23.54
CA GLU C 44 -16.65 -23.51 24.91
C GLU C 44 -17.46 -22.32 25.41
N ILE C 45 -17.05 -21.12 25.03
CA ILE C 45 -17.81 -19.91 25.40
C ILE C 45 -19.14 -19.84 24.66
N SER C 46 -19.17 -20.10 23.36
CA SER C 46 -20.46 -20.10 22.66
C SER C 46 -21.42 -21.10 23.32
N ASP C 47 -20.89 -22.20 23.82
CA ASP C 47 -21.74 -23.17 24.51
C ASP C 47 -22.40 -22.54 25.73
N LEU C 48 -21.69 -21.68 26.44
CA LEU C 48 -22.28 -20.98 27.59
C LEU C 48 -23.28 -19.93 27.16
N VAL C 49 -23.02 -19.30 26.02
CA VAL C 49 -23.90 -18.25 25.46
C VAL C 49 -25.26 -18.79 25.10
N HIS C 50 -25.29 -20.00 24.54
CA HIS C 50 -26.53 -20.58 24.07
C HIS C 50 -27.09 -21.62 25.04
N GLY C 51 -26.47 -21.80 26.20
CA GLY C 51 -27.04 -22.63 27.27
C GLY C 51 -26.80 -24.11 27.12
N ARG C 52 -25.79 -24.48 26.34
CA ARG C 52 -25.47 -25.85 26.12
C ARG C 52 -24.60 -26.43 27.25
N ASP C 53 -24.04 -25.53 28.06
CA ASP C 53 -23.19 -25.88 29.19
C ASP C 53 -23.45 -24.79 30.24
N LYS C 54 -23.41 -25.18 31.50
CA LYS C 54 -23.74 -24.29 32.58
C LYS C 54 -22.52 -23.84 33.38
N ARG C 55 -21.32 -24.06 32.86
CA ARG C 55 -20.12 -23.51 33.50
C ARG C 55 -20.21 -22.03 33.43
N LEU C 56 -19.58 -21.36 34.38
CA LEU C 56 -19.58 -19.89 34.43
C LEU C 56 -18.30 -19.34 33.76
N LEU C 57 -18.46 -18.45 32.80
CA LEU C 57 -17.35 -17.76 32.18
C LEU C 57 -16.93 -16.68 33.12
N VAL C 58 -15.65 -16.62 33.42
CA VAL C 58 -15.12 -15.59 34.29
C VAL C 58 -14.05 -14.83 33.51
N ILE C 59 -14.38 -13.61 33.11
CA ILE C 59 -13.39 -12.75 32.48
C ILE C 59 -12.71 -11.98 33.60
N ILE C 60 -11.44 -12.27 33.83
CA ILE C 60 -10.77 -11.75 35.01
C ILE C 60 -9.31 -11.40 34.72
N GLY C 61 -8.92 -10.25 35.25
CA GLY C 61 -7.59 -9.78 35.05
C GLY C 61 -7.47 -8.29 35.24
N PRO C 62 -6.28 -7.75 34.94
CA PRO C 62 -6.05 -6.33 35.25
C PRO C 62 -7.02 -5.46 34.49
N CYS C 63 -7.26 -4.26 35.00
CA CYS C 63 -8.03 -3.26 34.27
C CYS C 63 -7.37 -2.93 32.92
N SER C 64 -6.06 -2.66 32.95
CA SER C 64 -5.27 -2.48 31.71
C SER C 64 -3.90 -3.13 31.91
N ILE C 65 -3.27 -3.60 30.84
CA ILE C 65 -1.93 -4.15 30.94
C ILE C 65 -0.95 -3.00 30.72
N HIS C 66 -0.08 -2.72 31.68
CA HIS C 66 0.97 -1.73 31.48
C HIS C 66 2.39 -2.31 31.61
N ASP C 67 2.45 -3.54 32.08
CA ASP C 67 3.69 -4.29 32.15
C ASP C 67 3.43 -5.73 31.75
N PRO C 68 4.05 -6.19 30.68
CA PRO C 68 3.96 -7.57 30.28
C PRO C 68 4.49 -8.58 31.25
N LYS C 69 5.58 -8.27 31.95
CA LYS C 69 6.12 -9.22 32.93
C LYS C 69 5.09 -9.50 34.02
N ALA C 70 4.49 -8.47 34.56
CA ALA C 70 3.50 -8.64 35.61
C ALA C 70 2.31 -9.42 35.11
N ALA C 71 1.92 -9.19 33.85
CA ALA C 71 0.77 -9.87 33.26
C ALA C 71 1.05 -11.35 33.12
N LEU C 72 2.26 -11.67 32.67
CA LEU C 72 2.72 -13.06 32.56
C LEU C 72 2.77 -13.69 33.92
N GLU C 73 3.28 -12.99 34.91
CA GLU C 73 3.28 -13.53 36.27
C GLU C 73 1.84 -13.77 36.80
N TYR C 74 0.97 -12.76 36.65
CA TYR C 74 -0.45 -12.90 37.00
C TYR C 74 -1.03 -14.13 36.29
N ALA C 75 -0.76 -14.27 35.01
CA ALA C 75 -1.30 -15.41 34.27
C ALA C 75 -0.92 -16.76 34.87
N GLU C 76 0.35 -16.89 35.30
CA GLU C 76 0.87 -18.14 35.83
C GLU C 76 0.10 -18.55 37.05
N ARG C 77 -0.24 -17.58 37.90
CA ARG C 77 -1.10 -17.82 39.07
C ARG C 77 -2.51 -18.15 38.69
N LEU C 78 -3.06 -17.40 37.75
CA LEU C 78 -4.42 -17.64 37.32
C LEU C 78 -4.55 -19.00 36.69
N LEU C 79 -3.52 -19.43 35.97
CA LEU C 79 -3.56 -20.71 35.29
C LEU C 79 -3.92 -21.87 36.25
N LYS C 80 -3.28 -21.87 37.42
CA LYS C 80 -3.54 -22.88 38.46
C LYS C 80 -5.00 -23.00 38.81
N LEU C 81 -5.65 -21.86 38.98
CA LEU C 81 -7.04 -21.80 39.34
C LEU C 81 -7.99 -22.11 38.14
N ARG C 82 -7.55 -21.77 36.92
CA ARG C 82 -8.27 -22.13 35.70
C ARG C 82 -8.38 -23.67 35.62
N LYS C 83 -7.27 -24.33 35.87
CA LYS C 83 -7.26 -25.79 35.90
C LYS C 83 -8.09 -26.36 37.07
N GLN C 84 -7.85 -25.81 38.25
CA GLN C 84 -8.47 -26.30 39.45
C GLN C 84 -10.01 -26.19 39.38
N TYR C 85 -10.50 -25.14 38.74
CA TYR C 85 -11.94 -24.90 38.65
C TYR C 85 -12.59 -25.24 37.30
N GLU C 86 -11.87 -25.98 36.47
CA GLU C 86 -12.27 -26.17 35.10
C GLU C 86 -13.64 -26.88 34.90
N ASN C 87 -14.12 -27.60 35.90
CA ASN C 87 -15.43 -28.25 35.79
C ASN C 87 -16.60 -27.31 36.13
N GLU C 88 -16.30 -26.21 36.81
CA GLU C 88 -17.33 -25.25 37.24
C GLU C 88 -17.25 -23.92 36.54
N LEU C 89 -16.02 -23.48 36.26
CA LEU C 89 -15.76 -22.15 35.72
C LEU C 89 -14.84 -22.23 34.52
N LEU C 90 -15.07 -21.35 33.56
CA LEU C 90 -14.22 -21.21 32.43
C LEU C 90 -13.51 -19.87 32.60
N ILE C 91 -12.28 -19.93 33.05
CA ILE C 91 -11.49 -18.73 33.37
C ILE C 91 -10.68 -18.31 32.15
N VAL C 92 -10.82 -17.04 31.79
CA VAL C 92 -10.17 -16.44 30.65
C VAL C 92 -9.61 -15.14 31.14
N MET C 93 -8.34 -14.86 30.84
CA MET C 93 -7.69 -13.66 31.35
C MET C 93 -8.14 -12.41 30.63
N ARG C 94 -8.26 -11.34 31.39
CA ARG C 94 -8.55 -10.04 30.84
C ARG C 94 -7.25 -9.46 30.33
N VAL C 95 -7.20 -9.09 29.06
CA VAL C 95 -6.01 -8.46 28.50
C VAL C 95 -6.40 -7.22 27.72
N TYR C 96 -6.71 -6.16 28.45
CA TYR C 96 -7.10 -4.91 27.86
C TYR C 96 -5.85 -4.02 27.78
N PHE C 97 -5.55 -3.48 26.62
CA PHE C 97 -4.37 -2.67 26.47
C PHE C 97 -4.58 -1.19 26.82
N GLU C 98 -5.82 -0.75 26.72
CA GLU C 98 -6.20 0.63 27.04
C GLU C 98 -7.50 0.67 27.86
N LYS C 99 -7.67 1.73 28.66
CA LYS C 99 -8.99 2.08 29.22
C LYS C 99 -9.48 3.40 28.62
N PRO C 100 -10.57 3.36 27.80
CA PRO C 100 -11.08 4.61 27.21
C PRO C 100 -11.44 5.63 28.28
N ARG C 101 -11.21 6.90 27.97
CA ARG C 101 -11.45 7.97 28.91
C ARG C 101 -11.70 9.28 28.18
N THR C 102 -12.35 10.21 28.86
CA THR C 102 -12.65 11.51 28.28
C THR C 102 -11.54 12.54 28.54
N THR C 103 -10.95 12.52 29.74
CA THR C 103 -9.86 13.46 30.09
C THR C 103 -8.52 13.15 29.37
N VAL C 104 -7.54 14.03 29.51
CA VAL C 104 -6.19 13.78 28.96
C VAL C 104 -5.42 12.80 29.85
N GLY C 105 -4.80 11.78 29.25
CA GLY C 105 -4.06 10.75 30.02
C GLY C 105 -3.46 9.60 29.21
N TRP C 106 -2.87 8.64 29.92
CA TRP C 106 -2.14 7.53 29.28
C TRP C 106 -3.05 6.77 28.34
N LYS C 107 -2.67 6.74 27.08
CA LYS C 107 -3.53 6.18 26.05
C LYS C 107 -3.40 4.65 25.87
N GLY C 108 -2.77 3.95 26.83
CA GLY C 108 -2.68 2.48 26.78
C GLY C 108 -1.39 1.90 26.23
N LEU C 109 -1.27 0.59 26.30
CA LEU C 109 -0.03 -0.09 25.94
C LEU C 109 0.23 -0.14 24.42
N ILE C 110 -0.83 -0.21 23.64
CA ILE C 110 -0.68 -0.22 22.18
C ILE C 110 -0.27 1.17 21.70
N ASN C 111 -0.95 2.19 22.21
CA ASN C 111 -0.70 3.56 21.79
C ASN C 111 0.53 4.19 22.35
N ASP C 112 0.87 3.84 23.59
CA ASP C 112 2.02 4.42 24.26
C ASP C 112 2.71 3.38 25.13
N PRO C 113 3.35 2.40 24.50
CA PRO C 113 4.02 1.35 25.27
C PRO C 113 5.13 1.84 26.21
N HIS C 114 5.82 2.92 25.87
CA HIS C 114 6.89 3.40 26.74
C HIS C 114 6.34 4.25 27.91
N LEU C 115 5.04 4.48 27.90
CA LEU C 115 4.39 5.18 29.01
C LEU C 115 5.02 6.54 29.26
N ASP C 116 5.36 7.21 28.17
CA ASP C 116 6.04 8.50 28.20
C ASP C 116 5.54 9.53 27.16
N GLY C 117 4.46 9.21 26.43
CA GLY C 117 3.90 10.12 25.43
C GLY C 117 4.52 10.15 24.03
N THR C 118 5.27 9.11 23.66
CA THR C 118 5.92 9.05 22.33
C THR C 118 5.04 8.35 21.25
N PHE C 119 4.06 7.59 21.69
CA PHE C 119 3.16 6.90 20.78
C PHE C 119 3.87 5.98 19.76
N ASP C 120 4.65 5.05 20.26
CA ASP C 120 5.37 4.11 19.42
C ASP C 120 4.42 2.93 19.15
N ILE C 121 3.47 3.15 18.27
CA ILE C 121 2.37 2.23 18.07
C ILE C 121 2.81 0.92 17.42
N ASN C 122 3.80 1.00 16.53
CA ASN C 122 4.44 -0.19 15.98
C ASN C 122 4.97 -1.11 17.08
N PHE C 123 5.75 -0.54 18.00
CA PHE C 123 6.14 -1.29 19.19
C PHE C 123 4.95 -1.80 20.03
N GLY C 124 3.94 -0.96 20.22
CA GLY C 124 2.83 -1.32 21.09
C GLY C 124 2.10 -2.54 20.57
N LEU C 125 1.79 -2.49 19.27
CA LEU C 125 1.11 -3.56 18.61
C LEU C 125 1.95 -4.82 18.64
N ARG C 126 3.26 -4.67 18.51
CA ARG C 126 4.18 -5.83 18.60
C ARG C 126 4.15 -6.47 19.99
N GLN C 127 4.28 -5.68 21.03
CA GLN C 127 4.25 -6.17 22.41
C GLN C 127 2.92 -6.82 22.71
N ALA C 128 1.85 -6.27 22.16
CA ALA C 128 0.53 -6.75 22.51
C ALA C 128 0.35 -8.15 21.95
N ARG C 129 0.71 -8.32 20.68
CA ARG C 129 0.66 -9.60 20.03
C ARG C 129 1.59 -10.60 20.72
N SER C 130 2.79 -10.16 21.09
CA SER C 130 3.75 -11.02 21.79
C SER C 130 3.22 -11.55 23.14
N LEU C 131 2.63 -10.65 23.92
CA LEU C 131 2.04 -11.04 25.17
C LEU C 131 0.88 -12.07 24.93
N LEU C 132 0.05 -11.81 23.95
CA LEU C 132 -1.07 -12.67 23.69
C LEU C 132 -0.63 -14.00 23.19
N LEU C 133 0.40 -14.01 22.36
CA LEU C 133 0.98 -15.30 21.91
C LEU C 133 1.55 -16.09 23.07
N SER C 134 2.34 -15.43 23.92
CA SER C 134 2.85 -16.05 25.18
C SER C 134 1.76 -16.58 26.15
N LEU C 135 0.71 -15.80 26.34
CA LEU C 135 -0.37 -16.18 27.25
C LEU C 135 -1.02 -17.45 26.74
N ASN C 136 -1.36 -17.45 25.46
CA ASN C 136 -1.96 -18.64 24.85
C ASN C 136 -1.04 -19.85 24.85
N ASN C 137 0.25 -19.64 24.60
CA ASN C 137 1.23 -20.74 24.61
C ASN C 137 1.38 -21.39 25.97
N MET C 138 1.16 -20.64 27.04
CA MET C 138 1.26 -21.20 28.39
C MET C 138 -0.02 -21.88 28.86
N GLY C 139 -1.10 -21.74 28.10
CA GLY C 139 -2.35 -22.37 28.47
C GLY C 139 -3.43 -21.41 28.90
N MET C 140 -3.15 -20.11 28.89
CA MET C 140 -4.13 -19.09 29.31
C MET C 140 -4.80 -18.35 28.13
N PRO C 141 -6.12 -18.56 27.94
CA PRO C 141 -6.82 -17.85 26.86
C PRO C 141 -7.02 -16.39 27.21
N ALA C 142 -7.17 -15.54 26.21
CA ALA C 142 -7.26 -14.12 26.48
C ALA C 142 -8.49 -13.48 25.90
N SER C 143 -8.82 -12.32 26.46
CA SER C 143 -9.94 -11.54 26.04
C SER C 143 -9.54 -10.09 26.00
N THR C 144 -10.21 -9.28 25.19
CA THR C 144 -9.86 -7.85 25.13
C THR C 144 -11.06 -7.04 24.64
N GLU C 145 -10.93 -5.72 24.73
CA GLU C 145 -11.88 -4.81 24.13
C GLU C 145 -11.36 -4.33 22.77
N PHE C 146 -12.23 -4.37 21.77
CA PHE C 146 -11.92 -3.77 20.49
C PHE C 146 -12.54 -2.38 20.36
N LEU C 147 -11.68 -1.37 20.29
CA LEU C 147 -12.08 0.03 20.25
C LEU C 147 -12.17 0.63 18.86
N ASP C 148 -11.51 0.01 17.89
CA ASP C 148 -11.59 0.47 16.52
C ASP C 148 -11.61 -0.72 15.56
N MET C 149 -11.65 -0.40 14.27
CA MET C 149 -11.93 -1.34 13.22
C MET C 149 -10.67 -1.88 12.56
N ILE C 150 -9.50 -1.41 13.01
CA ILE C 150 -8.23 -1.77 12.43
C ILE C 150 -7.35 -2.64 13.34
N THR C 151 -7.25 -2.30 14.62
CA THR C 151 -6.44 -3.07 15.57
C THR C 151 -6.70 -4.58 15.57
N PRO C 152 -7.95 -5.02 15.36
CA PRO C 152 -8.21 -6.49 15.43
C PRO C 152 -7.45 -7.33 14.41
N GLN C 153 -7.11 -6.73 13.26
CA GLN C 153 -6.34 -7.43 12.25
C GLN C 153 -4.99 -7.83 12.78
N TYR C 154 -4.53 -7.18 13.84
CA TYR C 154 -3.20 -7.42 14.35
C TYR C 154 -3.13 -8.53 15.37
N TYR C 155 -4.20 -8.73 16.13
CA TYR C 155 -4.23 -9.81 17.12
C TYR C 155 -5.55 -10.55 17.42
N ALA C 156 -6.63 -10.30 16.70
CA ALA C 156 -7.90 -10.98 17.03
C ALA C 156 -7.71 -12.47 16.97
N ASP C 157 -6.71 -12.93 16.21
CA ASP C 157 -6.55 -14.38 16.06
C ASP C 157 -6.13 -15.00 17.37
N LEU C 158 -5.72 -14.16 18.32
CA LEU C 158 -5.24 -14.66 19.60
C LEU C 158 -6.28 -14.48 20.73
N ILE C 159 -7.49 -14.05 20.35
CA ILE C 159 -8.50 -13.63 21.30
C ILE C 159 -9.69 -14.58 21.31
N SER C 160 -10.05 -15.04 22.51
CA SER C 160 -11.10 -16.01 22.72
C SER C 160 -12.48 -15.40 23.02
N TRP C 161 -12.48 -14.13 23.42
CA TRP C 161 -13.69 -13.39 23.77
C TRP C 161 -13.37 -11.91 23.64
N GLY C 162 -14.33 -11.15 23.09
CA GLY C 162 -14.16 -9.75 22.85
C GLY C 162 -15.28 -8.97 23.49
N ALA C 163 -14.97 -7.74 23.88
CA ALA C 163 -15.96 -6.83 24.42
C ALA C 163 -16.09 -5.59 23.53
N ILE C 164 -17.32 -5.09 23.44
CA ILE C 164 -17.54 -3.78 22.92
C ILE C 164 -18.01 -2.99 24.11
N GLY C 165 -17.31 -1.90 24.38
CA GLY C 165 -17.56 -1.12 25.60
C GLY C 165 -18.85 -0.35 25.54
N ALA C 166 -19.29 0.11 26.72
CA ALA C 166 -20.47 0.95 26.89
C ALA C 166 -20.56 2.14 25.96
N ARG C 167 -19.43 2.75 25.68
CA ARG C 167 -19.39 3.97 24.86
C ARG C 167 -19.54 3.74 23.34
N THR C 168 -19.39 2.49 22.90
CA THR C 168 -19.45 2.16 21.50
C THR C 168 -20.55 1.14 21.16
N THR C 169 -21.26 0.61 22.15
CA THR C 169 -22.24 -0.45 21.88
C THR C 169 -23.31 -0.01 20.85
N GLU C 170 -23.70 1.26 20.92
CA GLU C 170 -24.74 1.84 20.06
C GLU C 170 -24.14 2.26 18.69
N SER C 171 -22.80 2.28 18.57
CA SER C 171 -22.16 2.73 17.33
C SER C 171 -22.32 1.67 16.24
N GLN C 172 -22.77 2.10 15.06
CA GLN C 172 -23.12 1.16 13.97
C GLN C 172 -21.91 0.42 13.47
N VAL C 173 -20.82 1.14 13.33
CA VAL C 173 -19.62 0.56 12.85
C VAL C 173 -19.04 -0.44 13.86
N HIS C 174 -19.24 -0.22 15.15
CA HIS C 174 -18.73 -1.22 16.10
C HIS C 174 -19.61 -2.44 16.08
N ARG C 175 -20.90 -2.28 15.82
CA ARG C 175 -21.74 -3.44 15.70
C ARG C 175 -21.39 -4.23 14.44
N GLU C 176 -21.08 -3.53 13.35
CA GLU C 176 -20.68 -4.18 12.11
C GLU C 176 -19.37 -4.99 12.33
N LEU C 177 -18.43 -4.37 13.01
CA LEU C 177 -17.19 -5.03 13.41
C LEU C 177 -17.45 -6.34 14.15
N ALA C 178 -18.28 -6.26 15.18
CA ALA C 178 -18.61 -7.44 15.98
C ALA C 178 -19.19 -8.59 15.12
N SER C 179 -19.96 -8.22 14.09
CA SER C 179 -20.59 -9.18 13.18
C SER C 179 -19.58 -10.02 12.39
N GLY C 180 -18.33 -9.57 12.32
CA GLY C 180 -17.26 -10.34 11.68
C GLY C 180 -16.10 -10.78 12.57
N LEU C 181 -16.21 -10.55 13.87
CA LEU C 181 -15.16 -11.00 14.77
C LEU C 181 -15.27 -12.50 14.97
N SER C 182 -14.14 -13.15 15.13
CA SER C 182 -14.10 -14.61 15.15
C SER C 182 -14.47 -15.19 16.47
N CYS C 183 -14.42 -14.36 17.50
CA CYS C 183 -14.72 -14.78 18.83
C CYS C 183 -16.13 -14.39 19.24
N PRO C 184 -16.67 -15.01 20.31
CA PRO C 184 -17.90 -14.48 20.92
C PRO C 184 -17.69 -13.03 21.38
N VAL C 185 -18.76 -12.27 21.45
CA VAL C 185 -18.66 -10.84 21.73
C VAL C 185 -19.71 -10.45 22.73
N GLY C 186 -19.27 -9.73 23.76
CA GLY C 186 -20.14 -9.15 24.73
C GLY C 186 -20.33 -7.66 24.49
N PHE C 187 -21.59 -7.23 24.53
CA PHE C 187 -21.98 -5.83 24.43
C PHE C 187 -22.41 -5.28 25.77
N LYS C 188 -21.76 -4.24 26.25
CA LYS C 188 -22.17 -3.62 27.51
C LYS C 188 -23.37 -2.74 27.32
N ASN C 189 -24.17 -2.60 28.37
CA ASN C 189 -25.24 -1.61 28.42
C ASN C 189 -24.65 -0.21 28.53
N GLY C 190 -25.43 0.78 28.13
CA GLY C 190 -24.92 2.14 27.93
C GLY C 190 -24.44 2.71 29.24
N THR C 191 -23.63 3.79 29.18
CA THR C 191 -23.08 4.39 30.40
C THR C 191 -24.12 4.93 31.38
N ASP C 192 -25.34 5.22 30.92
N ASP C 192 -25.33 5.16 30.85
CA ASP C 192 -26.42 5.58 31.86
CA ASP C 192 -26.50 5.58 31.62
C ASP C 192 -27.38 4.40 32.07
C ASP C 192 -27.33 4.40 32.14
N GLY C 193 -26.91 3.18 31.84
CA GLY C 193 -27.70 1.96 32.17
C GLY C 193 -28.69 1.47 31.13
N ASN C 194 -28.71 2.10 29.95
CA ASN C 194 -29.56 1.71 28.83
C ASN C 194 -29.24 0.31 28.26
N LEU C 195 -30.24 -0.58 28.28
CA LEU C 195 -30.04 -1.96 27.88
C LEU C 195 -30.50 -2.22 26.45
N LYS C 196 -31.47 -1.46 25.97
CA LYS C 196 -31.92 -1.58 24.58
C LYS C 196 -30.74 -1.50 23.60
N ILE C 197 -29.79 -0.61 23.81
CA ILE C 197 -28.68 -0.54 22.84
C ILE C 197 -27.89 -1.82 22.69
N ALA C 198 -27.75 -2.59 23.76
CA ALA C 198 -26.98 -3.82 23.74
C ALA C 198 -27.84 -4.97 23.19
N ILE C 199 -29.10 -4.99 23.57
CA ILE C 199 -30.04 -5.93 22.96
C ILE C 199 -30.12 -5.76 21.45
N ASP C 200 -30.27 -4.51 21.00
CA ASP C 200 -30.26 -4.20 19.56
C ASP C 200 -28.94 -4.60 18.92
N ALA C 201 -27.85 -4.31 19.60
CA ALA C 201 -26.52 -4.66 19.08
C ALA C 201 -26.38 -6.17 18.80
N ILE C 202 -26.87 -7.04 19.69
CA ILE C 202 -26.85 -8.49 19.46
C ILE C 202 -27.60 -8.82 18.20
N GLY C 203 -28.80 -8.29 18.09
CA GLY C 203 -29.64 -8.50 16.90
C GLY C 203 -28.93 -8.03 15.67
N ALA C 204 -28.35 -6.84 15.73
CA ALA C 204 -27.59 -6.29 14.61
C ALA C 204 -26.37 -7.13 14.25
N ALA C 205 -25.63 -7.63 15.24
CA ALA C 205 -24.35 -8.27 14.97
C ALA C 205 -24.51 -9.70 14.48
N SER C 206 -25.69 -10.26 14.60
CA SER C 206 -25.94 -11.60 14.11
C SER C 206 -26.11 -11.60 12.60
N HIS C 207 -26.34 -10.44 12.01
CA HIS C 207 -26.53 -10.32 10.58
C HIS C 207 -25.22 -10.01 9.89
N SER C 208 -25.23 -10.28 8.60
CA SER C 208 -24.15 -9.96 7.69
C SER C 208 -24.06 -8.43 7.40
N HIS C 209 -22.85 -7.87 7.42
CA HIS C 209 -22.63 -6.43 7.18
C HIS C 209 -21.40 -6.22 6.35
N HIS C 210 -21.30 -5.00 5.84
CA HIS C 210 -20.08 -4.46 5.26
C HIS C 210 -19.54 -3.33 6.18
N PHE C 211 -18.22 -3.30 6.37
CA PHE C 211 -17.59 -2.08 6.90
C PHE C 211 -16.21 -1.87 6.23
N LEU C 212 -15.57 -0.75 6.48
CA LEU C 212 -14.28 -0.46 5.92
C LEU C 212 -13.18 -0.70 6.92
N SER C 213 -12.10 -1.34 6.51
CA SER C 213 -11.00 -1.66 7.39
C SER C 213 -9.82 -1.85 6.49
N VAL C 214 -8.84 -2.62 6.92
CA VAL C 214 -7.69 -2.88 6.09
C VAL C 214 -7.46 -4.35 5.97
N THR C 215 -6.89 -4.76 4.86
CA THR C 215 -6.49 -6.18 4.70
C THR C 215 -5.32 -6.45 5.61
N LYS C 216 -4.99 -7.72 5.75
CA LYS C 216 -3.79 -8.11 6.51
C LYS C 216 -2.55 -7.39 5.97
N ALA C 217 -2.54 -7.07 4.69
CA ALA C 217 -1.40 -6.41 4.09
C ALA C 217 -1.41 -4.90 4.33
N GLY C 218 -2.42 -4.41 5.04
CA GLY C 218 -2.51 -3.02 5.40
C GLY C 218 -3.15 -2.11 4.35
N HIS C 219 -3.87 -2.67 3.39
CA HIS C 219 -4.56 -1.82 2.40
C HIS C 219 -6.05 -1.65 2.67
N SER C 220 -6.57 -0.47 2.37
CA SER C 220 -7.97 -0.18 2.60
C SER C 220 -8.86 -1.20 1.88
N ALA C 221 -9.94 -1.61 2.54
CA ALA C 221 -10.75 -2.70 2.01
C ALA C 221 -12.19 -2.69 2.48
N ILE C 222 -13.03 -3.38 1.72
CA ILE C 222 -14.43 -3.61 2.07
C ILE C 222 -14.49 -4.96 2.76
N VAL C 223 -14.89 -5.02 4.00
CA VAL C 223 -15.12 -6.31 4.62
C VAL C 223 -16.62 -6.69 4.67
N HIS C 224 -16.91 -7.83 4.07
CA HIS C 224 -18.24 -8.42 4.05
C HIS C 224 -18.25 -9.55 5.08
N THR C 225 -18.96 -9.34 6.18
CA THR C 225 -19.01 -10.29 7.26
C THR C 225 -20.15 -11.30 7.14
N GLY C 226 -20.07 -12.34 7.98
CA GLY C 226 -20.98 -13.48 7.97
C GLY C 226 -22.04 -13.41 9.03
N GLY C 227 -21.87 -12.52 9.99
CA GLY C 227 -22.77 -12.48 11.16
C GLY C 227 -22.12 -13.25 12.31
N ASN C 228 -22.34 -12.76 13.52
CA ASN C 228 -21.76 -13.39 14.69
C ASN C 228 -22.90 -13.89 15.55
N PRO C 229 -23.08 -15.23 15.62
CA PRO C 229 -24.21 -15.80 16.33
C PRO C 229 -23.96 -15.94 17.81
N ASP C 230 -22.80 -15.50 18.28
CA ASP C 230 -22.36 -15.76 19.65
C ASP C 230 -22.28 -14.53 20.56
N CYS C 231 -23.15 -13.55 20.33
CA CYS C 231 -23.05 -12.28 21.07
C CYS C 231 -24.00 -12.28 22.24
N HIS C 232 -23.67 -11.51 23.27
CA HIS C 232 -24.50 -11.44 24.44
C HIS C 232 -24.34 -10.08 25.10
N VAL C 233 -25.20 -9.79 26.08
CA VAL C 233 -25.10 -8.54 26.81
C VAL C 233 -24.23 -8.72 28.04
N ILE C 234 -23.72 -7.60 28.52
CA ILE C 234 -22.98 -7.51 29.76
C ILE C 234 -23.62 -6.43 30.59
N LEU C 235 -24.08 -6.78 31.78
CA LEU C 235 -24.67 -5.82 32.69
C LEU C 235 -23.57 -5.18 33.50
N ARG C 236 -23.45 -3.87 33.40
CA ARG C 236 -22.32 -3.17 33.97
C ARG C 236 -22.71 -1.89 34.71
N GLY C 237 -23.98 -1.77 35.08
CA GLY C 237 -24.49 -0.63 35.84
C GLY C 237 -24.65 0.67 35.06
N GLY C 238 -24.98 1.74 35.77
CA GLY C 238 -25.20 3.02 35.12
C GLY C 238 -25.58 4.04 36.17
N LYS C 239 -26.73 4.68 36.00
CA LYS C 239 -27.29 5.53 37.06
C LYS C 239 -27.52 4.66 38.28
N GLU C 240 -27.95 3.41 38.05
CA GLU C 240 -28.08 2.46 39.13
C GLU C 240 -27.39 1.14 38.80
N PRO C 241 -26.92 0.44 39.84
CA PRO C 241 -26.33 -0.86 39.56
C PRO C 241 -27.39 -1.82 39.02
N ASN C 242 -26.95 -2.76 38.19
CA ASN C 242 -27.84 -3.76 37.58
C ASN C 242 -27.41 -5.22 37.75
N TYR C 243 -26.69 -5.54 38.81
CA TYR C 243 -26.16 -6.89 38.96
C TYR C 243 -27.14 -7.83 39.63
N ASP C 244 -28.11 -7.29 40.35
CA ASP C 244 -28.94 -8.12 41.23
C ASP C 244 -30.03 -8.93 40.51
N ALA C 245 -30.61 -9.88 41.24
CA ALA C 245 -31.61 -10.81 40.71
C ALA C 245 -32.70 -10.13 39.90
N GLU C 246 -33.15 -8.99 40.37
CA GLU C 246 -34.29 -8.31 39.81
C GLU C 246 -33.94 -7.70 38.45
N HIS C 247 -32.70 -7.20 38.34
CA HIS C 247 -32.24 -6.63 37.08
C HIS C 247 -31.96 -7.75 36.07
N VAL C 248 -31.39 -8.86 36.53
CA VAL C 248 -31.07 -10.00 35.66
C VAL C 248 -32.36 -10.50 35.01
N SER C 249 -33.42 -10.53 35.81
CA SER C 249 -34.70 -11.04 35.35
C SER C 249 -35.37 -10.06 34.37
N GLU C 250 -35.27 -8.76 34.62
CA GLU C 250 -35.81 -7.76 33.66
C GLU C 250 -35.09 -7.85 32.31
N ALA C 251 -33.77 -7.95 32.37
CA ALA C 251 -32.93 -8.07 31.19
C ALA C 251 -33.26 -9.30 30.36
N ALA C 252 -33.32 -10.45 31.03
CA ALA C 252 -33.70 -11.74 30.45
C ALA C 252 -35.03 -11.65 29.68
N GLU C 253 -36.02 -11.04 30.32
CA GLU C 253 -37.33 -10.85 29.70
C GLU C 253 -37.20 -10.02 28.42
N GLN C 254 -36.38 -8.97 28.45
CA GLN C 254 -36.23 -8.12 27.27
C GLN C 254 -35.52 -8.83 26.14
N LEU C 255 -34.58 -9.70 26.51
CA LEU C 255 -33.82 -10.49 25.55
C LEU C 255 -34.71 -11.53 24.83
N ARG C 256 -35.46 -12.31 25.59
CA ARG C 256 -36.42 -13.27 25.02
C ARG C 256 -37.42 -12.59 24.09
N ALA C 257 -37.89 -11.40 24.48
CA ALA C 257 -38.81 -10.64 23.64
C ALA C 257 -38.15 -10.10 22.36
N ALA C 258 -36.85 -9.85 22.36
CA ALA C 258 -36.21 -9.51 21.10
C ALA C 258 -35.81 -10.75 20.31
N GLY C 259 -36.03 -11.94 20.87
CA GLY C 259 -35.67 -13.19 20.20
C GLY C 259 -34.17 -13.44 20.12
N VAL C 260 -33.43 -12.96 21.10
CA VAL C 260 -32.00 -13.23 21.17
C VAL C 260 -31.71 -13.91 22.48
N THR C 261 -30.52 -14.47 22.62
CA THR C 261 -30.18 -15.23 23.81
C THR C 261 -30.42 -14.51 25.15
N ASP C 262 -31.02 -15.23 26.11
CA ASP C 262 -31.32 -14.66 27.45
C ASP C 262 -30.27 -14.99 28.50
N LYS C 263 -29.09 -15.36 28.02
CA LYS C 263 -27.95 -15.64 28.86
C LYS C 263 -27.02 -14.44 28.81
N LEU C 264 -26.60 -13.96 29.98
CA LEU C 264 -25.85 -12.73 30.04
C LEU C 264 -24.67 -12.77 31.01
N MET C 265 -23.84 -11.74 30.91
CA MET C 265 -22.67 -11.59 31.75
C MET C 265 -22.93 -10.43 32.70
N ILE C 266 -22.37 -10.50 33.90
CA ILE C 266 -22.43 -9.39 34.84
C ILE C 266 -21.05 -8.87 35.19
N ASP C 267 -20.81 -7.58 34.94
CA ASP C 267 -19.53 -6.94 35.29
C ASP C 267 -19.60 -6.60 36.76
N CYS C 268 -18.73 -7.19 37.57
CA CYS C 268 -18.71 -6.89 39.03
C CYS C 268 -18.03 -5.56 39.33
N SER C 269 -17.35 -5.03 38.32
CA SER C 269 -16.52 -3.85 38.42
C SER C 269 -17.21 -2.60 37.89
N HIS C 270 -16.41 -1.55 37.72
CA HIS C 270 -16.87 -0.31 37.12
C HIS C 270 -18.12 0.20 37.85
N ALA C 271 -19.20 0.54 37.12
CA ALA C 271 -20.36 1.18 37.75
C ALA C 271 -21.14 0.29 38.73
N ASN C 272 -21.04 -1.03 38.58
CA ASN C 272 -21.68 -1.97 39.53
C ASN C 272 -20.94 -2.02 40.87
N SER C 273 -19.62 -1.82 40.84
CA SER C 273 -18.83 -1.62 42.07
C SER C 273 -18.71 -0.15 42.50
N ARG C 274 -19.16 0.77 41.66
CA ARG C 274 -19.09 2.22 41.91
C ARG C 274 -17.64 2.73 41.94
N LYS C 275 -16.77 2.04 41.20
CA LYS C 275 -15.36 2.38 41.12
C LYS C 275 -14.59 2.01 42.40
N ASP C 276 -15.26 1.34 43.35
CA ASP C 276 -14.59 0.81 44.54
C ASP C 276 -14.27 -0.68 44.39
N TYR C 277 -12.98 -1.00 44.43
CA TYR C 277 -12.51 -2.36 44.22
C TYR C 277 -12.91 -3.32 45.34
N THR C 278 -13.18 -2.80 46.54
CA THR C 278 -13.62 -3.69 47.60
C THR C 278 -15.07 -4.09 47.47
N ARG C 279 -15.84 -3.40 46.62
CA ARG C 279 -17.24 -3.75 46.40
C ARG C 279 -17.37 -4.83 45.33
N GLN C 280 -16.29 -5.12 44.60
CA GLN C 280 -16.34 -6.21 43.65
C GLN C 280 -16.72 -7.55 44.32
N MET C 281 -16.16 -7.78 45.50
CA MET C 281 -16.42 -9.00 46.25
C MET C 281 -17.88 -9.06 46.73
N GLU C 282 -18.44 -7.90 47.02
CA GLU C 282 -19.86 -7.80 47.34
C GLU C 282 -20.74 -8.18 46.15
N VAL C 283 -20.43 -7.69 44.96
CA VAL C 283 -21.24 -8.00 43.79
C VAL C 283 -21.10 -9.49 43.51
N ALA C 284 -19.90 -10.04 43.70
CA ALA C 284 -19.68 -11.47 43.43
C ALA C 284 -20.53 -12.35 44.35
N GLN C 285 -20.57 -12.02 45.63
CA GLN C 285 -21.40 -12.77 46.59
C GLN C 285 -22.89 -12.74 46.24
N ASP C 286 -23.34 -11.61 45.71
CA ASP C 286 -24.73 -11.46 45.29
C ASP C 286 -24.98 -12.33 44.09
N ILE C 287 -24.04 -12.35 43.17
CA ILE C 287 -24.12 -13.25 42.04
C ILE C 287 -24.07 -14.70 42.51
N ALA C 288 -23.14 -15.02 43.40
CA ALA C 288 -23.07 -16.39 43.96
C ALA C 288 -24.41 -16.85 44.54
N ALA C 289 -25.10 -15.95 45.24
CA ALA C 289 -26.36 -16.30 45.91
C ALA C 289 -27.45 -16.60 44.87
N GLN C 290 -27.42 -15.88 43.75
CA GLN C 290 -28.36 -16.10 42.66
C GLN C 290 -28.13 -17.45 42.00
N LEU C 291 -26.86 -17.84 41.85
CA LEU C 291 -26.53 -19.11 41.24
C LEU C 291 -26.97 -20.26 42.13
N GLU C 292 -26.91 -20.04 43.44
CA GLU C 292 -27.35 -21.02 44.41
C GLU C 292 -28.88 -21.19 44.39
N GLN C 293 -29.62 -20.11 44.17
CA GLN C 293 -31.09 -20.15 44.20
C GLN C 293 -31.70 -20.56 42.86
N ASP C 294 -31.23 -19.92 41.80
CA ASP C 294 -31.67 -20.19 40.43
C ASP C 294 -30.55 -19.77 39.48
N GLY C 295 -30.49 -18.47 39.14
CA GLY C 295 -29.39 -17.94 38.30
C GLY C 295 -29.27 -18.57 36.92
N GLY C 296 -30.38 -19.01 36.34
CA GLY C 296 -30.34 -19.66 35.03
C GLY C 296 -29.95 -18.79 33.83
N ASN C 297 -29.97 -17.47 34.00
CA ASN C 297 -29.66 -16.54 32.91
C ASN C 297 -28.26 -15.96 32.97
N ILE C 298 -27.51 -16.37 33.97
CA ILE C 298 -26.15 -15.89 34.13
C ILE C 298 -25.22 -16.89 33.46
N MET C 299 -24.46 -16.44 32.47
CA MET C 299 -23.43 -17.29 31.85
C MET C 299 -21.99 -16.82 32.13
N GLY C 300 -21.84 -15.64 32.73
CA GLY C 300 -20.50 -15.18 33.10
C GLY C 300 -20.42 -13.92 33.95
N VAL C 301 -19.19 -13.63 34.35
CA VAL C 301 -18.91 -12.45 35.14
C VAL C 301 -17.61 -11.80 34.69
N MET C 302 -17.45 -10.55 35.06
CA MET C 302 -16.26 -9.84 34.74
C MET C 302 -15.69 -9.21 36.01
N VAL C 303 -14.39 -9.40 36.20
CA VAL C 303 -13.71 -9.07 37.44
C VAL C 303 -12.36 -8.43 37.14
N GLU C 304 -12.12 -7.24 37.68
CA GLU C 304 -10.83 -6.58 37.57
C GLU C 304 -9.89 -6.94 38.76
N SER C 305 -8.81 -7.64 38.43
CA SER C 305 -7.97 -8.31 39.38
C SER C 305 -6.50 -8.15 39.00
N HIS C 306 -5.63 -8.01 39.97
CA HIS C 306 -4.19 -7.93 39.72
C HIS C 306 -3.47 -8.58 40.91
N LEU C 307 -2.15 -8.72 40.82
CA LEU C 307 -1.33 -9.30 41.88
C LEU C 307 -1.49 -8.50 43.14
N VAL C 308 -1.39 -7.18 43.01
CA VAL C 308 -1.52 -6.28 44.17
C VAL C 308 -2.81 -5.45 44.02
N GLU C 309 -3.57 -5.34 45.11
CA GLU C 309 -4.85 -4.58 45.14
C GLU C 309 -4.64 -3.06 45.02
N GLY C 310 -5.71 -2.35 44.64
CA GLY C 310 -5.71 -0.88 44.59
C GLY C 310 -5.32 -0.33 43.23
N ARG C 311 -4.82 0.90 43.23
CA ARG C 311 -4.35 1.56 42.00
C ARG C 311 -3.24 2.56 42.35
N GLN C 312 -2.61 3.15 41.33
CA GLN C 312 -1.45 4.05 41.55
C GLN C 312 -1.27 4.91 40.31
N ASP C 313 -0.94 6.20 40.49
CA ASP C 313 -0.84 7.13 39.37
C ASP C 313 0.36 6.79 38.49
N LYS C 314 1.50 6.54 39.11
CA LYS C 314 2.70 6.11 38.39
C LYS C 314 2.98 4.61 38.62
N PRO C 315 3.55 3.92 37.61
CA PRO C 315 3.85 2.48 37.70
C PRO C 315 5.01 2.12 38.64
N GLU C 316 4.92 2.48 39.91
CA GLU C 316 6.02 2.34 40.84
C GLU C 316 6.03 0.94 41.49
N VAL C 317 4.88 0.53 42.01
CA VAL C 317 4.72 -0.82 42.54
C VAL C 317 4.50 -1.81 41.41
N TYR C 318 5.21 -2.94 41.49
CA TYR C 318 5.07 -4.05 40.55
C TYR C 318 3.70 -4.71 40.73
N GLY C 319 3.02 -5.00 39.63
CA GLY C 319 1.73 -5.69 39.70
C GLY C 319 0.53 -4.93 40.29
N LYS C 320 0.60 -3.60 40.35
CA LYS C 320 -0.56 -2.78 40.76
C LYS C 320 -1.04 -1.92 39.60
N SER C 321 -2.37 -1.83 39.46
CA SER C 321 -2.98 -1.06 38.38
C SER C 321 -2.57 0.42 38.37
N ILE C 322 -2.45 0.96 37.15
CA ILE C 322 -2.34 2.40 36.98
C ILE C 322 -3.59 3.01 36.30
N THR C 323 -4.57 2.15 35.98
CA THR C 323 -5.89 2.61 35.55
C THR C 323 -6.90 2.30 36.68
N ASP C 324 -8.00 1.58 36.42
CA ASP C 324 -8.97 1.37 37.51
C ASP C 324 -8.38 0.47 38.61
N ALA C 325 -8.86 0.67 39.83
CA ALA C 325 -8.44 -0.13 40.96
C ALA C 325 -8.92 -1.57 40.81
N CYS C 326 -8.11 -2.49 41.30
CA CYS C 326 -8.37 -3.91 41.19
C CYS C 326 -8.33 -4.55 42.55
N ILE C 327 -8.90 -5.74 42.67
CA ILE C 327 -8.65 -6.54 43.86
C ILE C 327 -7.28 -7.19 43.67
N GLY C 328 -6.72 -7.60 44.80
CA GLY C 328 -5.41 -8.24 44.87
C GLY C 328 -5.52 -9.74 44.66
N TRP C 329 -4.40 -10.43 44.74
CA TRP C 329 -4.41 -11.84 44.43
C TRP C 329 -5.22 -12.63 45.45
N GLY C 330 -5.11 -12.24 46.72
CA GLY C 330 -5.81 -12.89 47.81
C GLY C 330 -7.30 -12.90 47.66
N ALA C 331 -7.89 -11.75 47.39
CA ALA C 331 -9.31 -11.66 47.18
C ALA C 331 -9.71 -12.36 45.87
N THR C 332 -8.80 -12.42 44.92
CA THR C 332 -9.07 -13.12 43.67
C THR C 332 -9.27 -14.61 43.96
N GLU C 333 -8.37 -15.18 44.74
CA GLU C 333 -8.50 -16.57 45.15
C GLU C 333 -9.85 -16.84 45.78
N GLU C 334 -10.28 -15.93 46.64
CA GLU C 334 -11.50 -16.14 47.41
C GLU C 334 -12.71 -15.92 46.52
N LEU C 335 -12.63 -14.94 45.61
CA LEU C 335 -13.76 -14.69 44.71
C LEU C 335 -14.00 -15.89 43.83
N LEU C 336 -12.90 -16.43 43.30
CA LEU C 336 -13.02 -17.54 42.39
C LEU C 336 -13.48 -18.80 43.11
N ALA C 337 -13.04 -18.99 44.34
CA ALA C 337 -13.44 -20.15 45.12
C ALA C 337 -14.90 -20.05 45.51
N LEU C 338 -15.34 -18.83 45.77
CA LEU C 338 -16.75 -18.54 46.02
C LEU C 338 -17.59 -18.86 44.79
N LEU C 339 -17.19 -18.34 43.63
CA LEU C 339 -18.02 -18.52 42.45
C LEU C 339 -18.03 -20.01 42.02
N ALA C 340 -16.89 -20.69 42.18
CA ALA C 340 -16.78 -22.11 41.87
C ALA C 340 -17.77 -22.97 42.66
N GLY C 341 -17.83 -22.73 43.96
CA GLY C 341 -18.71 -23.52 44.82
C GLY C 341 -20.17 -23.21 44.55
N ALA C 342 -20.47 -21.94 44.29
CA ALA C 342 -21.86 -21.55 44.04
C ALA C 342 -22.32 -22.16 42.75
N ASN C 343 -21.43 -22.18 41.74
CA ASN C 343 -21.79 -22.76 40.46
C ASN C 343 -21.77 -24.30 40.42
N LYS C 344 -20.92 -24.92 41.25
CA LYS C 344 -20.99 -26.38 41.43
C LYS C 344 -22.42 -26.83 41.77
N LYS C 345 -23.12 -26.05 42.59
CA LYS C 345 -24.49 -26.38 42.97
C LYS C 345 -25.47 -26.12 41.84
N ARG C 346 -25.27 -25.02 41.12
CA ARG C 346 -26.17 -24.71 40.03
C ARG C 346 -26.06 -25.82 39.01
N MET C 347 -24.84 -26.29 38.81
CA MET C 347 -24.55 -27.29 37.78
C MET C 347 -25.14 -28.64 38.10
N ALA C 348 -25.18 -28.96 39.40
CA ALA C 348 -25.74 -30.22 39.84
C ALA C 348 -27.28 -30.24 39.87
N ARG C 349 -27.95 -29.16 39.49
CA ARG C 349 -29.42 -29.11 39.44
C ARG C 349 -29.94 -29.54 38.08
N HIS D 4 -3.31 -26.80 11.78
CA HIS D 4 -3.81 -25.84 12.84
C HIS D 4 -5.33 -25.73 12.84
N TYR D 5 -5.93 -25.59 14.03
CA TYR D 5 -7.32 -25.15 14.12
C TYR D 5 -7.41 -23.73 13.53
N PRO D 6 -8.50 -23.42 12.81
CA PRO D 6 -8.58 -22.09 12.25
C PRO D 6 -8.97 -21.07 13.32
N THR D 7 -8.31 -19.91 13.29
CA THR D 7 -8.60 -18.83 14.22
C THR D 7 -8.85 -17.48 13.56
N ASP D 8 -8.68 -17.41 12.25
CA ASP D 8 -8.63 -16.12 11.59
C ASP D 8 -9.78 -16.02 10.59
N ASP D 9 -10.47 -14.89 10.62
CA ASP D 9 -11.57 -14.58 9.69
C ASP D 9 -12.65 -15.68 9.62
N ILE D 10 -12.98 -16.23 10.77
CA ILE D 10 -13.92 -17.33 10.83
C ILE D 10 -15.31 -16.88 10.32
N LYS D 11 -15.62 -15.60 10.51
CA LYS D 11 -16.96 -15.07 10.23
C LYS D 11 -16.90 -13.95 9.21
N ILE D 12 -15.96 -14.06 8.29
CA ILE D 12 -15.79 -13.12 7.20
C ILE D 12 -16.12 -13.88 5.92
N LYS D 13 -17.03 -13.35 5.12
CA LYS D 13 -17.37 -13.92 3.81
C LYS D 13 -16.36 -13.46 2.78
N GLU D 14 -15.94 -12.21 2.85
CA GLU D 14 -15.05 -11.67 1.84
C GLU D 14 -14.37 -10.38 2.27
N VAL D 15 -13.14 -10.22 1.81
CA VAL D 15 -12.41 -8.96 1.96
C VAL D 15 -12.01 -8.54 0.56
N LYS D 16 -12.62 -7.48 0.05
CA LYS D 16 -12.24 -6.92 -1.27
C LYS D 16 -11.40 -5.67 -1.04
N GLU D 17 -10.31 -5.54 -1.79
CA GLU D 17 -9.61 -4.26 -1.87
C GLU D 17 -10.42 -3.17 -2.58
N LEU D 18 -10.15 -1.97 -2.14
CA LEU D 18 -10.88 -0.78 -2.44
C LEU D 18 -9.95 0.11 -3.23
N LEU D 19 -10.45 0.83 -4.23
CA LEU D 19 -9.67 1.88 -4.84
C LEU D 19 -9.31 2.89 -3.78
N PRO D 20 -8.05 3.33 -3.78
CA PRO D 20 -7.62 4.22 -2.73
C PRO D 20 -8.10 5.62 -3.01
N PRO D 21 -8.05 6.50 -2.00
CA PRO D 21 -8.54 7.85 -2.23
C PRO D 21 -7.88 8.59 -3.40
N ILE D 22 -6.58 8.38 -3.62
CA ILE D 22 -5.89 9.13 -4.68
C ILE D 22 -6.49 8.86 -6.04
N ALA D 23 -7.08 7.69 -6.24
CA ALA D 23 -7.68 7.35 -7.52
C ALA D 23 -8.89 8.22 -7.78
N HIS D 24 -9.67 8.49 -6.72
CA HIS D 24 -10.84 9.38 -6.82
C HIS D 24 -10.39 10.82 -6.94
N LEU D 25 -9.34 11.16 -6.21
CA LEU D 25 -8.79 12.53 -6.24
C LEU D 25 -8.25 12.89 -7.60
N TYR D 26 -7.70 11.91 -8.32
CA TYR D 26 -7.17 12.15 -9.65
C TYR D 26 -8.29 12.38 -10.66
N GLU D 27 -9.38 11.63 -10.51
CA GLU D 27 -10.51 11.79 -11.42
C GLU D 27 -11.26 13.07 -11.08
N LEU D 28 -11.46 13.32 -9.80
CA LEU D 28 -12.29 14.43 -9.37
C LEU D 28 -11.56 15.36 -8.44
N PRO D 29 -10.52 16.05 -8.96
CA PRO D 29 -9.71 16.93 -8.12
C PRO D 29 -10.55 18.14 -7.75
N ILE D 30 -10.37 18.65 -6.55
CA ILE D 30 -11.09 19.83 -6.12
C ILE D 30 -10.63 21.02 -6.97
N SER D 31 -11.58 21.80 -7.46
CA SER D 31 -11.32 22.98 -8.26
C SER D 31 -11.01 24.18 -7.37
N LYS D 32 -10.54 25.24 -8.00
CA LYS D 32 -10.17 26.46 -7.27
C LYS D 32 -11.41 27.02 -6.60
N GLU D 33 -12.47 27.16 -7.37
CA GLU D 33 -13.71 27.77 -6.88
C GLU D 33 -14.38 26.92 -5.79
N ALA D 34 -14.32 25.59 -5.89
CA ALA D 34 -14.82 24.75 -4.79
C ALA D 34 -13.92 24.93 -3.57
N SER D 35 -12.61 24.95 -3.82
CA SER D 35 -11.68 25.18 -2.71
C SER D 35 -11.98 26.46 -1.97
N GLY D 36 -12.28 27.53 -2.69
CA GLY D 36 -12.60 28.81 -2.06
C GLY D 36 -13.91 28.81 -1.31
N LEU D 37 -14.92 28.15 -1.87
CA LEU D 37 -16.19 28.05 -1.18
C LEU D 37 -16.01 27.30 0.16
N VAL D 38 -15.32 26.18 0.13
CA VAL D 38 -15.08 25.39 1.36
C VAL D 38 -14.26 26.11 2.43
N HIS D 39 -13.15 26.72 2.02
CA HIS D 39 -12.34 27.49 2.97
C HIS D 39 -13.18 28.57 3.63
N ARG D 40 -13.82 29.36 2.79
CA ARG D 40 -14.63 30.49 3.25
C ARG D 40 -15.80 30.06 4.18
N THR D 41 -16.51 29.00 3.83
CA THR D 41 -17.68 28.59 4.59
C THR D 41 -17.23 27.98 5.91
N ARG D 42 -16.16 27.20 5.88
CA ARG D 42 -15.56 26.74 7.14
C ARG D 42 -15.23 27.92 8.08
N GLN D 43 -14.57 28.95 7.57
CA GLN D 43 -14.27 30.09 8.41
C GLN D 43 -15.56 30.78 8.93
N GLU D 44 -16.53 30.91 8.06
CA GLU D 44 -17.75 31.61 8.41
C GLU D 44 -18.48 30.86 9.53
N ILE D 45 -18.57 29.56 9.38
CA ILE D 45 -19.20 28.71 10.37
C ILE D 45 -18.47 28.83 11.70
N SER D 46 -17.13 28.74 11.66
CA SER D 46 -16.30 28.99 12.85
C SER D 46 -16.67 30.30 13.54
N ASP D 47 -16.90 31.37 12.79
CA ASP D 47 -17.29 32.65 13.39
C ASP D 47 -18.62 32.51 14.12
N LEU D 48 -19.49 31.67 13.57
CA LEU D 48 -20.79 31.48 14.19
C LEU D 48 -20.60 30.71 15.48
N VAL D 49 -19.71 29.72 15.43
CA VAL D 49 -19.49 28.83 16.57
C VAL D 49 -19.00 29.59 17.79
N HIS D 50 -18.16 30.60 17.55
CA HIS D 50 -17.50 31.35 18.62
C HIS D 50 -18.15 32.71 18.88
N GLY D 51 -19.32 32.92 18.30
CA GLY D 51 -20.11 34.11 18.58
C GLY D 51 -19.67 35.41 17.91
N ARG D 52 -18.95 35.33 16.80
CA ARG D 52 -18.43 36.53 16.13
C ARG D 52 -19.38 37.12 15.09
N ASP D 53 -20.27 36.28 14.58
CA ASP D 53 -21.28 36.65 13.61
C ASP D 53 -22.57 36.00 14.12
N LYS D 54 -23.68 36.67 13.87
CA LYS D 54 -24.93 36.31 14.48
C LYS D 54 -25.92 35.77 13.45
N ARG D 55 -25.48 35.54 12.21
CA ARG D 55 -26.27 34.73 11.26
C ARG D 55 -26.55 33.36 11.86
N LEU D 56 -27.64 32.76 11.40
CA LEU D 56 -28.04 31.42 11.81
C LEU D 56 -27.49 30.40 10.80
N LEU D 57 -26.68 29.44 11.26
CA LEU D 57 -26.30 28.32 10.38
C LEU D 57 -27.53 27.43 10.20
N VAL D 58 -27.84 27.14 8.93
CA VAL D 58 -28.94 26.25 8.62
C VAL D 58 -28.40 25.06 7.81
N ILE D 59 -28.41 23.89 8.45
CA ILE D 59 -28.02 22.65 7.80
C ILE D 59 -29.34 22.03 7.38
N ILE D 60 -29.59 21.97 6.08
CA ILE D 60 -30.89 21.61 5.59
C ILE D 60 -30.75 20.82 4.31
N GLY D 61 -31.51 19.75 4.21
CA GLY D 61 -31.43 18.88 3.06
C GLY D 61 -32.06 17.54 3.38
N PRO D 62 -32.03 16.61 2.44
CA PRO D 62 -32.67 15.29 2.65
C PRO D 62 -32.12 14.51 3.86
N CYS D 63 -32.89 13.56 4.40
CA CYS D 63 -32.39 12.72 5.47
C CYS D 63 -31.15 11.99 4.97
N SER D 64 -31.26 11.44 3.77
CA SER D 64 -30.16 10.77 3.10
C SER D 64 -30.29 10.94 1.59
N ILE D 65 -29.15 11.00 0.93
CA ILE D 65 -29.09 11.06 -0.52
C ILE D 65 -29.23 9.65 -1.10
N HIS D 66 -30.26 9.44 -1.91
CA HIS D 66 -30.37 8.19 -2.65
C HIS D 66 -30.35 8.35 -4.18
N ASP D 67 -30.39 9.59 -4.65
CA ASP D 67 -30.19 9.91 -6.05
C ASP D 67 -29.51 11.28 -6.22
N PRO D 68 -28.38 11.33 -6.90
CA PRO D 68 -27.64 12.59 -7.11
C PRO D 68 -28.32 13.64 -8.01
N LYS D 69 -29.18 13.19 -8.93
CA LYS D 69 -29.89 14.09 -9.83
C LYS D 69 -30.85 14.93 -9.03
N ALA D 70 -31.68 14.26 -8.25
CA ALA D 70 -32.59 14.95 -7.33
C ALA D 70 -31.85 15.85 -6.36
N ALA D 71 -30.68 15.41 -5.91
CA ALA D 71 -29.94 16.21 -4.96
C ALA D 71 -29.42 17.50 -5.62
N LEU D 72 -28.95 17.44 -6.86
CA LEU D 72 -28.47 18.63 -7.53
C LEU D 72 -29.63 19.54 -7.91
N GLU D 73 -30.77 18.95 -8.27
CA GLU D 73 -32.00 19.73 -8.46
C GLU D 73 -32.38 20.43 -7.15
N TYR D 74 -32.33 19.72 -6.03
CA TYR D 74 -32.69 20.33 -4.73
C TYR D 74 -31.76 21.50 -4.46
N ALA D 75 -30.49 21.28 -4.75
CA ALA D 75 -29.46 22.26 -4.48
C ALA D 75 -29.69 23.54 -5.25
N GLU D 76 -30.14 23.41 -6.50
CA GLU D 76 -30.39 24.56 -7.34
C GLU D 76 -31.53 25.39 -6.79
N ARG D 77 -32.55 24.78 -6.21
CA ARG D 77 -33.58 25.60 -5.55
C ARG D 77 -33.07 26.22 -4.27
N LEU D 78 -32.36 25.44 -3.47
CA LEU D 78 -31.86 25.93 -2.20
C LEU D 78 -30.89 27.10 -2.43
N LEU D 79 -30.09 27.03 -3.49
CA LEU D 79 -29.13 28.10 -3.80
C LEU D 79 -29.76 29.49 -3.84
N LYS D 80 -30.97 29.59 -4.36
CA LYS D 80 -31.65 30.89 -4.45
C LYS D 80 -31.99 31.42 -3.07
N LEU D 81 -32.40 30.53 -2.18
CA LEU D 81 -32.69 30.92 -0.82
C LEU D 81 -31.38 31.22 -0.07
N ARG D 82 -30.32 30.48 -0.39
CA ARG D 82 -29.03 30.75 0.22
C ARG D 82 -28.61 32.19 -0.06
N LYS D 83 -28.68 32.61 -1.33
CA LYS D 83 -28.34 33.98 -1.70
C LYS D 83 -29.33 34.98 -1.10
N GLN D 84 -30.62 34.69 -1.21
CA GLN D 84 -31.70 35.57 -0.70
C GLN D 84 -31.59 35.86 0.79
N TYR D 85 -31.27 34.84 1.57
CA TYR D 85 -31.22 35.02 3.01
C TYR D 85 -29.79 35.24 3.56
N GLU D 86 -28.86 35.60 2.68
CA GLU D 86 -27.45 35.59 3.02
C GLU D 86 -27.04 36.54 4.16
N ASN D 87 -27.82 37.56 4.44
CA ASN D 87 -27.52 38.46 5.57
C ASN D 87 -28.01 37.94 6.92
N GLU D 88 -28.99 37.03 6.88
CA GLU D 88 -29.62 36.45 8.09
C GLU D 88 -29.19 35.00 8.37
N LEU D 89 -28.98 34.21 7.32
CA LEU D 89 -28.77 32.76 7.45
C LEU D 89 -27.60 32.34 6.63
N LEU D 90 -26.86 31.36 7.14
CA LEU D 90 -25.80 30.71 6.39
C LEU D 90 -26.35 29.34 6.06
N ILE D 91 -26.81 29.16 4.83
CA ILE D 91 -27.45 27.92 4.46
C ILE D 91 -26.40 26.99 3.87
N VAL D 92 -26.40 25.76 4.37
CA VAL D 92 -25.49 24.71 3.92
C VAL D 92 -26.32 23.46 3.67
N MET D 93 -26.08 22.80 2.55
CA MET D 93 -26.87 21.63 2.20
C MET D 93 -26.43 20.39 2.97
N ARG D 94 -27.40 19.70 3.53
CA ARG D 94 -27.23 18.41 4.18
C ARG D 94 -27.03 17.33 3.11
N VAL D 95 -25.85 16.71 3.08
CA VAL D 95 -25.56 15.62 2.14
C VAL D 95 -25.10 14.42 2.94
N TYR D 96 -26.08 13.68 3.43
CA TYR D 96 -25.81 12.50 4.24
C TYR D 96 -26.00 11.32 3.33
N PHE D 97 -24.97 10.49 3.23
CA PHE D 97 -25.05 9.34 2.34
C PHE D 97 -25.75 8.12 2.95
N GLU D 98 -25.86 8.10 4.27
CA GLU D 98 -26.40 6.94 4.98
C GLU D 98 -27.00 7.36 6.30
N LYS D 99 -28.18 6.82 6.60
CA LYS D 99 -28.70 6.86 7.95
C LYS D 99 -28.37 5.56 8.73
N PRO D 100 -27.61 5.66 9.88
CA PRO D 100 -27.43 4.46 10.75
C PRO D 100 -28.77 3.83 11.16
N ARG D 101 -28.83 2.50 11.22
CA ARG D 101 -30.07 1.78 11.41
C ARG D 101 -29.82 0.48 12.19
N THR D 102 -30.63 0.22 13.23
CA THR D 102 -30.55 -1.06 13.98
C THR D 102 -31.13 -2.22 13.17
N THR D 103 -32.33 -2.02 12.61
CA THR D 103 -32.94 -2.99 11.69
C THR D 103 -32.18 -3.11 10.35
N VAL D 104 -32.20 -4.33 9.79
CA VAL D 104 -31.68 -4.60 8.44
C VAL D 104 -32.44 -3.76 7.41
N GLY D 105 -31.67 -3.07 6.55
CA GLY D 105 -32.22 -2.19 5.52
C GLY D 105 -31.06 -1.60 4.71
N TRP D 106 -31.40 -0.77 3.73
CA TRP D 106 -30.43 -0.13 2.83
C TRP D 106 -29.35 0.64 3.58
N LYS D 107 -28.11 0.51 3.11
CA LYS D 107 -26.94 0.92 3.88
C LYS D 107 -26.39 2.26 3.41
N GLY D 108 -27.15 2.94 2.55
CA GLY D 108 -26.82 4.27 2.08
C GLY D 108 -26.16 4.26 0.72
N LEU D 109 -25.85 5.45 0.19
CA LEU D 109 -25.47 5.58 -1.21
C LEU D 109 -24.01 5.17 -1.48
N ILE D 110 -23.16 5.35 -0.49
CA ILE D 110 -21.76 4.99 -0.61
C ILE D 110 -21.68 3.47 -0.60
N ASN D 111 -22.29 2.90 0.43
CA ASN D 111 -22.35 1.47 0.62
C ASN D 111 -23.00 0.68 -0.46
N ASP D 112 -24.16 1.16 -0.90
CA ASP D 112 -24.97 0.48 -1.92
C ASP D 112 -25.59 1.46 -2.89
N PRO D 113 -24.79 2.00 -3.80
CA PRO D 113 -25.28 3.02 -4.74
C PRO D 113 -26.40 2.54 -5.65
N HIS D 114 -26.36 1.28 -6.10
CA HIS D 114 -27.42 0.73 -6.93
C HIS D 114 -28.71 0.32 -6.18
N LEU D 115 -28.76 0.54 -4.88
CA LEU D 115 -30.00 0.35 -4.09
C LEU D 115 -30.55 -1.08 -4.18
N ASP D 116 -29.68 -2.05 -4.41
CA ASP D 116 -30.09 -3.42 -4.77
C ASP D 116 -29.25 -4.48 -4.03
N GLY D 117 -28.57 -4.09 -2.95
CA GLY D 117 -27.69 -4.99 -2.20
C GLY D 117 -26.43 -5.53 -2.86
N THR D 118 -25.93 -4.90 -3.93
CA THR D 118 -24.69 -5.34 -4.61
C THR D 118 -23.42 -4.64 -4.06
N PHE D 119 -23.61 -3.69 -3.16
CA PHE D 119 -22.51 -3.04 -2.43
C PHE D 119 -21.31 -2.61 -3.25
N ASP D 120 -21.59 -1.88 -4.32
CA ASP D 120 -20.54 -1.37 -5.20
C ASP D 120 -19.88 -0.08 -4.65
N ILE D 121 -19.03 -0.25 -3.65
CA ILE D 121 -18.54 0.85 -2.82
C ILE D 121 -17.58 1.75 -3.58
N ASN D 122 -16.88 1.21 -4.57
CA ASN D 122 -16.00 2.04 -5.40
C ASN D 122 -16.84 3.03 -6.17
N PHE D 123 -17.89 2.55 -6.81
CA PHE D 123 -18.85 3.42 -7.51
C PHE D 123 -19.48 4.39 -6.54
N GLY D 124 -19.88 3.88 -5.39
CA GLY D 124 -20.51 4.70 -4.37
C GLY D 124 -19.68 5.90 -3.96
N LEU D 125 -18.42 5.65 -3.64
CA LEU D 125 -17.53 6.70 -3.18
C LEU D 125 -17.28 7.67 -4.31
N ARG D 126 -17.13 7.15 -5.52
CA ARG D 126 -16.92 7.97 -6.70
C ARG D 126 -18.10 8.89 -6.92
N GLN D 127 -19.32 8.35 -6.72
CA GLN D 127 -20.54 9.16 -6.85
C GLN D 127 -20.68 10.17 -5.76
N ALA D 128 -20.39 9.73 -4.54
CA ALA D 128 -20.43 10.66 -3.41
C ALA D 128 -19.52 11.86 -3.67
N ARG D 129 -18.23 11.63 -3.92
CA ARG D 129 -17.33 12.72 -4.29
C ARG D 129 -17.82 13.56 -5.50
N SER D 130 -18.28 12.91 -6.57
CA SER D 130 -18.73 13.66 -7.75
C SER D 130 -19.85 14.62 -7.40
N LEU D 131 -20.80 14.11 -6.63
CA LEU D 131 -21.91 14.95 -6.19
C LEU D 131 -21.42 16.15 -5.38
N LEU D 132 -20.52 15.90 -4.45
CA LEU D 132 -20.04 16.97 -3.59
C LEU D 132 -19.23 18.01 -4.35
N LEU D 133 -18.46 17.61 -5.35
CA LEU D 133 -17.72 18.57 -6.17
C LEU D 133 -18.66 19.40 -7.01
N SER D 134 -19.63 18.75 -7.65
CA SER D 134 -20.69 19.50 -8.36
C SER D 134 -21.44 20.51 -7.46
N LEU D 135 -21.80 20.11 -6.25
CA LEU D 135 -22.53 21.03 -5.36
C LEU D 135 -21.62 22.22 -5.10
N ASN D 136 -20.39 21.96 -4.68
CA ASN D 136 -19.48 23.05 -4.37
C ASN D 136 -19.23 23.89 -5.60
N ASN D 137 -19.12 23.26 -6.78
CA ASN D 137 -18.89 24.02 -8.03
C ASN D 137 -20.03 24.94 -8.36
N MET D 138 -21.24 24.58 -7.97
CA MET D 138 -22.40 25.43 -8.25
C MET D 138 -22.63 26.55 -7.22
N GLY D 139 -21.87 26.55 -6.12
CA GLY D 139 -22.01 27.56 -5.08
C GLY D 139 -22.71 27.12 -3.80
N MET D 140 -23.10 25.85 -3.73
CA MET D 140 -23.74 25.29 -2.54
C MET D 140 -22.74 24.49 -1.71
N PRO D 141 -22.36 25.00 -0.54
CA PRO D 141 -21.56 24.21 0.39
C PRO D 141 -22.33 22.99 0.89
N ALA D 142 -21.60 21.99 1.36
CA ALA D 142 -22.18 20.72 1.75
C ALA D 142 -21.74 20.32 3.13
N SER D 143 -22.56 19.50 3.77
CA SER D 143 -22.22 19.00 5.09
C SER D 143 -22.58 17.55 5.09
N THR D 144 -21.98 16.80 6.01
CA THR D 144 -22.27 15.37 6.09
C THR D 144 -22.00 14.79 7.44
N GLU D 145 -22.46 13.55 7.62
CA GLU D 145 -22.14 12.81 8.82
C GLU D 145 -21.02 11.82 8.55
N PHE D 146 -20.02 11.82 9.41
CA PHE D 146 -18.94 10.86 9.34
C PHE D 146 -19.16 9.70 10.28
N LEU D 147 -19.50 8.54 9.72
CA LEU D 147 -19.71 7.31 10.47
C LEU D 147 -18.46 6.50 10.77
N ASP D 148 -17.46 6.58 9.92
CA ASP D 148 -16.22 5.83 10.16
C ASP D 148 -14.97 6.67 9.92
N MET D 149 -13.81 6.05 10.09
CA MET D 149 -12.56 6.74 10.21
C MET D 149 -11.83 6.70 8.86
N ILE D 150 -12.44 6.03 7.89
CA ILE D 150 -11.85 5.85 6.57
C ILE D 150 -12.48 6.67 5.43
N THR D 151 -13.81 6.69 5.35
CA THR D 151 -14.52 7.42 4.28
C THR D 151 -14.13 8.89 4.16
N PRO D 152 -13.80 9.56 5.28
CA PRO D 152 -13.39 10.97 5.18
C PRO D 152 -12.19 11.24 4.25
N GLN D 153 -11.31 10.27 4.07
CA GLN D 153 -10.18 10.48 3.18
C GLN D 153 -10.64 10.59 1.72
N TYR D 154 -11.83 10.13 1.41
CA TYR D 154 -12.35 10.24 0.05
C TYR D 154 -13.00 11.58 -0.31
N TYR D 155 -13.61 12.26 0.65
CA TYR D 155 -14.28 13.52 0.34
C TYR D 155 -14.34 14.63 1.39
N ALA D 156 -13.63 14.49 2.51
CA ALA D 156 -13.70 15.49 3.58
C ALA D 156 -13.24 16.86 3.08
N ASP D 157 -12.38 16.86 2.06
CA ASP D 157 -11.86 18.10 1.52
C ASP D 157 -12.97 18.92 0.90
N LEU D 158 -14.12 18.30 0.64
CA LEU D 158 -15.29 18.98 0.07
C LEU D 158 -16.42 19.31 1.08
N ILE D 159 -16.19 19.08 2.36
CA ILE D 159 -17.21 19.24 3.40
C ILE D 159 -16.94 20.51 4.21
N SER D 160 -17.97 21.34 4.38
CA SER D 160 -17.82 22.58 5.13
C SER D 160 -18.28 22.46 6.57
N TRP D 161 -19.02 21.41 6.89
CA TRP D 161 -19.47 21.17 8.24
C TRP D 161 -19.77 19.72 8.41
N GLY D 162 -19.33 19.16 9.54
CA GLY D 162 -19.55 17.77 9.83
C GLY D 162 -20.32 17.51 11.09
N ALA D 163 -21.01 16.38 11.10
CA ALA D 163 -21.75 15.92 12.26
C ALA D 163 -21.27 14.53 12.73
N ILE D 164 -21.29 14.32 14.05
CA ILE D 164 -21.06 13.02 14.66
C ILE D 164 -22.41 12.78 15.32
N GLY D 165 -23.04 11.65 15.00
CA GLY D 165 -24.41 11.41 15.41
C GLY D 165 -24.55 11.07 16.87
N ALA D 166 -25.79 11.05 17.33
CA ALA D 166 -26.13 10.69 18.72
C ALA D 166 -25.52 9.37 19.14
N ARG D 167 -25.53 8.39 18.24
CA ARG D 167 -25.04 7.05 18.52
C ARG D 167 -23.49 6.90 18.63
N THR D 168 -22.76 7.92 18.20
CA THR D 168 -21.30 7.87 18.18
C THR D 168 -20.59 9.02 18.90
N THR D 169 -21.34 9.98 19.39
CA THR D 169 -20.77 11.09 20.14
C THR D 169 -19.91 10.64 21.33
N GLU D 170 -20.34 9.56 22.00
CA GLU D 170 -19.63 9.07 23.17
C GLU D 170 -18.38 8.26 22.84
N SER D 171 -18.33 7.75 21.61
CA SER D 171 -17.26 6.88 21.12
C SER D 171 -15.93 7.57 21.04
N GLN D 172 -14.92 7.05 21.74
CA GLN D 172 -13.62 7.68 21.78
C GLN D 172 -12.99 7.85 20.39
N VAL D 173 -13.13 6.84 19.55
CA VAL D 173 -12.51 6.93 18.23
C VAL D 173 -13.20 7.96 17.36
N HIS D 174 -14.50 8.19 17.54
CA HIS D 174 -15.16 9.25 16.75
C HIS D 174 -14.79 10.68 17.21
N ARG D 175 -14.60 10.83 18.52
CA ARG D 175 -14.07 12.05 19.07
C ARG D 175 -12.64 12.33 18.55
N GLU D 176 -11.81 11.30 18.51
CA GLU D 176 -10.46 11.43 17.97
C GLU D 176 -10.53 11.84 16.49
N LEU D 177 -11.43 11.24 15.72
CA LEU D 177 -11.62 11.63 14.33
C LEU D 177 -11.99 13.10 14.22
N ALA D 178 -12.96 13.52 15.02
CA ALA D 178 -13.41 14.90 14.99
C ALA D 178 -12.25 15.88 15.26
N SER D 179 -11.28 15.46 16.07
CA SER D 179 -10.16 16.33 16.43
C SER D 179 -9.19 16.60 15.28
N GLY D 180 -9.30 15.80 14.21
CA GLY D 180 -8.50 15.98 12.99
C GLY D 180 -9.28 16.32 11.72
N LEU D 181 -10.59 16.54 11.86
CA LEU D 181 -11.42 16.93 10.72
C LEU D 181 -11.22 18.40 10.39
N SER D 182 -11.03 18.68 9.09
CA SER D 182 -10.73 20.03 8.63
C SER D 182 -11.93 20.95 8.81
N CYS D 183 -13.14 20.42 8.84
CA CYS D 183 -14.32 21.26 9.02
C CYS D 183 -14.71 21.45 10.49
N PRO D 184 -15.48 22.50 10.80
CA PRO D 184 -16.14 22.49 12.09
C PRO D 184 -17.05 21.23 12.24
N VAL D 185 -17.28 20.82 13.49
CA VAL D 185 -18.04 19.60 13.79
C VAL D 185 -19.07 19.84 14.86
N GLY D 186 -20.30 19.37 14.66
CA GLY D 186 -21.29 19.34 15.72
C GLY D 186 -21.48 17.95 16.30
N PHE D 187 -21.55 17.85 17.63
CA PHE D 187 -21.83 16.61 18.35
C PHE D 187 -23.26 16.64 18.88
N LYS D 188 -24.00 15.60 18.57
CA LYS D 188 -25.36 15.50 19.00
C LYS D 188 -25.40 14.89 20.36
N ASN D 189 -26.40 15.31 21.12
CA ASN D 189 -26.66 14.72 22.42
C ASN D 189 -27.15 13.30 22.25
N GLY D 190 -27.01 12.49 23.29
CA GLY D 190 -27.27 11.06 23.23
C GLY D 190 -28.70 10.76 22.85
N THR D 191 -28.95 9.51 22.43
CA THR D 191 -30.28 9.12 21.98
C THR D 191 -31.32 9.21 23.08
N ASP D 192 -30.91 9.12 24.34
CA ASP D 192 -31.85 9.31 25.43
C ASP D 192 -31.83 10.71 26.07
N GLY D 193 -31.15 11.67 25.45
CA GLY D 193 -31.15 13.06 25.94
C GLY D 193 -29.91 13.49 26.70
N ASN D 194 -28.95 12.59 26.85
CA ASN D 194 -27.73 12.91 27.56
C ASN D 194 -26.93 13.97 26.78
N LEU D 195 -26.75 15.11 27.41
CA LEU D 195 -26.02 16.24 26.88
C LEU D 195 -24.58 16.22 27.31
N LYS D 196 -24.31 15.63 28.45
CA LYS D 196 -22.95 15.61 28.97
C LYS D 196 -21.97 15.01 27.97
N ILE D 197 -22.36 13.93 27.29
CA ILE D 197 -21.46 13.29 26.33
C ILE D 197 -21.07 14.19 25.16
N ALA D 198 -21.93 15.12 24.76
CA ALA D 198 -21.56 16.04 23.68
C ALA D 198 -20.64 17.15 24.18
N ILE D 199 -20.92 17.63 25.40
CA ILE D 199 -20.07 18.59 26.06
C ILE D 199 -18.71 17.98 26.24
N ASP D 200 -18.67 16.78 26.82
CA ASP D 200 -17.43 16.01 26.93
C ASP D 200 -16.68 15.87 25.59
N ALA D 201 -17.42 15.64 24.51
CA ALA D 201 -16.82 15.45 23.20
C ALA D 201 -16.14 16.68 22.61
N ILE D 202 -16.72 17.85 22.79
CA ILE D 202 -16.06 19.08 22.33
C ILE D 202 -14.77 19.29 23.10
N GLY D 203 -14.82 19.06 24.42
CA GLY D 203 -13.64 19.05 25.24
C GLY D 203 -12.61 18.15 24.58
N ALA D 204 -12.94 16.87 24.46
CA ALA D 204 -11.99 15.88 23.93
C ALA D 204 -11.49 16.22 22.52
N ALA D 205 -12.39 16.69 21.64
CA ALA D 205 -12.07 16.92 20.24
C ALA D 205 -11.18 18.15 19.99
N SER D 206 -11.08 19.06 20.96
CA SER D 206 -10.19 20.23 20.84
C SER D 206 -8.74 19.92 21.12
N HIS D 207 -8.46 18.70 21.61
CA HIS D 207 -7.10 18.28 21.90
C HIS D 207 -6.54 17.40 20.82
N SER D 208 -5.23 17.28 20.83
CA SER D 208 -4.51 16.44 19.92
C SER D 208 -4.74 14.99 20.32
N HIS D 209 -4.94 14.14 19.31
CA HIS D 209 -5.09 12.70 19.49
C HIS D 209 -4.40 11.95 18.37
N HIS D 210 -4.34 10.62 18.55
CA HIS D 210 -3.88 9.67 17.56
C HIS D 210 -5.02 8.68 17.32
N PHE D 211 -5.34 8.41 16.05
CA PHE D 211 -6.18 7.26 15.74
C PHE D 211 -5.63 6.53 14.53
N LEU D 212 -6.25 5.43 14.19
CA LEU D 212 -5.85 4.62 13.05
C LEU D 212 -6.75 4.79 11.86
N SER D 213 -6.16 4.83 10.68
CA SER D 213 -6.86 5.04 9.46
C SER D 213 -5.96 4.68 8.30
N VAL D 214 -6.18 5.27 7.16
CA VAL D 214 -5.39 4.99 5.99
C VAL D 214 -4.92 6.27 5.37
N THR D 215 -3.80 6.22 4.69
CA THR D 215 -3.31 7.37 3.91
C THR D 215 -4.18 7.56 2.67
N LYS D 216 -3.91 8.63 1.94
CA LYS D 216 -4.56 8.85 0.64
C LYS D 216 -4.26 7.73 -0.33
N ALA D 217 -3.11 7.11 -0.17
CA ALA D 217 -2.71 6.00 -1.03
C ALA D 217 -3.32 4.65 -0.58
N GLY D 218 -4.04 4.66 0.54
CA GLY D 218 -4.79 3.52 0.94
C GLY D 218 -4.11 2.62 1.93
N HIS D 219 -3.03 3.07 2.55
CA HIS D 219 -2.30 2.26 3.52
C HIS D 219 -2.61 2.61 4.97
N SER D 220 -2.57 1.59 5.83
CA SER D 220 -2.85 1.76 7.24
C SER D 220 -1.83 2.66 7.88
N ALA D 221 -2.31 3.65 8.62
CA ALA D 221 -1.45 4.66 9.14
C ALA D 221 -1.93 5.14 10.48
N ILE D 222 -1.05 5.88 11.16
CA ILE D 222 -1.37 6.54 12.42
C ILE D 222 -1.52 7.97 12.12
N VAL D 223 -2.60 8.54 12.63
CA VAL D 223 -2.93 9.92 12.34
C VAL D 223 -2.76 10.72 13.62
N HIS D 224 -1.93 11.75 13.57
CA HIS D 224 -1.71 12.62 14.69
C HIS D 224 -2.39 13.93 14.41
N THR D 225 -3.44 14.22 15.17
CA THR D 225 -4.27 15.37 14.91
C THR D 225 -3.85 16.54 15.77
N GLY D 226 -4.23 17.73 15.34
CA GLY D 226 -3.94 18.98 16.08
C GLY D 226 -5.04 19.50 17.01
N GLY D 227 -6.22 18.89 16.98
CA GLY D 227 -7.37 19.37 17.76
C GLY D 227 -8.25 20.17 16.84
N ASN D 228 -9.53 20.16 17.14
CA ASN D 228 -10.54 20.92 16.40
C ASN D 228 -11.17 21.94 17.32
N PRO D 229 -10.85 23.24 17.14
CA PRO D 229 -11.39 24.29 18.02
C PRO D 229 -12.82 24.73 17.69
N ASP D 230 -13.40 24.15 16.65
CA ASP D 230 -14.65 24.61 16.09
C ASP D 230 -15.83 23.70 16.37
N CYS D 231 -15.83 23.02 17.51
CA CYS D 231 -16.86 22.02 17.72
C CYS D 231 -17.97 22.65 18.53
N HIS D 232 -19.13 22.05 18.44
CA HIS D 232 -20.26 22.52 19.18
C HIS D 232 -21.28 21.40 19.31
N VAL D 233 -22.25 21.67 20.16
CA VAL D 233 -23.28 20.75 20.49
C VAL D 233 -24.47 20.95 19.57
N ILE D 234 -25.21 19.85 19.36
CA ILE D 234 -26.47 19.84 18.68
C ILE D 234 -27.52 19.21 19.60
N LEU D 235 -28.58 19.97 19.88
CA LEU D 235 -29.70 19.45 20.66
C LEU D 235 -30.69 18.80 19.72
N ARG D 236 -30.93 17.50 19.91
CA ARG D 236 -31.78 16.73 19.01
C ARG D 236 -32.82 15.92 19.76
N GLY D 237 -33.09 16.31 21.00
CA GLY D 237 -34.07 15.62 21.83
C GLY D 237 -33.59 14.33 22.43
N GLY D 238 -34.50 13.70 23.18
CA GLY D 238 -34.24 12.39 23.78
C GLY D 238 -35.52 11.64 24.01
N LYS D 239 -35.70 11.19 25.25
CA LYS D 239 -37.00 10.75 25.74
C LYS D 239 -37.99 11.89 25.54
N GLU D 240 -37.54 13.10 25.86
CA GLU D 240 -38.34 14.31 25.72
C GLU D 240 -37.58 15.35 24.87
N PRO D 241 -38.31 16.20 24.15
CA PRO D 241 -37.59 17.20 23.35
C PRO D 241 -36.77 18.18 24.18
N ASN D 242 -35.68 18.69 23.62
CA ASN D 242 -34.80 19.60 24.35
C ASN D 242 -34.56 20.96 23.67
N TYR D 243 -35.51 21.39 22.88
CA TYR D 243 -35.34 22.54 21.99
C TYR D 243 -35.80 23.88 22.54
N ASP D 244 -36.64 23.85 23.58
CA ASP D 244 -37.18 25.09 24.12
C ASP D 244 -36.11 25.93 24.85
N ALA D 245 -36.49 27.17 25.15
CA ALA D 245 -35.64 28.16 25.81
C ALA D 245 -34.99 27.65 27.11
N GLU D 246 -35.74 26.92 27.94
CA GLU D 246 -35.24 26.47 29.24
C GLU D 246 -34.13 25.44 29.05
N HIS D 247 -34.29 24.58 28.05
CA HIS D 247 -33.31 23.54 27.78
C HIS D 247 -32.05 24.14 27.14
N VAL D 248 -32.25 25.21 26.36
CA VAL D 248 -31.15 25.99 25.78
C VAL D 248 -30.36 26.69 26.86
N SER D 249 -31.08 27.28 27.82
CA SER D 249 -30.48 27.94 28.97
C SER D 249 -29.62 26.99 29.81
N GLU D 250 -30.20 25.88 30.29
CA GLU D 250 -29.46 24.85 31.03
C GLU D 250 -28.25 24.33 30.24
N ALA D 251 -28.43 24.10 28.94
CA ALA D 251 -27.35 23.63 28.10
C ALA D 251 -26.17 24.60 28.07
N ALA D 252 -26.51 25.88 27.92
CA ALA D 252 -25.53 26.97 27.81
C ALA D 252 -24.74 27.09 29.11
N GLU D 253 -25.45 27.01 30.24
CA GLU D 253 -24.80 27.08 31.56
C GLU D 253 -23.81 25.94 31.68
N GLN D 254 -24.23 24.74 31.29
CA GLN D 254 -23.33 23.60 31.35
C GLN D 254 -22.08 23.77 30.45
N LEU D 255 -22.26 24.33 29.25
CA LEU D 255 -21.14 24.54 28.34
C LEU D 255 -20.12 25.55 28.89
N ARG D 256 -20.61 26.62 29.50
CA ARG D 256 -19.73 27.61 30.14
C ARG D 256 -18.94 27.01 31.29
N ALA D 257 -19.61 26.20 32.13
CA ALA D 257 -18.95 25.51 33.26
C ALA D 257 -17.86 24.54 32.80
N ALA D 258 -18.10 23.83 31.70
CA ALA D 258 -17.04 23.02 31.10
C ALA D 258 -15.97 23.85 30.34
N GLY D 259 -16.18 25.15 30.17
CA GLY D 259 -15.16 26.01 29.54
C GLY D 259 -15.15 25.90 28.02
N VAL D 260 -16.31 25.60 27.43
CA VAL D 260 -16.41 25.42 25.99
C VAL D 260 -17.50 26.34 25.44
N THR D 261 -17.63 26.42 24.11
CA THR D 261 -18.58 27.35 23.51
C THR D 261 -20.04 27.09 23.92
N ASP D 262 -20.71 28.18 24.26
CA ASP D 262 -22.08 28.07 24.72
C ASP D 262 -23.07 28.36 23.58
N LYS D 263 -22.57 28.35 22.35
CA LYS D 263 -23.39 28.57 21.18
C LYS D 263 -23.71 27.21 20.61
N LEU D 264 -24.99 26.94 20.38
CA LEU D 264 -25.43 25.61 20.00
C LEU D 264 -26.40 25.58 18.79
N MET D 265 -26.52 24.38 18.24
CA MET D 265 -27.42 24.11 17.14
C MET D 265 -28.63 23.37 17.64
N ILE D 266 -29.77 23.60 17.00
CA ILE D 266 -30.96 22.85 17.31
C ILE D 266 -31.43 22.11 16.06
N ASP D 267 -31.47 20.78 16.16
CA ASP D 267 -32.13 19.93 15.18
C ASP D 267 -33.66 19.97 15.35
N CYS D 268 -34.36 20.37 14.30
CA CYS D 268 -35.82 20.40 14.29
C CYS D 268 -36.43 19.06 14.03
N SER D 269 -35.62 18.15 13.50
CA SER D 269 -36.01 16.80 13.18
C SER D 269 -35.74 15.81 14.30
N HIS D 270 -35.86 14.54 13.93
CA HIS D 270 -35.64 13.38 14.82
C HIS D 270 -36.50 13.37 16.09
N ALA D 271 -35.88 13.24 17.27
CA ALA D 271 -36.61 13.05 18.54
C ALA D 271 -37.18 14.36 19.04
N ASN D 272 -36.76 15.47 18.42
CA ASN D 272 -37.35 16.78 18.71
C ASN D 272 -38.68 17.01 18.02
N SER D 273 -38.88 16.37 16.88
CA SER D 273 -40.16 16.39 16.16
C SER D 273 -41.00 15.15 16.50
N ARG D 274 -40.45 14.29 17.35
CA ARG D 274 -41.04 12.97 17.72
C ARG D 274 -41.11 12.02 16.51
N LYS D 275 -40.16 12.15 15.59
CA LYS D 275 -40.12 11.36 14.35
C LYS D 275 -41.32 11.66 13.39
N ASP D 276 -42.01 12.78 13.63
CA ASP D 276 -43.14 13.25 12.84
C ASP D 276 -42.70 14.50 12.09
N TYR D 277 -42.48 14.40 10.77
CA TYR D 277 -41.93 15.51 9.96
C TYR D 277 -42.80 16.78 10.03
N THR D 278 -44.12 16.61 10.18
CA THR D 278 -45.06 17.75 10.32
C THR D 278 -44.87 18.59 11.61
N ARG D 279 -43.94 18.18 12.49
CA ARG D 279 -43.59 18.91 13.72
C ARG D 279 -42.26 19.66 13.64
N GLN D 280 -41.47 19.42 12.59
CA GLN D 280 -40.31 20.24 12.35
C GLN D 280 -40.66 21.73 12.35
N MET D 281 -41.78 22.08 11.72
CA MET D 281 -42.23 23.48 11.67
C MET D 281 -42.53 24.03 13.08
N GLU D 282 -43.14 23.23 13.96
CA GLU D 282 -43.39 23.63 15.35
C GLU D 282 -42.10 23.96 16.10
N VAL D 283 -41.07 23.15 15.89
CA VAL D 283 -39.79 23.40 16.52
C VAL D 283 -39.19 24.69 15.97
N ALA D 284 -39.29 24.90 14.66
CA ALA D 284 -38.73 26.11 14.04
C ALA D 284 -39.43 27.38 14.53
N GLN D 285 -40.74 27.28 14.78
CA GLN D 285 -41.52 28.41 15.28
C GLN D 285 -41.12 28.79 16.69
N ASP D 286 -40.88 27.79 17.52
CA ASP D 286 -40.39 28.02 18.86
C ASP D 286 -38.99 28.65 18.83
N ILE D 287 -38.14 28.17 17.94
CA ILE D 287 -36.80 28.75 17.79
C ILE D 287 -36.93 30.20 17.36
N ALA D 288 -37.76 30.45 16.33
CA ALA D 288 -38.10 31.82 15.92
C ALA D 288 -38.50 32.69 17.12
N ALA D 289 -39.45 32.20 17.93
CA ALA D 289 -39.85 32.89 19.18
C ALA D 289 -38.63 33.21 20.03
N GLN D 290 -37.79 32.21 20.26
CA GLN D 290 -36.56 32.40 21.00
C GLN D 290 -35.66 33.47 20.39
N LEU D 291 -35.53 33.49 19.08
CA LEU D 291 -34.67 34.49 18.45
C LEU D 291 -35.20 35.91 18.61
N GLU D 292 -36.52 36.08 18.57
CA GLU D 292 -37.15 37.39 18.78
C GLU D 292 -36.98 37.92 20.22
N GLN D 293 -37.28 37.10 21.23
CA GLN D 293 -37.11 37.46 22.66
C GLN D 293 -35.64 37.71 23.02
N ASP D 294 -34.79 36.70 22.79
CA ASP D 294 -33.35 36.79 23.04
C ASP D 294 -32.60 35.81 22.13
N GLY D 295 -32.39 34.57 22.58
CA GLY D 295 -31.80 33.52 21.73
C GLY D 295 -30.31 33.62 21.47
N GLY D 296 -29.60 34.39 22.29
CA GLY D 296 -28.14 34.56 22.16
C GLY D 296 -27.30 33.30 22.03
N ASN D 297 -27.75 32.19 22.60
CA ASN D 297 -26.99 30.93 22.54
C ASN D 297 -27.22 30.01 21.33
N ILE D 298 -28.15 30.39 20.46
CA ILE D 298 -28.46 29.63 19.26
C ILE D 298 -27.60 30.10 18.09
N MET D 299 -26.87 29.20 17.44
CA MET D 299 -26.07 29.61 16.26
C MET D 299 -26.46 28.88 15.00
N GLY D 300 -27.31 27.87 15.12
CA GLY D 300 -27.79 27.15 13.96
C GLY D 300 -28.98 26.25 14.22
N VAL D 301 -29.54 25.78 13.12
CA VAL D 301 -30.60 24.76 13.16
C VAL D 301 -30.37 23.69 12.11
N MET D 302 -30.99 22.53 12.30
CA MET D 302 -30.97 21.46 11.30
C MET D 302 -32.39 21.14 10.88
N VAL D 303 -32.58 20.97 9.58
CA VAL D 303 -33.88 20.69 9.00
C VAL D 303 -33.78 19.60 7.94
N GLU D 304 -34.64 18.58 8.09
CA GLU D 304 -34.73 17.51 7.11
C GLU D 304 -35.85 17.84 6.12
N SER D 305 -35.43 18.09 4.89
CA SER D 305 -36.23 18.69 3.86
C SER D 305 -35.98 17.97 2.55
N HIS D 306 -37.02 17.79 1.74
CA HIS D 306 -36.89 17.25 0.40
C HIS D 306 -37.83 17.94 -0.60
N LEU D 307 -37.54 17.78 -1.89
CA LEU D 307 -38.42 18.21 -2.95
C LEU D 307 -39.86 17.82 -2.68
N VAL D 308 -40.04 16.58 -2.23
CA VAL D 308 -41.34 16.05 -1.86
C VAL D 308 -41.28 15.65 -0.38
N GLU D 309 -42.43 15.81 0.27
CA GLU D 309 -42.59 15.51 1.70
C GLU D 309 -42.79 14.02 1.99
N GLY D 310 -42.48 13.64 3.23
CA GLY D 310 -42.83 12.33 3.78
C GLY D 310 -41.71 11.32 3.60
N ARG D 311 -42.11 10.06 3.47
CA ARG D 311 -41.15 8.99 3.25
C ARG D 311 -41.79 7.82 2.48
N GLN D 312 -40.95 6.90 2.02
CA GLN D 312 -41.37 5.70 1.27
C GLN D 312 -40.36 4.58 1.53
N ASP D 313 -40.82 3.35 1.48
CA ASP D 313 -39.95 2.21 1.72
C ASP D 313 -39.10 1.90 0.48
N LYS D 314 -39.72 1.96 -0.71
CA LYS D 314 -39.01 1.74 -1.99
C LYS D 314 -38.73 3.12 -2.64
N PRO D 315 -37.66 3.23 -3.45
CA PRO D 315 -37.38 4.53 -4.09
C PRO D 315 -38.19 4.77 -5.37
N GLU D 316 -39.52 4.65 -5.30
CA GLU D 316 -40.41 4.87 -6.45
C GLU D 316 -40.47 6.37 -6.86
N VAL D 317 -40.75 7.21 -5.87
CA VAL D 317 -41.05 8.62 -6.08
C VAL D 317 -39.79 9.47 -6.04
N TYR D 318 -39.61 10.32 -7.07
CA TYR D 318 -38.45 11.19 -7.20
C TYR D 318 -38.40 12.23 -6.08
N GLY D 319 -37.18 12.52 -5.63
CA GLY D 319 -36.93 13.48 -4.52
C GLY D 319 -37.84 13.29 -3.30
N LYS D 320 -38.08 12.03 -2.94
CA LYS D 320 -38.83 11.66 -1.73
C LYS D 320 -38.01 10.66 -0.88
N SER D 321 -37.74 11.03 0.37
CA SER D 321 -36.90 10.24 1.28
C SER D 321 -37.27 8.77 1.41
N ILE D 322 -36.25 7.91 1.48
CA ILE D 322 -36.46 6.49 1.75
C ILE D 322 -35.98 6.11 3.18
N THR D 323 -35.31 7.04 3.84
CA THR D 323 -34.96 6.92 5.26
C THR D 323 -36.01 7.74 6.09
N ASP D 324 -35.59 8.66 6.98
CA ASP D 324 -36.56 9.44 7.80
C ASP D 324 -37.38 10.37 6.92
N ALA D 325 -38.61 10.61 7.33
CA ALA D 325 -39.51 11.48 6.58
C ALA D 325 -39.06 12.95 6.63
N CYS D 326 -39.21 13.64 5.51
CA CYS D 326 -38.85 15.03 5.41
C CYS D 326 -40.07 15.91 5.14
N ILE D 327 -39.93 17.22 5.38
CA ILE D 327 -40.91 18.20 4.87
C ILE D 327 -40.68 18.46 3.38
N GLY D 328 -41.69 18.96 2.69
CA GLY D 328 -41.56 19.26 1.26
C GLY D 328 -41.05 20.67 1.02
N TRP D 329 -41.01 21.08 -0.24
CA TRP D 329 -40.36 22.32 -0.61
C TRP D 329 -41.14 23.52 -0.15
N GLY D 330 -42.46 23.46 -0.30
CA GLY D 330 -43.37 24.51 0.20
C GLY D 330 -43.14 24.86 1.66
N ALA D 331 -43.19 23.84 2.52
CA ALA D 331 -42.90 24.00 3.96
C ALA D 331 -41.48 24.52 4.20
N THR D 332 -40.53 24.08 3.39
CA THR D 332 -39.16 24.55 3.51
C THR D 332 -39.03 26.05 3.27
N GLU D 333 -39.75 26.57 2.28
CA GLU D 333 -39.70 28.00 2.00
C GLU D 333 -40.32 28.75 3.15
N GLU D 334 -41.40 28.20 3.67
CA GLU D 334 -42.08 28.77 4.82
C GLU D 334 -41.14 28.79 6.03
N LEU D 335 -40.52 27.64 6.35
CA LEU D 335 -39.59 27.57 7.47
C LEU D 335 -38.42 28.56 7.38
N LEU D 336 -37.83 28.71 6.21
CA LEU D 336 -36.65 29.60 6.08
C LEU D 336 -37.00 31.09 6.12
N ALA D 337 -38.15 31.46 5.53
CA ALA D 337 -38.62 32.85 5.59
C ALA D 337 -38.78 33.28 7.04
N LEU D 338 -39.35 32.36 7.82
CA LEU D 338 -39.61 32.55 9.23
C LEU D 338 -38.33 32.72 10.03
N LEU D 339 -37.39 31.80 9.84
CA LEU D 339 -36.13 31.89 10.56
C LEU D 339 -35.35 33.14 10.14
N ALA D 340 -35.31 33.41 8.84
CA ALA D 340 -34.69 34.64 8.31
C ALA D 340 -35.36 35.85 8.96
N GLY D 341 -36.68 35.82 9.01
CA GLY D 341 -37.45 36.92 9.58
C GLY D 341 -37.12 37.12 11.04
N ALA D 342 -37.07 36.03 11.78
CA ALA D 342 -36.83 36.15 13.19
C ALA D 342 -35.36 36.58 13.49
N ASN D 343 -34.39 36.03 12.78
CA ASN D 343 -32.99 36.35 13.05
C ASN D 343 -32.58 37.75 12.60
N LYS D 344 -33.27 38.32 11.62
CA LYS D 344 -33.03 39.71 11.19
C LYS D 344 -33.33 40.67 12.35
N LYS D 345 -34.39 40.38 13.09
CA LYS D 345 -34.71 41.13 14.31
C LYS D 345 -33.66 40.90 15.41
N ARG D 346 -33.23 39.65 15.61
CA ARG D 346 -32.17 39.39 16.60
C ARG D 346 -30.89 40.15 16.23
N MET D 347 -30.46 40.00 14.99
CA MET D 347 -29.23 40.65 14.51
C MET D 347 -29.28 42.17 14.62
N ALA D 348 -30.48 42.75 14.50
CA ALA D 348 -30.68 44.19 14.53
C ALA D 348 -30.78 44.76 15.94
N ARG D 349 -30.84 43.90 16.96
CA ARG D 349 -30.90 44.37 18.35
C ARG D 349 -29.49 44.66 18.83
MN MN E . 31.64 -13.76 -10.16
S SO4 F . 41.76 -5.52 -26.58
O1 SO4 F . 40.69 -5.98 -27.53
O2 SO4 F . 43.08 -6.11 -26.97
O3 SO4 F . 41.39 -5.90 -25.18
O4 SO4 F . 41.87 -4.03 -26.61
CAA TMO G . 30.25 -10.01 -13.02
NAC TMO G . 30.11 -9.51 -14.40
CAD TMO G . 31.43 -9.17 -14.92
CAB TMO G . 29.67 -10.60 -15.26
OAE TMO G . 29.23 -8.57 -14.42
N TYR H . 16.67 3.72 -1.24
CA TYR H . 17.75 3.74 -2.28
C TYR H . 19.08 4.23 -1.72
O TYR H . 20.11 4.13 -2.41
CB TYR H . 17.36 4.58 -3.47
CG TYR H . 16.08 4.06 -4.05
CD1 TYR H . 16.06 2.91 -4.83
CD2 TYR H . 14.88 4.67 -3.74
CE1 TYR H . 14.86 2.41 -5.32
CE2 TYR H . 13.70 4.19 -4.24
CZ TYR H . 13.69 3.07 -5.02
OH TYR H . 12.48 2.62 -5.46
OXT TYR H . 19.13 4.71 -0.58
MN MN I . 13.48 3.58 -33.15
CAA TMO J . 16.36 -2.01 -29.77
NAC TMO J . 16.94 -1.20 -30.85
CAD TMO J . 16.03 -0.07 -31.15
CAB TMO J . 18.22 -0.68 -30.38
OAE TMO J . 17.12 -1.92 -31.89
N TYR K . 0.49 -8.72 -16.56
CA TYR K . 1.53 -9.14 -17.55
C TYR K . 0.93 -9.91 -18.70
O TYR K . 1.64 -10.20 -19.67
CB TYR K . 2.63 -10.00 -16.87
CG TYR K . 3.11 -9.39 -15.60
CD1 TYR K . 4.06 -8.37 -15.59
CD2 TYR K . 2.56 -9.79 -14.40
CE1 TYR K . 4.46 -7.79 -14.40
CE2 TYR K . 2.94 -9.23 -13.22
CZ TYR K . 3.89 -8.24 -13.21
OH TYR K . 4.20 -7.75 -11.98
OXT TYR K . -0.27 -10.25 -18.67
MN MN L . -11.51 -0.83 34.12
CAA TMO M . -16.08 -0.52 31.54
NAC TMO M . -17.14 0.30 30.93
CAD TMO M . -16.86 1.69 31.32
CAB TMO M . -17.10 0.22 29.44
OAE TMO M . -18.20 -0.16 31.41
N TYR N . -9.77 -10.83 11.59
CA TYR N . -10.89 -10.55 12.52
C TYR N . -11.28 -11.81 13.27
O TYR N . -10.92 -12.94 12.90
CB TYR N . -12.12 -9.98 11.78
CG TYR N . -11.74 -8.74 11.01
CD1 TYR N . -11.59 -7.50 11.65
CD2 TYR N . -11.49 -8.81 9.64
CE1 TYR N . -11.24 -6.37 10.92
CE2 TYR N . -11.14 -7.68 8.91
CZ TYR N . -11.01 -6.48 9.56
OH TYR N . -10.60 -5.41 8.80
OXT TYR N . -11.95 -11.66 14.28
MN MN O . -32.66 11.52 9.70
CAA TMO P . -29.55 9.95 15.72
NAC TMO P . -29.16 11.14 14.98
CAD TMO P . -29.44 10.98 13.54
CAB TMO P . -30.02 12.23 15.50
OAE TMO P . -27.90 11.32 15.12
N TYR Q . -8.78 14.15 5.58
CA TYR Q . -9.63 14.60 6.73
C TYR Q . -9.90 16.09 6.70
O TYR Q . -9.25 16.87 6.00
CB TYR Q . -8.99 14.26 8.07
CG TYR Q . -8.50 12.85 8.11
CD1 TYR Q . -9.39 11.80 8.30
CD2 TYR Q . -7.17 12.57 7.91
CE1 TYR Q . -8.94 10.49 8.33
CE2 TYR Q . -6.72 11.28 7.91
CZ TYR Q . -7.60 10.25 8.14
OH TYR Q . -7.11 8.97 8.12
OXT TYR Q . -10.79 16.52 7.45
#